data_5FDF
#
_entry.id   5FDF
#
_cell.length_a   89.760
_cell.length_b   116.200
_cell.length_c   103.290
_cell.angle_alpha   90.000
_cell.angle_beta   109.970
_cell.angle_gamma   90.000
#
_symmetry.space_group_name_H-M   'P 1 21 1'
#
loop_
_entity.id
_entity.type
_entity.pdbx_description
1 polymer 'Cephalosporin-C deacetylase'
2 non-polymer 'CHLORIDE ION'
3 non-polymer 'ACETATE ION'
4 water water
#
_entity_poly.entity_id   1
_entity_poly.type   'polypeptide(L)'
_entity_poly.pdbx_seq_one_letter_code
;MGSDKIHHHHHHMAFFDLPLEELKKYRPERYEEKDFDEFWEETLAESEKFPLDPVFERMESHLKTVEAYDVTFSGYRGQR
IKGWLLVPKLEEEKLPCVVQYIGYNGGRGFPHDWLFWPSMGYICFVMDTRGQGSGWLKGDTPDYPEGPVDPQYPGFMTRG
ILDPRTYYYRRVFTDAVRAVEAAASFPQVDQERIVIAGGSQGGGIALAVSALSKKAKALLCDVPFLCHFRRAVQLVDTHP
YAEITNFLKTHRDKEEIVFRTLSYFDGVNFAARAKIPALFSVGLMDNICPPSTVFAAYNYYAGPKEIRIYPYNNHEGGGS
FQAVEQVKFLKKLFEKG
;
_entity_poly.pdbx_strand_id   A,B,C,D,E,F
#
loop_
_chem_comp.id
_chem_comp.type
_chem_comp.name
_chem_comp.formula
ACT non-polymer 'ACETATE ION' 'C2 H3 O2 -1'
CL non-polymer 'CHLORIDE ION' 'Cl -1'
#
# COMPACT_ATOMS: atom_id res chain seq x y z
N PHE A 16 -1.57 -6.94 -18.04
CA PHE A 16 -0.14 -6.89 -17.61
C PHE A 16 0.79 -7.91 -18.28
N ASP A 17 0.24 -8.99 -18.83
CA ASP A 17 1.09 -10.04 -19.49
C ASP A 17 0.93 -9.84 -21.01
N LEU A 18 1.22 -10.85 -21.82
CA LEU A 18 1.07 -10.77 -23.26
C LEU A 18 -0.38 -10.57 -23.63
N PRO A 19 -0.62 -9.83 -24.73
CA PRO A 19 -1.97 -9.75 -25.20
C PRO A 19 -2.50 -11.13 -25.64
N LEU A 20 -3.82 -11.29 -25.61
CA LEU A 20 -4.45 -12.59 -25.87
C LEU A 20 -4.03 -13.24 -27.21
N GLU A 21 -3.94 -12.43 -28.28
CA GLU A 21 -3.53 -12.93 -29.59
C GLU A 21 -2.17 -13.61 -29.49
N GLU A 22 -1.24 -13.02 -28.75
CA GLU A 22 0.10 -13.60 -28.51
C GLU A 22 0.08 -14.76 -27.50
N LEU A 23 -0.78 -14.70 -26.49
CA LEU A 23 -0.91 -15.80 -25.52
C LEU A 23 -1.33 -17.04 -26.23
N LYS A 24 -2.31 -16.90 -27.13
CA LYS A 24 -2.75 -18.03 -27.93
C LYS A 24 -1.67 -18.66 -28.78
N LYS A 25 -0.63 -17.89 -29.11
CA LYS A 25 0.49 -18.32 -29.95
C LYS A 25 1.73 -18.65 -29.10
N TYR A 26 1.65 -18.57 -27.77
CA TYR A 26 2.86 -18.63 -26.95
C TYR A 26 3.23 -20.08 -26.74
N ARG A 27 4.34 -20.48 -27.35
CA ARG A 27 4.80 -21.89 -27.26
C ARG A 27 6.29 -21.80 -27.02
N PRO A 28 6.70 -21.41 -25.81
CA PRO A 28 8.09 -21.18 -25.58
C PRO A 28 8.86 -22.47 -25.55
N GLU A 29 10.17 -22.40 -25.80
CA GLU A 29 10.96 -23.63 -25.84
C GLU A 29 10.95 -24.31 -24.49
N ARG A 30 10.59 -25.56 -24.46
CA ARG A 30 10.56 -26.27 -23.19
C ARG A 30 11.93 -26.61 -22.73
N TYR A 31 12.08 -26.64 -21.41
CA TYR A 31 13.29 -27.07 -20.75
C TYR A 31 13.01 -28.25 -19.75
N GLU A 32 13.63 -29.39 -20.01
CA GLU A 32 13.58 -30.56 -19.10
C GLU A 32 14.88 -31.34 -19.29
N GLU A 33 15.22 -32.08 -18.28
CA GLU A 33 16.39 -32.92 -18.32
C GLU A 33 16.09 -34.20 -19.08
N LYS A 34 17.16 -34.86 -19.59
CA LYS A 34 16.98 -36.12 -20.38
C LYS A 34 16.44 -37.30 -19.58
N ASP A 35 16.63 -37.28 -18.25
CA ASP A 35 16.04 -38.25 -17.34
C ASP A 35 14.71 -37.92 -16.65
N PHE A 36 13.91 -37.05 -17.25
CA PHE A 36 12.59 -36.65 -16.71
C PHE A 36 11.72 -37.87 -16.50
N ASP A 37 11.55 -38.64 -17.58
CA ASP A 37 10.69 -39.82 -17.48
C ASP A 37 11.23 -40.83 -16.53
N GLU A 38 12.56 -41.03 -16.54
CA GLU A 38 13.21 -42.01 -15.68
C GLU A 38 13.05 -41.66 -14.20
N PHE A 39 13.25 -40.38 -13.86
CA PHE A 39 12.99 -39.84 -12.51
C PHE A 39 11.63 -40.19 -12.01
N TRP A 40 10.62 -39.99 -12.85
CA TRP A 40 9.23 -40.24 -12.44
C TRP A 40 8.88 -41.73 -12.40
N GLU A 41 9.32 -42.49 -13.42
CA GLU A 41 9.22 -43.95 -13.34
C GLU A 41 9.81 -44.51 -12.02
N GLU A 42 11.02 -44.12 -11.69
CA GLU A 42 11.68 -44.63 -10.46
C GLU A 42 10.90 -44.20 -9.21
N THR A 43 10.47 -42.94 -9.18
CA THR A 43 9.65 -42.43 -8.06
C THR A 43 8.40 -43.20 -7.82
N LEU A 44 7.65 -43.45 -8.88
CA LEU A 44 6.39 -44.14 -8.74
C LEU A 44 6.61 -45.63 -8.38
N ALA A 45 7.58 -46.24 -9.01
CA ALA A 45 7.88 -47.66 -8.73
C ALA A 45 8.30 -47.87 -7.27
N GLU A 46 9.13 -46.97 -6.75
CA GLU A 46 9.56 -47.01 -5.37
C GLU A 46 8.38 -46.86 -4.36
N SER A 47 7.43 -45.94 -4.62
CA SER A 47 6.27 -45.80 -3.73
C SER A 47 5.24 -46.94 -3.83
N GLU A 48 5.13 -47.53 -5.01
CA GLU A 48 4.22 -48.64 -5.27
C GLU A 48 4.67 -49.93 -4.58
N LYS A 49 5.92 -49.99 -4.11
CA LYS A 49 6.38 -51.14 -3.28
C LYS A 49 5.78 -51.14 -1.85
N PHE A 50 5.13 -50.05 -1.42
CA PHE A 50 4.39 -50.03 -0.15
C PHE A 50 2.92 -50.28 -0.48
N PRO A 51 2.24 -51.07 0.36
CA PRO A 51 0.81 -51.27 0.15
C PRO A 51 0.02 -49.95 0.19
N LEU A 52 -0.89 -49.77 -0.76
CA LEU A 52 -1.80 -48.60 -0.72
C LEU A 52 -2.62 -48.51 0.56
N ASP A 53 -3.17 -49.65 0.97
CA ASP A 53 -3.91 -49.77 2.19
C ASP A 53 -4.92 -48.65 2.42
N PRO A 54 -5.88 -48.51 1.49
CA PRO A 54 -6.84 -47.40 1.65
C PRO A 54 -7.84 -47.75 2.75
N VAL A 55 -8.14 -46.80 3.64
CA VAL A 55 -9.07 -47.01 4.71
C VAL A 55 -10.13 -45.93 4.59
N PHE A 56 -11.40 -46.34 4.55
CA PHE A 56 -12.53 -45.42 4.49
C PHE A 56 -13.38 -45.68 5.69
N GLU A 57 -13.38 -44.78 6.63
CA GLU A 57 -14.14 -44.92 7.84
C GLU A 57 -15.35 -44.00 7.77
N ARG A 58 -16.54 -44.59 7.82
CA ARG A 58 -17.79 -43.84 7.68
C ARG A 58 -17.89 -42.97 8.86
N MET A 59 -18.24 -41.71 8.70
CA MET A 59 -18.39 -40.90 9.89
C MET A 59 -19.82 -40.54 10.25
N GLU A 60 -19.95 -40.23 11.53
CA GLU A 60 -21.15 -39.61 12.12
C GLU A 60 -21.08 -38.18 11.68
N SER A 61 -22.12 -37.70 11.04
CA SER A 61 -22.01 -36.40 10.41
C SER A 61 -23.34 -35.76 10.47
N HIS A 62 -23.36 -34.44 10.36
CA HIS A 62 -24.62 -33.75 10.19
C HIS A 62 -25.13 -33.79 8.80
N LEU A 63 -24.27 -34.11 7.84
CA LEU A 63 -24.76 -34.07 6.46
C LEU A 63 -25.84 -35.15 6.28
N LYS A 64 -26.84 -34.83 5.47
CA LYS A 64 -27.93 -35.75 5.17
C LYS A 64 -28.00 -36.26 3.76
N THR A 65 -27.64 -35.45 2.76
CA THR A 65 -27.71 -35.86 1.37
C THR A 65 -26.48 -36.68 0.88
N VAL A 66 -25.46 -36.77 1.73
CA VAL A 66 -24.16 -37.32 1.42
C VAL A 66 -23.69 -38.22 2.57
N GLU A 67 -23.00 -39.32 2.22
CA GLU A 67 -22.26 -40.19 3.16
C GLU A 67 -20.81 -39.71 3.13
N ALA A 68 -20.28 -39.40 4.30
CA ALA A 68 -18.90 -38.89 4.41
C ALA A 68 -18.01 -39.90 5.10
N TYR A 69 -16.84 -40.12 4.48
CA TYR A 69 -15.81 -41.10 4.94
C TYR A 69 -14.49 -40.33 5.17
N ASP A 70 -13.89 -40.61 6.32
CA ASP A 70 -12.53 -40.24 6.65
C ASP A 70 -11.63 -41.22 5.90
N VAL A 71 -10.76 -40.71 5.04
CA VAL A 71 -9.88 -41.49 4.22
C VAL A 71 -8.42 -41.41 4.71
N THR A 72 -7.75 -42.56 4.61
CA THR A 72 -6.33 -42.64 4.83
C THR A 72 -5.81 -43.52 3.75
N PHE A 73 -4.68 -43.16 3.12
CA PHE A 73 -4.06 -44.01 2.14
C PHE A 73 -2.55 -43.72 2.09
N SER A 74 -1.77 -44.63 1.45
CA SER A 74 -0.35 -44.52 1.36
C SER A 74 0.07 -43.81 0.10
N GLY A 75 0.66 -42.61 0.29
CA GLY A 75 1.13 -41.77 -0.78
C GLY A 75 2.61 -42.00 -1.09
N TYR A 76 3.42 -40.94 -1.12
CA TYR A 76 4.86 -41.13 -1.27
C TYR A 76 5.50 -42.02 -0.15
N ARG A 77 6.21 -43.07 -0.59
CA ARG A 77 7.01 -43.96 0.30
C ARG A 77 6.22 -44.46 1.53
N GLY A 78 4.98 -44.85 1.35
CA GLY A 78 4.18 -45.43 2.45
C GLY A 78 3.62 -44.45 3.44
N GLN A 79 3.82 -43.16 3.17
CA GLN A 79 3.39 -42.14 4.14
C GLN A 79 1.89 -41.98 4.06
N ARG A 80 1.27 -41.91 5.25
CA ARG A 80 -0.17 -41.97 5.34
C ARG A 80 -0.79 -40.57 5.15
N ILE A 81 -1.66 -40.49 4.15
CA ILE A 81 -2.24 -39.21 3.70
C ILE A 81 -3.72 -39.20 3.98
N LYS A 82 -4.26 -38.06 4.48
CA LYS A 82 -5.69 -37.99 4.84
C LYS A 82 -6.44 -37.51 3.64
N GLY A 83 -7.75 -37.70 3.73
CA GLY A 83 -8.65 -37.35 2.65
C GLY A 83 -10.09 -37.41 3.12
N TRP A 84 -11.01 -36.92 2.29
CA TRP A 84 -12.45 -37.17 2.50
C TRP A 84 -12.99 -37.84 1.29
N LEU A 85 -13.99 -38.70 1.52
CA LEU A 85 -14.75 -39.33 0.43
C LEU A 85 -16.18 -38.98 0.69
N LEU A 86 -16.80 -38.27 -0.26
CA LEU A 86 -18.18 -37.86 -0.14
C LEU A 86 -18.99 -38.59 -1.19
N VAL A 87 -20.00 -39.33 -0.74
CA VAL A 87 -20.85 -40.14 -1.64
C VAL A 87 -22.29 -39.60 -1.66
N PRO A 88 -22.75 -39.08 -2.79
CA PRO A 88 -24.14 -38.61 -2.73
C PRO A 88 -25.09 -39.81 -2.54
N LYS A 89 -26.17 -39.64 -1.79
CA LYS A 89 -27.11 -40.78 -1.58
C LYS A 89 -28.04 -40.85 -2.77
N LEU A 90 -27.74 -41.77 -3.69
CA LEU A 90 -28.45 -41.92 -4.96
C LEU A 90 -28.73 -43.37 -5.28
N GLU A 91 -29.73 -43.60 -6.13
CA GLU A 91 -30.04 -44.95 -6.67
C GLU A 91 -28.87 -45.67 -7.42
N GLU A 92 -28.16 -44.99 -8.34
CA GLU A 92 -27.12 -45.62 -9.19
C GLU A 92 -26.00 -46.27 -8.34
N GLU A 93 -25.59 -47.53 -8.62
CA GLU A 93 -24.66 -48.27 -7.71
C GLU A 93 -23.19 -47.93 -7.88
N LYS A 94 -22.77 -47.72 -9.10
CA LYS A 94 -21.40 -47.36 -9.38
C LYS A 94 -21.47 -45.90 -9.87
N LEU A 95 -20.91 -44.97 -9.08
CA LEU A 95 -20.96 -43.55 -9.46
C LEU A 95 -19.63 -43.06 -10.06
N PRO A 96 -19.70 -42.07 -10.97
CA PRO A 96 -18.51 -41.38 -11.39
C PRO A 96 -17.90 -40.59 -10.19
N CYS A 97 -16.61 -40.29 -10.30
CA CYS A 97 -15.85 -39.79 -9.16
C CYS A 97 -14.95 -38.65 -9.61
N VAL A 98 -14.93 -37.57 -8.83
CA VAL A 98 -13.95 -36.49 -9.07
C VAL A 98 -12.91 -36.53 -7.98
N VAL A 99 -11.63 -36.66 -8.34
CA VAL A 99 -10.52 -36.57 -7.35
C VAL A 99 -10.09 -35.07 -7.34
N GLN A 100 -10.17 -34.44 -6.16
CA GLN A 100 -10.03 -33.01 -5.96
C GLN A 100 -8.74 -32.68 -5.23
N TYR A 101 -7.92 -31.84 -5.85
CA TYR A 101 -6.65 -31.41 -5.26
C TYR A 101 -6.83 -29.97 -4.80
N ILE A 102 -6.10 -29.61 -3.72
CA ILE A 102 -6.31 -28.39 -2.98
C ILE A 102 -5.25 -27.29 -3.23
N GLY A 103 -5.76 -26.04 -3.19
CA GLY A 103 -4.93 -24.83 -3.30
C GLY A 103 -3.88 -24.61 -2.24
N TYR A 104 -2.90 -23.75 -2.54
CA TYR A 104 -1.77 -23.51 -1.66
C TYR A 104 -2.21 -23.00 -0.28
N ASN A 105 -1.67 -23.62 0.77
CA ASN A 105 -1.98 -23.29 2.18
C ASN A 105 -3.35 -23.75 2.59
N GLY A 106 -4.01 -24.55 1.77
CA GLY A 106 -5.23 -25.19 2.24
C GLY A 106 -4.99 -26.61 2.70
N GLY A 107 -6.06 -27.21 3.24
CA GLY A 107 -6.11 -28.64 3.47
C GLY A 107 -7.51 -29.14 3.32
N ARG A 108 -7.74 -30.36 3.81
CA ARG A 108 -9.02 -31.01 3.55
C ARG A 108 -10.20 -30.41 4.26
N GLY A 109 -9.95 -29.60 5.29
CA GLY A 109 -11.02 -28.86 5.98
C GLY A 109 -12.10 -29.81 6.55
N PHE A 110 -13.34 -29.44 6.41
CA PHE A 110 -14.49 -30.21 6.84
C PHE A 110 -15.12 -30.87 5.62
N PRO A 111 -15.79 -32.01 5.83
CA PRO A 111 -16.51 -32.61 4.72
C PRO A 111 -17.45 -31.64 3.99
N HIS A 112 -18.11 -30.75 4.76
CA HIS A 112 -19.06 -29.84 4.18
C HIS A 112 -18.40 -28.78 3.30
N ASP A 113 -17.06 -28.67 3.29
CA ASP A 113 -16.36 -27.75 2.41
C ASP A 113 -16.32 -28.20 0.98
N TRP A 114 -16.83 -29.40 0.68
CA TRP A 114 -16.65 -29.96 -0.68
C TRP A 114 -17.94 -30.55 -1.24
N LEU A 115 -19.04 -29.82 -1.10
CA LEU A 115 -20.36 -30.37 -1.48
C LEU A 115 -20.71 -30.30 -2.96
N PHE A 116 -19.96 -29.53 -3.74
CA PHE A 116 -20.36 -29.30 -5.12
C PHE A 116 -20.54 -30.59 -5.97
N TRP A 117 -19.46 -31.40 -6.06
CA TRP A 117 -19.45 -32.53 -6.94
C TRP A 117 -20.43 -33.61 -6.51
N PRO A 118 -20.51 -33.84 -5.20
CA PRO A 118 -21.53 -34.79 -4.76
C PRO A 118 -22.97 -34.36 -5.01
N SER A 119 -23.18 -33.04 -4.93
CA SER A 119 -24.53 -32.51 -5.17
C SER A 119 -24.86 -32.65 -6.63
N MET A 120 -23.85 -32.66 -7.49
CA MET A 120 -24.02 -32.90 -8.95
C MET A 120 -23.97 -34.40 -9.35
N GLY A 121 -23.98 -35.27 -8.37
CA GLY A 121 -24.03 -36.72 -8.63
C GLY A 121 -22.72 -37.45 -8.72
N TYR A 122 -21.60 -36.82 -8.29
CA TYR A 122 -20.27 -37.42 -8.37
C TYR A 122 -19.79 -37.69 -6.96
N ILE A 123 -19.31 -38.91 -6.72
CA ILE A 123 -18.49 -39.17 -5.55
C ILE A 123 -17.28 -38.22 -5.69
N CYS A 124 -16.87 -37.65 -4.57
CA CYS A 124 -15.71 -36.71 -4.56
C CYS A 124 -14.68 -37.23 -3.58
N PHE A 125 -13.44 -37.41 -4.05
CA PHE A 125 -12.30 -37.84 -3.21
C PHE A 125 -11.46 -36.56 -3.02
N VAL A 126 -11.32 -36.08 -1.80
CA VAL A 126 -10.62 -34.85 -1.54
C VAL A 126 -9.28 -35.23 -0.84
N MET A 127 -8.17 -34.96 -1.52
CA MET A 127 -6.83 -35.33 -1.03
C MET A 127 -6.31 -34.16 -0.16
N ASP A 128 -6.02 -34.44 1.07
CA ASP A 128 -5.39 -33.48 1.94
C ASP A 128 -3.95 -33.27 1.46
N THR A 129 -3.39 -32.08 1.74
CA THR A 129 -2.08 -31.70 1.25
C THR A 129 -1.02 -31.70 2.36
N ARG A 130 -0.11 -32.63 2.27
CA ARG A 130 0.93 -32.77 3.28
C ARG A 130 1.58 -31.44 3.71
N GLY A 131 1.59 -31.23 5.02
CA GLY A 131 2.30 -30.14 5.60
C GLY A 131 1.71 -28.75 5.54
N GLN A 132 0.64 -28.56 4.75
CA GLN A 132 0.07 -27.22 4.54
C GLN A 132 -1.08 -27.01 5.52
N GLY A 133 -2.30 -26.79 5.04
CA GLY A 133 -3.46 -26.76 5.92
C GLY A 133 -3.46 -25.71 7.02
N SER A 134 -2.88 -24.53 6.79
CA SER A 134 -2.82 -23.54 7.81
C SER A 134 -3.06 -22.10 7.37
N GLY A 135 -3.42 -21.83 6.11
CA GLY A 135 -3.62 -20.47 5.64
C GLY A 135 -5.07 -20.10 5.50
N TRP A 136 -5.82 -20.86 4.72
CA TRP A 136 -7.26 -20.50 4.52
C TRP A 136 -8.26 -21.62 4.85
N LEU A 137 -7.80 -22.85 5.06
CA LEU A 137 -8.64 -24.02 5.37
C LEU A 137 -7.72 -25.07 6.03
N LYS A 138 -8.15 -25.58 7.17
CA LYS A 138 -7.26 -26.42 7.98
C LYS A 138 -7.01 -27.75 7.28
N GLY A 139 -5.88 -28.39 7.63
CA GLY A 139 -5.47 -29.70 7.13
C GLY A 139 -4.94 -30.56 8.26
N ASP A 140 -4.82 -31.86 8.00
CA ASP A 140 -4.51 -32.88 9.00
C ASP A 140 -3.30 -33.76 8.65
N THR A 141 -2.61 -33.54 7.54
CA THR A 141 -1.60 -34.49 7.07
C THR A 141 -0.22 -33.85 7.19
N PRO A 142 0.74 -34.54 7.84
CA PRO A 142 2.12 -33.96 7.90
C PRO A 142 2.90 -34.19 6.65
N ASP A 143 3.96 -33.42 6.49
CA ASP A 143 5.05 -33.78 5.54
C ASP A 143 6.04 -34.73 6.31
N TYR A 144 6.84 -35.48 5.55
CA TYR A 144 7.92 -36.33 6.08
C TYR A 144 9.11 -36.09 5.11
N PRO A 145 10.13 -35.36 5.51
CA PRO A 145 11.38 -35.27 4.68
C PRO A 145 12.22 -36.59 4.63
N GLY A 147 15.01 -37.13 6.21
CA GLY A 147 16.20 -36.59 6.86
C GLY A 147 16.35 -35.07 6.87
N PRO A 148 17.41 -34.51 6.20
CA PRO A 148 17.60 -33.06 6.47
C PRO A 148 16.69 -32.17 5.66
N VAL A 149 16.26 -31.10 6.29
CA VAL A 149 15.45 -30.07 5.66
C VAL A 149 16.37 -28.85 5.46
N ASP A 150 16.91 -28.72 4.25
CA ASP A 150 17.88 -27.69 3.86
C ASP A 150 17.35 -26.31 4.11
N PRO A 151 18.26 -25.35 4.28
CA PRO A 151 17.93 -23.91 4.22
C PRO A 151 16.91 -23.66 3.15
N GLN A 152 15.84 -22.95 3.50
CA GLN A 152 14.77 -22.61 2.60
C GLN A 152 14.14 -21.30 3.03
N TYR A 153 13.44 -20.71 2.06
CA TYR A 153 12.61 -19.55 2.31
C TYR A 153 11.32 -20.07 2.96
N PRO A 154 10.65 -19.28 3.82
CA PRO A 154 9.36 -19.80 4.34
C PRO A 154 8.36 -20.25 3.28
N GLY A 155 7.76 -21.43 3.54
CA GLY A 155 6.76 -21.97 2.65
C GLY A 155 7.18 -23.30 2.08
N PHE A 156 6.47 -23.72 1.04
CA PHE A 156 6.69 -25.07 0.45
C PHE A 156 7.42 -25.05 -0.88
N MET A 157 7.47 -23.88 -1.53
CA MET A 157 8.02 -23.82 -2.82
C MET A 157 9.53 -24.11 -2.96
N THR A 158 10.29 -23.85 -1.89
CA THR A 158 11.71 -24.00 -1.88
C THR A 158 12.16 -25.09 -0.93
N ARG A 159 11.21 -25.87 -0.44
CA ARG A 159 11.51 -26.93 0.50
C ARG A 159 12.17 -28.11 -0.28
N GLY A 160 13.45 -28.29 -0.02
CA GLY A 160 14.26 -29.33 -0.68
C GLY A 160 14.58 -29.07 -2.13
N ILE A 161 14.59 -27.79 -2.54
CA ILE A 161 14.72 -27.41 -3.92
C ILE A 161 16.10 -27.66 -4.53
N LEU A 162 17.13 -27.94 -3.73
CA LEU A 162 18.43 -28.17 -4.31
C LEU A 162 18.62 -29.57 -4.96
N ASP A 163 17.61 -30.42 -4.90
CA ASP A 163 17.68 -31.76 -5.49
C ASP A 163 16.26 -32.26 -5.75
N PRO A 164 15.95 -32.63 -7.00
CA PRO A 164 14.59 -33.12 -7.28
C PRO A 164 14.18 -34.33 -6.46
N ARG A 165 15.16 -35.14 -6.06
CA ARG A 165 14.86 -36.25 -5.14
C ARG A 165 14.39 -35.81 -3.79
N THR A 166 14.81 -34.63 -3.32
CA THR A 166 14.40 -34.13 -1.98
C THR A 166 13.23 -33.07 -2.10
N TYR A 167 12.85 -32.74 -3.31
CA TYR A 167 11.88 -31.64 -3.50
C TYR A 167 10.45 -31.94 -3.04
N TYR A 168 9.86 -31.01 -2.27
CA TYR A 168 8.53 -31.14 -1.67
C TYR A 168 7.46 -31.67 -2.65
N TYR A 169 7.40 -31.14 -3.87
CA TYR A 169 6.36 -31.58 -4.82
C TYR A 169 6.58 -32.99 -5.43
N ARG A 170 7.79 -33.55 -5.32
CA ARG A 170 7.94 -34.99 -5.61
C ARG A 170 7.00 -35.83 -4.75
N ARG A 171 6.93 -35.46 -3.49
CA ARG A 171 6.08 -36.12 -2.52
C ARG A 171 4.59 -35.84 -2.74
N VAL A 172 4.22 -34.57 -2.99
CA VAL A 172 2.83 -34.27 -3.24
C VAL A 172 2.31 -34.92 -4.54
N PHE A 173 3.10 -34.90 -5.61
CA PHE A 173 2.61 -35.42 -6.91
C PHE A 173 2.47 -36.95 -6.80
N THR A 174 3.36 -37.59 -6.02
CA THR A 174 3.24 -39.01 -5.78
C THR A 174 1.99 -39.33 -4.97
N ASP A 175 1.77 -38.59 -3.87
CA ASP A 175 0.51 -38.70 -3.14
C ASP A 175 -0.69 -38.61 -4.09
N ALA A 176 -0.62 -37.67 -5.00
CA ALA A 176 -1.77 -37.35 -5.84
C ALA A 176 -2.03 -38.45 -6.89
N VAL A 177 -0.96 -39.08 -7.43
CA VAL A 177 -1.11 -40.29 -8.27
C VAL A 177 -1.77 -41.38 -7.47
N ARG A 178 -1.33 -41.53 -6.22
CA ARG A 178 -1.81 -42.56 -5.36
C ARG A 178 -3.27 -42.39 -4.96
N ALA A 179 -3.69 -41.12 -4.81
CA ALA A 179 -5.08 -40.78 -4.52
C ALA A 179 -6.06 -41.34 -5.52
N VAL A 180 -5.70 -41.33 -6.77
CA VAL A 180 -6.56 -41.88 -7.82
C VAL A 180 -6.77 -43.38 -7.58
N GLU A 181 -5.67 -44.09 -7.33
CA GLU A 181 -5.72 -45.55 -6.98
C GLU A 181 -6.61 -45.72 -5.72
N ALA A 182 -6.43 -44.85 -4.74
CA ALA A 182 -7.27 -44.98 -3.57
C ALA A 182 -8.76 -44.72 -3.84
N ALA A 183 -9.06 -43.71 -4.67
CA ALA A 183 -10.45 -43.47 -5.07
C ALA A 183 -11.04 -44.73 -5.80
N ALA A 184 -10.23 -45.25 -6.71
CA ALA A 184 -10.65 -46.42 -7.51
C ALA A 184 -11.00 -47.66 -6.64
N SER A 185 -10.47 -47.73 -5.45
CA SER A 185 -10.65 -48.87 -4.58
C SER A 185 -11.97 -48.87 -3.80
N PHE A 186 -12.68 -47.75 -3.78
CA PHE A 186 -13.90 -47.64 -3.01
C PHE A 186 -14.98 -48.34 -3.82
N PRO A 187 -15.82 -49.17 -3.16
CA PRO A 187 -16.69 -50.02 -4.01
C PRO A 187 -17.74 -49.31 -4.85
N GLN A 188 -18.26 -48.19 -4.33
CA GLN A 188 -19.22 -47.44 -5.07
C GLN A 188 -18.61 -46.60 -6.18
N VAL A 189 -17.28 -46.46 -6.25
CA VAL A 189 -16.69 -45.73 -7.37
C VAL A 189 -16.68 -46.54 -8.62
N ASP A 190 -17.23 -45.99 -9.70
CA ASP A 190 -16.98 -46.52 -11.06
C ASP A 190 -15.57 -46.19 -11.50
N GLN A 191 -14.69 -47.19 -11.39
CA GLN A 191 -13.24 -47.05 -11.58
C GLN A 191 -12.91 -46.60 -13.02
N GLU A 192 -13.88 -46.71 -13.93
CA GLU A 192 -13.72 -46.34 -15.32
C GLU A 192 -14.24 -44.93 -15.59
N ARG A 193 -14.76 -44.22 -14.55
CA ARG A 193 -15.26 -42.86 -14.69
C ARG A 193 -14.68 -41.89 -13.59
N ILE A 194 -13.38 -41.81 -13.53
CA ILE A 194 -12.64 -40.98 -12.53
C ILE A 194 -12.04 -39.76 -13.25
N VAL A 195 -12.27 -38.58 -12.64
CA VAL A 195 -11.86 -37.31 -13.18
C VAL A 195 -10.84 -36.76 -12.14
N ILE A 196 -9.90 -35.97 -12.61
CA ILE A 196 -8.96 -35.29 -11.75
C ILE A 196 -9.17 -33.78 -11.90
N ALA A 197 -9.13 -33.07 -10.79
CA ALA A 197 -9.54 -31.66 -10.81
C ALA A 197 -8.77 -30.83 -9.76
N GLY A 198 -8.49 -29.61 -10.14
CA GLY A 198 -7.97 -28.68 -9.16
C GLY A 198 -7.81 -27.32 -9.73
N GLY A 199 -7.79 -26.36 -8.80
CA GLY A 199 -7.43 -24.99 -9.08
C GLY A 199 -6.07 -24.53 -8.46
N SER A 200 -5.35 -23.69 -9.21
CA SER A 200 -4.10 -23.07 -8.74
C SER A 200 -3.10 -24.17 -8.35
N GLN A 201 -2.69 -24.29 -7.09
CA GLN A 201 -1.83 -25.43 -6.76
C GLN A 201 -2.56 -26.76 -7.13
N GLY A 202 -3.88 -26.80 -6.87
CA GLY A 202 -4.63 -28.01 -7.22
C GLY A 202 -4.54 -28.29 -8.71
N GLY A 203 -4.60 -27.25 -9.55
CA GLY A 203 -4.49 -27.41 -11.01
C GLY A 203 -3.13 -27.95 -11.45
N GLY A 204 -2.05 -27.49 -10.82
CA GLY A 204 -0.67 -27.93 -11.08
C GLY A 204 -0.51 -29.38 -10.71
N ILE A 205 -1.08 -29.75 -9.56
CA ILE A 205 -1.06 -31.14 -9.11
C ILE A 205 -1.81 -32.04 -10.12
N ALA A 206 -3.01 -31.63 -10.50
CA ALA A 206 -3.83 -32.41 -11.44
C ALA A 206 -3.14 -32.54 -12.80
N LEU A 207 -2.47 -31.47 -13.24
CA LEU A 207 -1.71 -31.51 -14.50
C LEU A 207 -0.59 -32.59 -14.38
N ALA A 208 0.08 -32.67 -13.24
CA ALA A 208 1.07 -33.70 -13.06
C ALA A 208 0.41 -35.08 -13.15
N VAL A 209 -0.71 -35.21 -12.48
CA VAL A 209 -1.41 -36.50 -12.43
C VAL A 209 -1.89 -36.91 -13.85
N SER A 210 -2.26 -35.91 -14.68
CA SER A 210 -2.74 -36.20 -16.04
C SER A 210 -1.62 -36.85 -16.85
N ALA A 211 -0.37 -36.52 -16.58
CA ALA A 211 0.82 -37.14 -17.20
C ALA A 211 1.25 -38.46 -16.50
N LEU A 212 1.12 -38.57 -15.18
CA LEU A 212 1.68 -39.69 -14.44
C LEU A 212 0.80 -40.89 -14.17
N SER A 213 -0.51 -40.72 -14.24
CA SER A 213 -1.42 -41.77 -13.96
C SER A 213 -2.13 -42.08 -15.26
N LYS A 214 -2.49 -43.33 -15.46
CA LYS A 214 -3.31 -43.70 -16.62
C LYS A 214 -4.76 -44.01 -16.21
N LYS A 215 -5.15 -43.78 -14.95
CA LYS A 215 -6.49 -44.13 -14.46
C LYS A 215 -7.58 -43.09 -14.81
N ALA A 216 -7.21 -41.84 -14.75
CA ALA A 216 -8.16 -40.73 -14.95
C ALA A 216 -8.71 -40.65 -16.40
N LYS A 217 -9.99 -40.29 -16.54
CA LYS A 217 -10.61 -40.12 -17.84
C LYS A 217 -10.59 -38.67 -18.34
N ALA A 218 -10.42 -37.71 -17.41
CA ALA A 218 -10.47 -36.29 -17.79
C ALA A 218 -9.78 -35.43 -16.73
N LEU A 219 -9.38 -34.24 -17.19
CA LEU A 219 -8.68 -33.25 -16.37
C LEU A 219 -9.49 -31.95 -16.31
N LEU A 220 -9.78 -31.49 -15.09
CA LEU A 220 -10.28 -30.10 -14.88
C LEU A 220 -9.17 -29.28 -14.24
N CYS A 221 -8.63 -28.34 -15.00
CA CYS A 221 -7.41 -27.60 -14.63
C CYS A 221 -7.67 -26.10 -14.63
N ASP A 222 -7.96 -25.57 -13.45
CA ASP A 222 -8.28 -24.10 -13.30
C ASP A 222 -7.07 -23.33 -12.86
N VAL A 223 -6.87 -22.18 -13.52
CA VAL A 223 -5.89 -21.18 -13.11
C VAL A 223 -4.57 -21.80 -12.62
N PRO A 224 -4.00 -22.75 -13.40
CA PRO A 224 -2.97 -23.58 -12.82
C PRO A 224 -1.68 -22.84 -12.37
N PHE A 225 -1.19 -23.30 -11.22
CA PHE A 225 0.05 -22.89 -10.57
C PHE A 225 1.05 -24.05 -10.93
N LEU A 226 2.34 -23.85 -10.61
CA LEU A 226 3.37 -24.85 -10.82
C LEU A 226 3.63 -25.01 -12.30
N CYS A 227 3.53 -23.90 -13.02
CA CYS A 227 3.69 -23.88 -14.48
C CYS A 227 4.66 -22.83 -14.90
N HIS A 228 5.70 -23.25 -15.65
CA HIS A 228 6.60 -22.32 -16.36
C HIS A 228 7.29 -21.38 -15.34
N PHE A 229 7.88 -22.00 -14.31
CA PHE A 229 8.48 -21.28 -13.19
C PHE A 229 9.47 -20.22 -13.59
N ARG A 230 10.35 -20.53 -14.54
CA ARG A 230 11.35 -19.63 -15.02
C ARG A 230 10.74 -18.27 -15.49
N ARG A 231 9.64 -18.34 -16.21
CA ARG A 231 8.95 -17.14 -16.60
C ARG A 231 8.18 -16.52 -15.41
N ALA A 232 7.48 -17.36 -14.63
CA ALA A 232 6.69 -16.85 -13.54
C ALA A 232 7.48 -15.88 -12.67
N VAL A 233 8.68 -16.29 -12.29
CA VAL A 233 9.51 -15.46 -11.32
C VAL A 233 10.01 -14.16 -11.93
N GLN A 234 9.96 -14.07 -13.26
CA GLN A 234 10.32 -12.83 -13.92
C GLN A 234 9.16 -11.90 -14.08
N LEU A 235 7.92 -12.41 -14.03
CA LEU A 235 6.77 -11.60 -14.33
C LEU A 235 6.12 -11.04 -13.09
N VAL A 236 6.02 -11.79 -12.01
CA VAL A 236 5.31 -11.32 -10.83
C VAL A 236 6.16 -11.45 -9.57
N ASP A 237 5.77 -10.64 -8.58
CA ASP A 237 6.35 -10.64 -7.26
C ASP A 237 5.36 -11.12 -6.21
N THR A 238 4.25 -11.68 -6.63
CA THR A 238 3.30 -12.20 -5.71
C THR A 238 3.74 -13.56 -5.20
N HIS A 239 3.21 -13.91 -4.07
CA HIS A 239 3.32 -15.22 -3.52
C HIS A 239 2.26 -16.16 -4.11
N PRO A 240 2.54 -17.46 -4.30
CA PRO A 240 3.77 -18.12 -3.77
C PRO A 240 4.97 -18.17 -4.70
N TYR A 241 4.88 -17.73 -5.96
CA TYR A 241 6.07 -17.78 -6.81
C TYR A 241 7.23 -16.99 -6.24
N ALA A 242 6.93 -15.91 -5.55
CA ALA A 242 8.01 -15.08 -4.99
C ALA A 242 8.87 -15.80 -3.97
N GLU A 243 8.39 -16.89 -3.38
CA GLU A 243 9.22 -17.67 -2.48
C GLU A 243 10.49 -18.13 -3.21
N ILE A 244 10.31 -18.55 -4.46
CA ILE A 244 11.43 -18.95 -5.30
C ILE A 244 12.38 -17.80 -5.56
N THR A 245 11.83 -16.64 -5.94
CA THR A 245 12.67 -15.49 -6.28
C THR A 245 13.42 -15.10 -5.02
N ASN A 246 12.76 -15.10 -3.87
CA ASN A 246 13.44 -14.68 -2.61
C ASN A 246 14.59 -15.62 -2.21
N PHE A 247 14.39 -16.89 -2.42
CA PHE A 247 15.44 -17.88 -2.18
C PHE A 247 16.61 -17.57 -3.14
N LEU A 248 16.32 -17.28 -4.41
CA LEU A 248 17.36 -16.94 -5.38
C LEU A 248 18.11 -15.66 -5.10
N LYS A 249 17.42 -14.68 -4.55
CA LYS A 249 18.05 -13.41 -4.10
C LYS A 249 19.18 -13.62 -3.08
N THR A 250 19.09 -14.69 -2.29
CA THR A 250 20.01 -14.99 -1.24
C THR A 250 21.02 -16.03 -1.69
N HIS A 251 20.56 -17.09 -2.37
CA HIS A 251 21.40 -18.19 -2.78
C HIS A 251 21.84 -17.92 -4.18
N ARG A 252 22.66 -16.89 -4.30
CA ARG A 252 23.04 -16.38 -5.63
C ARG A 252 23.83 -17.39 -6.48
N ASP A 253 24.44 -18.40 -5.84
CA ASP A 253 25.22 -19.44 -6.49
C ASP A 253 24.36 -20.63 -6.93
N LYS A 254 23.03 -20.61 -6.70
CA LYS A 254 22.19 -21.81 -6.93
C LYS A 254 21.15 -21.69 -8.03
N GLU A 255 21.23 -20.66 -8.87
CA GLU A 255 20.24 -20.47 -9.88
C GLU A 255 20.06 -21.66 -10.82
N GLU A 256 21.17 -22.13 -11.42
CA GLU A 256 21.05 -23.25 -12.35
C GLU A 256 20.43 -24.52 -11.69
N ILE A 257 20.90 -24.82 -10.48
CA ILE A 257 20.46 -25.94 -9.68
C ILE A 257 18.96 -25.80 -9.35
N VAL A 258 18.57 -24.59 -8.95
CA VAL A 258 17.14 -24.37 -8.66
C VAL A 258 16.25 -24.65 -9.89
N PHE A 259 16.51 -24.04 -11.03
CA PHE A 259 15.72 -24.29 -12.23
C PHE A 259 15.81 -25.70 -12.79
N ARG A 260 16.95 -26.39 -12.60
CA ARG A 260 17.04 -27.82 -12.98
C ARG A 260 16.06 -28.63 -12.15
N THR A 261 16.09 -28.44 -10.83
CA THR A 261 15.15 -29.14 -10.01
C THR A 261 13.70 -28.88 -10.41
N LEU A 262 13.33 -27.58 -10.49
CA LEU A 262 11.95 -27.25 -10.91
C LEU A 262 11.50 -27.84 -12.25
N SER A 263 12.41 -28.10 -13.20
CA SER A 263 12.00 -28.63 -14.50
C SER A 263 11.34 -30.02 -14.40
N TYR A 264 11.62 -30.74 -13.32
CA TYR A 264 10.99 -32.03 -13.10
C TYR A 264 9.55 -31.93 -12.59
N PHE A 265 9.13 -30.73 -12.20
CA PHE A 265 7.81 -30.49 -11.62
C PHE A 265 6.95 -29.47 -12.33
N ASP A 266 7.38 -29.04 -13.50
CA ASP A 266 6.78 -27.98 -14.29
C ASP A 266 5.64 -28.51 -15.09
N GLY A 267 4.46 -27.93 -14.86
CA GLY A 267 3.28 -28.33 -15.57
C GLY A 267 3.41 -28.28 -17.10
N VAL A 268 4.28 -27.44 -17.64
CA VAL A 268 4.49 -27.35 -19.09
C VAL A 268 5.05 -28.67 -19.61
N ASN A 269 5.98 -29.26 -18.85
CA ASN A 269 6.54 -30.56 -19.18
C ASN A 269 5.58 -31.73 -19.00
N PHE A 270 4.70 -31.65 -17.98
CA PHE A 270 3.70 -32.67 -17.88
C PHE A 270 2.64 -32.57 -18.95
N ALA A 271 2.23 -31.33 -19.31
CA ALA A 271 1.22 -31.12 -20.36
C ALA A 271 1.59 -31.81 -21.69
N ALA A 272 2.85 -31.69 -22.06
CA ALA A 272 3.38 -32.25 -23.33
C ALA A 272 3.20 -33.76 -23.37
N ARG A 273 2.98 -34.39 -22.22
CA ARG A 273 2.87 -35.82 -22.10
C ARG A 273 1.46 -36.33 -21.86
N ALA A 274 0.51 -35.46 -21.54
CA ALA A 274 -0.85 -35.84 -21.18
C ALA A 274 -1.69 -36.08 -22.41
N LYS A 275 -2.63 -36.99 -22.31
CA LYS A 275 -3.48 -37.45 -23.43
C LYS A 275 -4.98 -37.33 -23.22
N ILE A 276 -5.43 -37.25 -21.96
CA ILE A 276 -6.80 -37.27 -21.64
C ILE A 276 -7.45 -35.90 -21.95
N PRO A 277 -8.73 -35.92 -22.27
CA PRO A 277 -9.48 -34.67 -22.51
C PRO A 277 -9.41 -33.76 -21.30
N ALA A 278 -9.24 -32.49 -21.58
CA ALA A 278 -9.04 -31.48 -20.57
C ALA A 278 -9.90 -30.24 -20.81
N LEU A 279 -10.36 -29.68 -19.69
CA LEU A 279 -11.00 -28.32 -19.67
C LEU A 279 -10.16 -27.44 -18.74
N PHE A 280 -9.55 -26.40 -19.32
CA PHE A 280 -8.72 -25.41 -18.62
C PHE A 280 -9.53 -24.11 -18.42
N SER A 281 -9.09 -23.27 -17.46
CA SER A 281 -9.59 -21.92 -17.32
C SER A 281 -8.43 -21.01 -16.95
N VAL A 282 -8.56 -19.74 -17.35
CA VAL A 282 -7.51 -18.75 -17.12
C VAL A 282 -8.18 -17.40 -16.89
N GLY A 283 -7.68 -16.61 -15.92
CA GLY A 283 -8.11 -15.18 -15.77
C GLY A 283 -7.01 -14.35 -16.36
N LEU A 284 -7.32 -13.48 -17.32
CA LEU A 284 -6.27 -12.67 -17.94
C LEU A 284 -5.71 -11.58 -17.03
N MET A 285 -6.36 -11.32 -15.90
CA MET A 285 -5.80 -10.36 -14.93
C MET A 285 -5.19 -11.07 -13.68
N ASP A 286 -5.02 -12.38 -13.76
CA ASP A 286 -4.49 -13.16 -12.63
C ASP A 286 -2.97 -12.88 -12.46
N ASN A 287 -2.59 -12.31 -11.34
CA ASN A 287 -1.22 -12.00 -11.09
C ASN A 287 -0.57 -12.94 -10.08
N ILE A 288 -1.29 -13.99 -9.70
CA ILE A 288 -0.74 -15.09 -8.95
C ILE A 288 -0.19 -16.18 -9.90
N CYS A 289 -1.03 -16.53 -10.87
CA CYS A 289 -0.67 -17.47 -11.94
C CYS A 289 -0.79 -16.72 -13.23
N PRO A 290 0.29 -16.16 -13.71
CA PRO A 290 0.19 -15.26 -14.88
C PRO A 290 -0.26 -15.94 -16.11
N PRO A 291 -1.09 -15.25 -16.91
CA PRO A 291 -1.61 -15.88 -18.14
C PRO A 291 -0.57 -16.55 -19.03
N SER A 292 0.62 -16.00 -19.19
CA SER A 292 1.59 -16.68 -20.04
C SER A 292 1.98 -18.07 -19.52
N THR A 293 2.00 -18.25 -18.19
CA THR A 293 2.38 -19.49 -17.53
C THR A 293 1.31 -20.49 -17.80
N VAL A 294 0.05 -20.06 -17.66
CA VAL A 294 -1.08 -20.91 -17.92
C VAL A 294 -1.19 -21.29 -19.42
N PHE A 295 -1.01 -20.31 -20.33
CA PHE A 295 -1.06 -20.60 -21.76
C PHE A 295 0.12 -21.48 -22.22
N ALA A 296 1.28 -21.33 -21.60
CA ALA A 296 2.41 -22.15 -21.98
C ALA A 296 2.05 -23.61 -21.70
N ALA A 297 1.45 -23.89 -20.54
CA ALA A 297 1.01 -25.25 -20.23
C ALA A 297 -0.14 -25.75 -21.15
N TYR A 298 -1.17 -24.92 -21.30
CA TYR A 298 -2.30 -25.22 -22.14
C TYR A 298 -1.84 -25.47 -23.61
N ASN A 299 -0.95 -24.63 -24.13
CA ASN A 299 -0.54 -24.73 -25.53
C ASN A 299 0.20 -26.01 -25.81
N TYR A 300 0.94 -26.52 -24.83
CA TYR A 300 1.73 -27.76 -24.94
C TYR A 300 0.91 -28.98 -24.57
N TYR A 301 -0.28 -28.81 -23.98
CA TYR A 301 -1.09 -29.93 -23.53
C TYR A 301 -1.44 -30.81 -24.77
N ALA A 302 -1.12 -32.08 -24.71
CA ALA A 302 -1.10 -32.94 -25.92
C ALA A 302 -2.45 -33.54 -26.24
N GLY A 303 -3.32 -33.65 -25.25
CA GLY A 303 -4.61 -34.20 -25.46
C GLY A 303 -5.63 -33.26 -26.08
N PRO A 304 -6.82 -33.80 -26.39
CA PRO A 304 -8.04 -33.03 -26.70
C PRO A 304 -8.27 -32.00 -25.57
N LYS A 305 -8.44 -30.73 -25.91
CA LYS A 305 -8.34 -29.69 -24.91
C LYS A 305 -9.23 -28.48 -25.29
N GLU A 306 -9.70 -27.76 -24.31
CA GLU A 306 -10.34 -26.40 -24.52
C GLU A 306 -10.04 -25.57 -23.31
N ILE A 307 -10.08 -24.25 -23.52
CA ILE A 307 -9.71 -23.31 -22.43
C ILE A 307 -10.82 -22.27 -22.34
N ARG A 308 -11.38 -22.08 -21.15
CA ARG A 308 -12.34 -20.97 -20.89
C ARG A 308 -11.58 -19.74 -20.46
N ILE A 309 -11.70 -18.65 -21.24
CA ILE A 309 -10.83 -17.48 -21.01
C ILE A 309 -11.70 -16.41 -20.35
N TYR A 310 -11.28 -15.89 -19.18
CA TYR A 310 -12.06 -14.91 -18.43
C TYR A 310 -11.23 -13.63 -18.45
N PRO A 311 -11.48 -12.77 -19.41
CA PRO A 311 -10.59 -11.64 -19.60
C PRO A 311 -10.55 -10.58 -18.47
N TYR A 312 -11.61 -10.50 -17.65
CA TYR A 312 -11.67 -9.50 -16.63
C TYR A 312 -11.41 -10.07 -15.25
N ASN A 313 -11.24 -11.38 -15.13
CA ASN A 313 -11.02 -11.97 -13.85
C ASN A 313 -9.53 -12.08 -13.45
N ASN A 314 -9.28 -11.95 -12.16
CA ASN A 314 -7.97 -12.13 -11.57
C ASN A 314 -7.99 -13.63 -11.19
N HIS A 315 -7.33 -14.00 -10.11
CA HIS A 315 -7.08 -15.41 -9.77
C HIS A 315 -8.32 -16.24 -9.39
N GLU A 316 -9.47 -15.56 -9.18
CA GLU A 316 -10.73 -16.26 -8.99
C GLU A 316 -11.18 -16.98 -10.25
N GLY A 317 -10.64 -16.60 -11.36
CA GLY A 317 -11.04 -17.17 -12.62
C GLY A 317 -12.50 -16.97 -12.94
N GLY A 318 -13.08 -18.03 -13.49
CA GLY A 318 -14.47 -18.11 -13.81
C GLY A 318 -15.43 -18.36 -12.64
N GLY A 319 -14.91 -18.70 -11.46
CA GLY A 319 -15.73 -18.95 -10.27
C GLY A 319 -16.87 -19.88 -10.60
N SER A 320 -18.10 -19.54 -10.16
CA SER A 320 -19.26 -20.43 -10.36
C SER A 320 -19.65 -20.59 -11.81
N PHE A 321 -19.34 -19.61 -12.65
CA PHE A 321 -19.49 -19.80 -14.07
C PHE A 321 -18.70 -20.99 -14.58
N GLN A 322 -17.45 -21.09 -14.14
CA GLN A 322 -16.59 -22.17 -14.60
C GLN A 322 -17.07 -23.53 -14.08
N ALA A 323 -17.59 -23.54 -12.88
CA ALA A 323 -18.17 -24.76 -12.31
C ALA A 323 -19.30 -25.31 -13.22
N VAL A 324 -20.12 -24.43 -13.76
CA VAL A 324 -21.19 -24.84 -14.65
C VAL A 324 -20.61 -25.45 -15.90
N GLU A 325 -19.56 -24.81 -16.44
CA GLU A 325 -18.86 -25.34 -17.62
C GLU A 325 -18.32 -26.75 -17.37
N GLN A 326 -17.79 -26.97 -16.17
CA GLN A 326 -17.25 -28.24 -15.76
C GLN A 326 -18.32 -29.31 -15.77
N VAL A 327 -19.49 -29.02 -15.17
CA VAL A 327 -20.57 -30.00 -15.11
C VAL A 327 -21.00 -30.36 -16.54
N LYS A 328 -21.11 -29.38 -17.45
CA LYS A 328 -21.50 -29.67 -18.84
C LYS A 328 -20.47 -30.50 -19.57
N PHE A 329 -19.18 -30.17 -19.37
CA PHE A 329 -18.07 -30.86 -19.99
C PHE A 329 -18.08 -32.37 -19.59
N LEU A 330 -18.28 -32.65 -18.31
CA LEU A 330 -18.28 -34.01 -17.83
C LEU A 330 -19.52 -34.80 -18.31
N LYS A 331 -20.67 -34.15 -18.36
CA LYS A 331 -21.90 -34.76 -18.85
C LYS A 331 -21.73 -35.24 -20.28
N LYS A 332 -21.23 -34.37 -21.18
CA LYS A 332 -20.94 -34.71 -22.56
C LYS A 332 -19.94 -35.90 -22.61
N LEU A 333 -18.91 -35.87 -21.78
CA LEU A 333 -17.89 -36.88 -21.78
C LEU A 333 -18.43 -38.25 -21.39
N PHE A 334 -19.26 -38.30 -20.39
CA PHE A 334 -19.76 -39.55 -19.85
C PHE A 334 -21.11 -40.05 -20.44
N GLU A 335 -21.71 -39.32 -21.39
CA GLU A 335 -22.77 -39.86 -22.29
C GLU A 335 -22.13 -40.59 -23.45
N PHE B 16 11.27 -5.93 -15.27
CA PHE B 16 10.49 -4.73 -15.71
C PHE B 16 11.16 -3.88 -16.79
N ASP B 17 12.43 -4.06 -17.02
CA ASP B 17 13.14 -3.20 -17.93
C ASP B 17 13.42 -4.06 -19.20
N LEU B 18 14.31 -3.60 -20.07
CA LEU B 18 14.75 -4.36 -21.25
C LEU B 18 15.25 -5.73 -20.84
N PRO B 19 14.98 -6.79 -21.61
CA PRO B 19 15.63 -8.11 -21.33
C PRO B 19 17.12 -8.04 -21.48
N LEU B 20 17.80 -8.98 -20.81
CA LEU B 20 19.19 -8.98 -20.66
C LEU B 20 19.94 -8.91 -21.97
N GLU B 21 19.54 -9.73 -22.98
CA GLU B 21 20.16 -9.68 -24.29
C GLU B 21 20.16 -8.26 -24.91
N GLU B 22 19.07 -7.49 -24.74
CA GLU B 22 19.02 -6.09 -25.20
C GLU B 22 19.82 -5.15 -24.28
N LEU B 23 19.79 -5.38 -22.96
CA LEU B 23 20.60 -4.55 -22.01
C LEU B 23 22.06 -4.62 -22.40
N LYS B 24 22.54 -5.83 -22.71
CA LYS B 24 23.93 -5.96 -23.11
C LYS B 24 24.34 -5.17 -24.37
N LYS B 25 23.38 -4.82 -25.25
CA LYS B 25 23.68 -4.04 -26.48
C LYS B 25 23.15 -2.63 -26.37
N TYR B 26 22.74 -2.21 -25.17
CA TYR B 26 22.00 -0.98 -25.04
C TYR B 26 23.04 0.16 -24.94
N ARG B 27 23.14 0.94 -25.99
CA ARG B 27 24.09 2.08 -26.13
C ARG B 27 23.29 3.22 -26.67
N PRO B 28 22.53 3.90 -25.83
CA PRO B 28 21.64 4.93 -26.40
C PRO B 28 22.39 6.17 -26.84
N GLU B 29 21.73 6.98 -27.67
CA GLU B 29 22.37 8.18 -28.19
C GLU B 29 22.70 9.04 -26.98
N ARG B 30 23.93 9.52 -26.86
CA ARG B 30 24.32 10.25 -25.64
C ARG B 30 23.82 11.70 -25.79
N TYR B 31 23.65 12.37 -24.68
CA TYR B 31 23.34 13.79 -24.73
C TYR B 31 24.21 14.53 -23.74
N GLU B 32 25.08 15.42 -24.21
CA GLU B 32 25.85 16.32 -23.38
C GLU B 32 26.06 17.61 -24.12
N GLU B 33 26.37 18.67 -23.39
CA GLU B 33 26.60 19.95 -24.00
C GLU B 33 28.05 19.94 -24.51
N LYS B 34 28.32 20.80 -25.50
CA LYS B 34 29.64 20.87 -26.13
C LYS B 34 30.72 21.33 -25.14
N ASP B 35 30.33 22.02 -24.07
CA ASP B 35 31.24 22.48 -23.00
C ASP B 35 31.38 21.60 -21.75
N PHE B 36 30.97 20.35 -21.85
CA PHE B 36 31.08 19.39 -20.71
C PHE B 36 32.48 19.36 -20.11
N ASP B 37 33.49 19.18 -20.98
CA ASP B 37 34.84 19.08 -20.46
C ASP B 37 35.30 20.40 -19.92
N GLU B 38 35.04 21.49 -20.64
CA GLU B 38 35.43 22.84 -20.17
C GLU B 38 34.80 23.10 -18.77
N PHE B 39 33.52 22.73 -18.59
CA PHE B 39 32.84 22.96 -17.32
C PHE B 39 33.58 22.30 -16.21
N TRP B 40 33.97 21.05 -16.42
CA TRP B 40 34.67 20.30 -15.37
C TRP B 40 36.11 20.78 -15.10
N GLU B 41 36.83 21.15 -16.18
CA GLU B 41 38.19 21.62 -16.08
C GLU B 41 38.20 22.89 -15.25
N GLU B 42 37.28 23.80 -15.53
CA GLU B 42 37.20 25.07 -14.78
C GLU B 42 36.81 24.88 -13.34
N THR B 43 35.78 24.06 -13.13
CA THR B 43 35.42 23.63 -11.81
C THR B 43 36.64 23.11 -10.99
N LEU B 44 37.39 22.16 -11.53
CA LEU B 44 38.42 21.51 -10.74
C LEU B 44 39.57 22.49 -10.54
N ALA B 45 39.89 23.25 -11.58
CA ALA B 45 40.96 24.28 -11.43
C ALA B 45 40.66 25.31 -10.36
N GLU B 46 39.43 25.79 -10.27
CA GLU B 46 39.08 26.74 -9.24
C GLU B 46 39.19 26.19 -7.81
N SER B 47 38.77 24.95 -7.60
CA SER B 47 38.84 24.34 -6.30
C SER B 47 40.32 23.96 -5.96
N GLU B 48 41.15 23.71 -6.98
CA GLU B 48 42.60 23.46 -6.71
C GLU B 48 43.35 24.69 -6.19
N LYS B 49 42.79 25.89 -6.37
CA LYS B 49 43.42 27.10 -5.82
C LYS B 49 43.42 27.19 -4.32
N PHE B 50 42.59 26.41 -3.62
CA PHE B 50 42.55 26.37 -2.20
C PHE B 50 43.45 25.28 -1.71
N PRO B 51 44.15 25.54 -0.60
CA PRO B 51 45.08 24.47 -0.21
C PRO B 51 44.28 23.24 0.24
N LEU B 52 44.74 22.06 -0.18
CA LEU B 52 44.12 20.81 0.29
C LEU B 52 44.06 20.67 1.82
N ASP B 53 45.16 21.03 2.49
CA ASP B 53 45.37 20.91 3.89
C ASP B 53 44.63 19.71 4.52
N PRO B 54 45.03 18.49 4.13
CA PRO B 54 44.38 17.29 4.66
C PRO B 54 44.82 17.05 6.08
N VAL B 55 43.88 16.91 6.98
CA VAL B 55 44.17 16.78 8.38
C VAL B 55 43.78 15.39 8.80
N PHE B 56 44.74 14.64 9.33
CA PHE B 56 44.47 13.27 9.87
C PHE B 56 44.72 13.23 11.36
N GLU B 57 43.65 13.22 12.12
CA GLU B 57 43.75 13.13 13.55
C GLU B 57 43.42 11.75 14.11
N ARG B 58 44.43 11.13 14.71
CA ARG B 58 44.31 9.77 15.26
C ARG B 58 43.31 9.84 16.38
N MET B 59 42.41 8.87 16.39
CA MET B 59 41.36 8.83 17.35
C MET B 59 41.59 7.81 18.42
N GLU B 60 41.19 8.15 19.66
CA GLU B 60 41.00 7.16 20.72
C GLU B 60 39.81 6.33 20.22
N SER B 61 40.00 5.03 20.14
CA SER B 61 38.98 4.15 19.57
C SER B 61 39.04 2.87 20.34
N HIS B 62 37.91 2.19 20.44
CA HIS B 62 37.92 0.80 20.89
C HIS B 62 38.40 -0.21 19.84
N LEU B 63 38.50 0.18 18.58
CA LEU B 63 39.01 -0.67 17.53
C LEU B 63 40.42 -1.14 17.85
N LYS B 64 40.68 -2.42 17.62
CA LYS B 64 42.02 -3.05 17.92
C LYS B 64 42.79 -3.50 16.72
N THR B 65 42.16 -3.85 15.63
CA THR B 65 42.87 -4.30 14.41
C THR B 65 43.10 -3.20 13.43
N VAL B 66 42.53 -2.03 13.72
CA VAL B 66 42.55 -0.95 12.82
C VAL B 66 42.90 0.34 13.58
N GLU B 67 43.65 1.24 12.94
CA GLU B 67 43.89 2.60 13.47
C GLU B 67 42.89 3.51 12.75
N ALA B 68 42.16 4.34 13.49
CA ALA B 68 41.17 5.21 12.93
C ALA B 68 41.56 6.67 13.03
N TYR B 69 41.40 7.39 11.92
CA TYR B 69 41.64 8.84 11.91
C TYR B 69 40.42 9.64 11.46
N ASP B 70 40.21 10.75 12.17
CA ASP B 70 39.25 11.81 11.82
C ASP B 70 39.87 12.63 10.70
N VAL B 71 39.24 12.67 9.54
CA VAL B 71 39.79 13.41 8.41
C VAL B 71 39.05 14.73 8.15
N THR B 72 39.83 15.75 7.76
CA THR B 72 39.29 16.99 7.20
C THR B 72 40.07 17.33 6.00
N PHE B 73 39.44 17.74 4.90
CA PHE B 73 40.19 18.16 3.72
C PHE B 73 39.41 19.15 2.95
N SER B 74 40.07 19.90 2.05
CA SER B 74 39.39 20.92 1.29
C SER B 74 38.79 20.32 0.01
N GLY B 75 37.47 20.41 -0.07
CA GLY B 75 36.74 20.04 -1.28
C GLY B 75 36.40 21.18 -2.22
N TYR B 76 35.15 21.22 -2.64
CA TYR B 76 34.64 22.26 -3.49
C TYR B 76 34.84 23.67 -2.87
N ARG B 77 35.54 24.51 -3.64
CA ARG B 77 35.84 25.88 -3.23
C ARG B 77 36.47 26.02 -1.83
N GLY B 78 37.34 25.11 -1.47
CA GLY B 78 37.99 25.17 -0.18
C GLY B 78 37.13 24.73 0.98
N GLN B 79 35.89 24.31 0.74
CA GLN B 79 35.02 23.94 1.86
C GLN B 79 35.53 22.67 2.52
N ARG B 80 35.42 22.61 3.84
CA ARG B 80 36.09 21.61 4.60
C ARG B 80 35.13 20.42 4.86
N ILE B 81 35.56 19.29 4.35
CA ILE B 81 34.78 18.05 4.24
C ILE B 81 35.37 17.06 5.24
N LYS B 82 34.50 16.40 5.98
CA LYS B 82 34.89 15.35 6.94
C LYS B 82 35.03 14.01 6.28
N GLY B 83 35.75 13.14 6.99
CA GLY B 83 35.95 11.75 6.49
C GLY B 83 36.47 10.87 7.61
N TRP B 84 36.64 9.57 7.36
CA TRP B 84 37.44 8.72 8.22
C TRP B 84 38.55 8.11 7.39
N LEU B 85 39.69 7.83 8.04
CA LEU B 85 40.71 7.01 7.50
C LEU B 85 40.91 5.84 8.44
N LEU B 86 40.74 4.64 7.89
CA LEU B 86 40.91 3.40 8.59
C LEU B 86 42.10 2.63 8.04
N VAL B 87 43.09 2.37 8.89
CA VAL B 87 44.36 1.76 8.49
C VAL B 87 44.47 0.43 9.27
N PRO B 88 44.48 -0.68 8.55
CA PRO B 88 44.67 -1.95 9.23
C PRO B 88 46.11 -2.08 9.78
N LYS B 89 46.26 -2.68 10.96
CA LYS B 89 47.57 -2.92 11.60
C LYS B 89 48.24 -4.08 10.93
N LEU B 90 49.04 -3.80 9.92
CA LEU B 90 49.76 -4.85 9.19
C LEU B 90 51.27 -4.48 9.07
N GLU B 91 52.10 -5.48 8.75
CA GLU B 91 53.56 -5.29 8.57
C GLU B 91 53.88 -4.41 7.38
N GLU B 92 53.23 -4.61 6.24
CA GLU B 92 53.49 -3.78 5.02
C GLU B 92 53.63 -2.22 5.32
N GLU B 93 54.64 -1.58 4.73
CA GLU B 93 54.91 -0.16 4.87
C GLU B 93 53.98 0.66 3.96
N LYS B 94 53.68 0.13 2.78
CA LYS B 94 52.77 0.78 1.85
C LYS B 94 51.60 -0.19 1.63
N LEU B 95 50.38 0.37 1.68
CA LEU B 95 49.15 -0.43 1.56
C LEU B 95 48.28 0.08 0.45
N PRO B 96 47.53 -0.82 -0.20
CA PRO B 96 46.53 -0.33 -1.17
C PRO B 96 45.41 0.44 -0.39
N CYS B 97 44.63 1.22 -1.14
CA CYS B 97 43.66 2.17 -0.57
C CYS B 97 42.38 2.15 -1.36
N VAL B 98 41.27 2.05 -0.65
CA VAL B 98 39.89 2.25 -1.19
C VAL B 98 39.29 3.56 -0.63
N VAL B 99 38.99 4.46 -1.56
CA VAL B 99 38.25 5.70 -1.27
C VAL B 99 36.75 5.31 -1.49
N GLN B 100 36.01 5.38 -0.40
CA GLN B 100 34.63 4.91 -0.30
C GLN B 100 33.71 6.09 -0.29
N TYR B 101 32.77 6.12 -1.26
CA TYR B 101 31.70 7.12 -1.31
C TYR B 101 30.37 6.47 -0.84
N ILE B 102 29.48 7.29 -0.36
CA ILE B 102 28.36 6.84 0.51
C ILE B 102 27.02 7.05 -0.22
N GLY B 103 26.08 6.11 0.06
CA GLY B 103 24.72 6.16 -0.50
C GLY B 103 23.87 7.32 -0.04
N TYR B 104 22.76 7.53 -0.77
CA TYR B 104 21.91 8.71 -0.60
C TYR B 104 21.37 8.71 0.82
N ASN B 105 21.33 9.89 1.43
CA ASN B 105 20.88 10.07 2.84
C ASN B 105 21.75 9.46 3.90
N GLY B 106 22.94 9.02 3.56
CA GLY B 106 23.88 8.50 4.51
C GLY B 106 25.00 9.52 4.79
N GLY B 107 25.88 9.16 5.68
CA GLY B 107 27.00 10.00 6.05
C GLY B 107 28.08 9.13 6.58
N ARG B 108 29.19 9.73 7.04
CA ARG B 108 30.37 8.91 7.42
C ARG B 108 30.13 8.03 8.63
N GLY B 109 29.06 8.28 9.38
CA GLY B 109 28.75 7.44 10.53
C GLY B 109 29.88 7.31 11.52
N PHE B 110 30.13 6.08 11.95
CA PHE B 110 31.21 5.80 12.87
C PHE B 110 32.34 5.04 12.15
N PRO B 111 33.57 5.10 12.72
CA PRO B 111 34.65 4.35 12.10
C PRO B 111 34.32 2.88 11.90
N HIS B 112 33.67 2.29 12.89
CA HIS B 112 33.34 0.85 12.83
C HIS B 112 32.29 0.45 11.77
N ASP B 113 31.60 1.44 11.15
CA ASP B 113 30.71 1.16 10.02
C ASP B 113 31.44 0.74 8.74
N TRP B 114 32.78 0.88 8.69
CA TRP B 114 33.50 0.76 7.46
C TRP B 114 34.67 -0.29 7.53
N LEU B 115 34.42 -1.38 8.24
CA LEU B 115 35.48 -2.35 8.50
C LEU B 115 35.88 -3.32 7.40
N PHE B 116 35.12 -3.40 6.31
CA PHE B 116 35.39 -4.44 5.31
C PHE B 116 36.79 -4.31 4.68
N TRP B 117 37.03 -3.14 4.12
CA TRP B 117 38.22 -2.95 3.31
C TRP B 117 39.49 -3.03 4.12
N PRO B 118 39.50 -2.44 5.33
CA PRO B 118 40.64 -2.56 6.20
C PRO B 118 40.87 -3.98 6.64
N SER B 119 39.80 -4.73 6.81
CA SER B 119 39.98 -6.15 7.17
C SER B 119 40.58 -7.00 6.08
N MET B 120 40.30 -6.64 4.83
CA MET B 120 40.91 -7.14 3.62
C MET B 120 42.32 -6.60 3.27
N GLY B 121 42.87 -5.76 4.12
CA GLY B 121 44.25 -5.23 4.05
C GLY B 121 44.38 -3.92 3.26
N TYR B 122 43.26 -3.20 3.08
CA TYR B 122 43.22 -1.91 2.37
C TYR B 122 43.02 -0.77 3.37
N ILE B 123 43.88 0.24 3.28
CA ILE B 123 43.53 1.49 3.91
C ILE B 123 42.18 1.95 3.28
N CYS B 124 41.25 2.40 4.12
CA CYS B 124 39.94 2.88 3.63
C CYS B 124 39.75 4.38 4.01
N PHE B 125 39.55 5.21 3.01
CA PHE B 125 39.25 6.64 3.19
C PHE B 125 37.71 6.77 2.94
N VAL B 126 36.97 7.11 3.97
CA VAL B 126 35.51 7.26 3.83
C VAL B 126 35.19 8.71 3.71
N MET B 127 34.63 9.13 2.56
CA MET B 127 34.29 10.50 2.37
C MET B 127 32.86 10.78 2.92
N ASP B 128 32.73 11.74 3.83
CA ASP B 128 31.38 12.20 4.27
C ASP B 128 30.72 13.00 3.21
N THR B 129 29.36 13.00 3.18
CA THR B 129 28.61 13.59 2.09
C THR B 129 27.92 14.89 2.54
N ARG B 130 28.33 15.99 1.92
CA ARG B 130 27.92 17.34 2.31
C ARG B 130 26.37 17.42 2.42
N GLY B 131 25.89 17.77 3.60
CA GLY B 131 24.46 18.13 3.82
C GLY B 131 23.49 17.01 3.96
N GLN B 132 23.96 15.76 3.82
CA GLN B 132 23.06 14.60 3.93
C GLN B 132 23.06 14.07 5.33
N GLY B 133 23.52 12.85 5.52
CA GLY B 133 23.77 12.29 6.87
C GLY B 133 22.63 12.26 7.86
N SER B 134 21.39 12.06 7.41
CA SER B 134 20.25 12.13 8.32
C SER B 134 19.17 11.07 8.03
N GLY B 135 19.41 10.17 7.11
CA GLY B 135 18.40 9.20 6.69
C GLY B 135 18.66 7.83 7.30
N TRP B 136 19.81 7.24 7.04
CA TRP B 136 20.08 5.89 7.56
C TRP B 136 21.42 5.77 8.31
N LEU B 137 22.26 6.81 8.22
CA LEU B 137 23.56 6.84 8.91
C LEU B 137 23.93 8.30 9.04
N LYS B 138 24.36 8.72 10.23
CA LYS B 138 24.66 10.13 10.46
C LYS B 138 25.88 10.66 9.72
N GLY B 139 25.84 11.95 9.48
CA GLY B 139 26.96 12.63 8.85
C GLY B 139 27.23 13.93 9.59
N ASP B 140 28.38 14.49 9.26
CA ASP B 140 28.93 15.67 9.99
C ASP B 140 29.31 16.86 9.09
N THR B 141 29.10 16.78 7.78
CA THR B 141 29.58 17.82 6.86
C THR B 141 28.39 18.63 6.32
N PRO B 142 28.46 19.98 6.39
CA PRO B 142 27.43 20.84 5.85
C PRO B 142 27.62 21.01 4.36
N ASP B 143 26.55 21.42 3.66
CA ASP B 143 26.65 21.90 2.28
C ASP B 143 26.81 23.45 2.40
N TYR B 144 27.19 24.11 1.32
CA TYR B 144 27.20 25.59 1.15
C TYR B 144 26.72 25.85 -0.26
N PRO B 145 25.67 26.60 -0.42
CA PRO B 145 25.20 26.85 -1.76
C PRO B 145 26.04 27.91 -2.51
N GLU B 146 25.90 27.92 -3.84
CA GLU B 146 26.30 29.04 -4.70
C GLU B 146 25.16 30.11 -4.53
N GLY B 147 25.35 30.93 -3.47
CA GLY B 147 24.40 31.94 -2.99
C GLY B 147 22.95 31.56 -2.67
N PRO B 148 22.01 31.95 -3.56
CA PRO B 148 20.58 31.64 -3.32
C PRO B 148 20.37 30.12 -3.48
N VAL B 149 19.50 29.57 -2.65
CA VAL B 149 19.10 28.16 -2.73
C VAL B 149 17.71 28.17 -3.41
N ASP B 150 17.66 27.93 -4.70
CA ASP B 150 16.44 28.09 -5.50
C ASP B 150 15.33 27.19 -5.00
N PRO B 151 14.07 27.57 -5.32
CA PRO B 151 12.93 26.64 -5.19
C PRO B 151 13.38 25.23 -5.58
N GLN B 152 13.08 24.24 -4.72
CA GLN B 152 13.45 22.83 -4.99
C GLN B 152 12.44 21.88 -4.36
N TYR B 153 12.36 20.66 -4.92
CA TYR B 153 11.68 19.57 -4.27
C TYR B 153 12.54 19.08 -3.08
N PRO B 154 11.93 18.61 -1.98
CA PRO B 154 12.73 18.09 -0.86
C PRO B 154 13.78 17.08 -1.27
N GLY B 155 15.02 17.30 -0.78
CA GLY B 155 16.13 16.37 -1.02
C GLY B 155 17.23 17.05 -1.72
N PHE B 156 18.07 16.25 -2.35
CA PHE B 156 19.35 16.70 -2.93
C PHE B 156 19.35 16.70 -4.44
N MET B 157 18.44 15.92 -5.05
CA MET B 157 18.42 15.76 -6.50
C MET B 157 18.08 17.01 -7.28
N THR B 158 17.28 17.93 -6.73
CA THR B 158 16.87 19.13 -7.45
C THR B 158 17.44 20.42 -6.88
N ARG B 159 18.39 20.27 -5.94
CA ARG B 159 19.01 21.41 -5.32
C ARG B 159 19.97 22.14 -6.30
N GLY B 160 19.55 23.32 -6.74
CA GLY B 160 20.30 24.07 -7.73
C GLY B 160 20.24 23.59 -9.17
N ILE B 161 19.18 22.85 -9.50
CA ILE B 161 19.09 22.15 -10.79
C ILE B 161 18.89 23.05 -11.98
N LEU B 162 18.58 24.32 -11.77
CA LEU B 162 18.35 25.16 -12.90
C LEU B 162 19.66 25.68 -13.55
N ASP B 163 20.83 25.31 -13.01
CA ASP B 163 22.12 25.79 -13.62
C ASP B 163 23.20 24.83 -13.16
N PRO B 164 23.99 24.28 -14.10
CA PRO B 164 25.00 23.35 -13.65
C PRO B 164 25.98 23.99 -12.68
N ARG B 165 26.17 25.29 -12.74
CA ARG B 165 27.09 25.94 -11.78
C ARG B 165 26.57 25.94 -10.36
N THR B 166 25.24 25.89 -10.19
CA THR B 166 24.66 25.88 -8.87
C THR B 166 24.24 24.47 -8.40
N TYR B 167 24.41 23.47 -9.21
CA TYR B 167 23.77 22.18 -8.86
C TYR B 167 24.57 21.45 -7.77
N TYR B 168 23.85 20.91 -6.78
CA TYR B 168 24.41 20.19 -5.65
C TYR B 168 25.58 19.21 -6.00
N TYR B 169 25.41 18.39 -7.04
CA TYR B 169 26.40 17.35 -7.39
C TYR B 169 27.64 17.94 -8.03
N ARG B 170 27.60 19.17 -8.50
CA ARG B 170 28.88 19.82 -8.80
C ARG B 170 29.79 19.90 -7.58
N ARG B 171 29.22 20.17 -6.39
CA ARG B 171 30.01 20.31 -5.18
C ARG B 171 30.43 18.91 -4.61
N VAL B 172 29.52 17.94 -4.67
CA VAL B 172 29.84 16.60 -4.25
C VAL B 172 30.97 15.98 -5.08
N PHE B 173 30.86 16.08 -6.38
CA PHE B 173 31.82 15.40 -7.28
C PHE B 173 33.16 16.08 -7.11
N THR B 174 33.16 17.44 -6.87
CA THR B 174 34.46 18.09 -6.63
C THR B 174 35.08 17.62 -5.36
N ASP B 175 34.25 17.52 -4.30
CA ASP B 175 34.69 17.00 -3.02
C ASP B 175 35.31 15.60 -3.22
N ALA B 176 34.60 14.75 -4.00
CA ALA B 176 35.05 13.37 -4.25
C ALA B 176 36.39 13.26 -4.93
N VAL B 177 36.64 14.13 -5.90
CA VAL B 177 37.96 14.19 -6.56
C VAL B 177 39.04 14.60 -5.59
N ARG B 178 38.75 15.60 -4.77
CA ARG B 178 39.68 16.03 -3.77
C ARG B 178 39.91 15.02 -2.67
N ALA B 179 38.89 14.17 -2.37
CA ALA B 179 39.08 13.12 -1.43
C ALA B 179 40.20 12.14 -1.89
N VAL B 180 40.28 11.85 -3.16
CA VAL B 180 41.27 10.92 -3.66
C VAL B 180 42.68 11.59 -3.45
N GLU B 181 42.75 12.88 -3.73
CA GLU B 181 44.00 13.67 -3.50
C GLU B 181 44.40 13.62 -2.01
N ALA B 182 43.45 13.73 -1.10
CA ALA B 182 43.69 13.64 0.28
C ALA B 182 44.14 12.23 0.70
N ALA B 183 43.47 11.22 0.23
CA ALA B 183 43.89 9.84 0.52
C ALA B 183 45.33 9.59 0.08
N ALA B 184 45.61 9.99 -1.15
CA ALA B 184 46.95 9.83 -1.78
C ALA B 184 48.02 10.53 -0.97
N SER B 185 47.66 11.58 -0.25
CA SER B 185 48.59 12.32 0.58
C SER B 185 49.03 11.58 1.83
N PHE B 186 48.28 10.57 2.28
CA PHE B 186 48.66 9.89 3.51
C PHE B 186 49.90 8.97 3.28
N PRO B 187 50.97 9.10 4.10
CA PRO B 187 52.24 8.48 3.72
C PRO B 187 52.18 6.96 3.52
N GLN B 188 51.32 6.24 4.23
CA GLN B 188 51.25 4.77 4.07
C GLN B 188 50.48 4.33 2.82
N VAL B 189 49.83 5.22 2.07
CA VAL B 189 49.11 4.79 0.90
C VAL B 189 49.99 4.55 -0.32
N ASP B 190 49.81 3.40 -0.93
CA ASP B 190 50.46 3.14 -2.19
C ASP B 190 49.68 3.79 -3.33
N GLN B 191 50.26 4.82 -3.93
CA GLN B 191 49.58 5.59 -4.98
C GLN B 191 49.38 4.81 -6.27
N GLU B 192 50.04 3.67 -6.42
CA GLU B 192 49.72 2.79 -7.54
C GLU B 192 48.45 1.95 -7.33
N ARG B 193 47.91 1.91 -6.12
CA ARG B 193 46.79 1.01 -5.81
C ARG B 193 45.68 1.75 -5.00
N ILE B 194 45.32 2.89 -5.56
CA ILE B 194 44.16 3.71 -5.11
C ILE B 194 42.94 3.32 -5.91
N VAL B 195 41.98 2.75 -5.18
CA VAL B 195 40.70 2.30 -5.72
C VAL B 195 39.59 3.31 -5.28
N ILE B 196 38.64 3.59 -6.17
CA ILE B 196 37.50 4.40 -5.87
C ILE B 196 36.29 3.42 -5.94
N ALA B 197 35.43 3.54 -4.95
CA ALA B 197 34.34 2.61 -4.83
C ALA B 197 33.05 3.27 -4.29
N GLY B 198 31.93 2.76 -4.76
CA GLY B 198 30.66 3.05 -4.18
C GLY B 198 29.54 2.29 -4.79
N GLY B 199 28.47 2.29 -4.03
CA GLY B 199 27.16 1.71 -4.46
C GLY B 199 26.07 2.78 -4.52
N SER B 200 25.28 2.72 -5.61
CA SER B 200 24.08 3.62 -5.81
C SER B 200 24.61 5.07 -5.90
N GLN B 201 24.22 5.99 -5.01
CA GLN B 201 24.81 7.36 -5.04
C GLN B 201 26.35 7.26 -5.02
N GLY B 202 26.85 6.40 -4.19
CA GLY B 202 28.29 6.08 -4.15
C GLY B 202 28.90 5.66 -5.44
N GLY B 203 28.20 4.83 -6.20
CA GLY B 203 28.61 4.40 -7.49
C GLY B 203 28.61 5.48 -8.51
N GLY B 204 27.60 6.34 -8.46
CA GLY B 204 27.54 7.49 -9.31
C GLY B 204 28.65 8.50 -9.12
N ILE B 205 28.92 8.77 -7.86
CA ILE B 205 30.02 9.62 -7.46
C ILE B 205 31.36 8.99 -7.98
N ALA B 206 31.58 7.72 -7.68
CA ALA B 206 32.78 6.98 -8.13
C ALA B 206 32.91 6.96 -9.62
N LEU B 207 31.81 6.91 -10.38
CA LEU B 207 31.93 7.04 -11.82
C LEU B 207 32.40 8.40 -12.30
N ALA B 208 31.86 9.46 -11.71
CA ALA B 208 32.33 10.81 -12.03
C ALA B 208 33.83 10.87 -11.74
N VAL B 209 34.22 10.33 -10.59
CA VAL B 209 35.61 10.44 -10.15
C VAL B 209 36.56 9.62 -11.08
N SER B 210 36.07 8.52 -11.61
CA SER B 210 36.86 7.71 -12.56
C SER B 210 37.22 8.51 -13.79
N ALA B 211 36.43 9.50 -14.17
CA ALA B 211 36.70 10.34 -15.31
C ALA B 211 37.50 11.60 -14.94
N LEU B 212 37.34 12.08 -13.73
CA LEU B 212 37.85 13.39 -13.34
C LEU B 212 39.14 13.33 -12.56
N SER B 213 39.36 12.26 -11.82
CA SER B 213 40.55 12.20 -10.99
C SER B 213 41.74 11.77 -11.83
N LYS B 214 42.89 12.36 -11.63
CA LYS B 214 44.11 11.87 -12.33
C LYS B 214 44.84 10.79 -11.50
N LYS B 215 44.33 10.52 -10.29
CA LYS B 215 44.98 9.67 -9.30
C LYS B 215 44.33 8.33 -9.06
N ALA B 216 43.06 8.16 -9.42
CA ALA B 216 42.40 6.88 -9.19
C ALA B 216 43.00 5.83 -10.11
N LYS B 217 43.16 4.60 -9.64
CA LYS B 217 43.73 3.49 -10.43
C LYS B 217 42.78 2.32 -10.76
N ALA B 218 41.65 2.22 -10.03
CA ALA B 218 40.62 1.24 -10.34
C ALA B 218 39.27 1.69 -9.71
N LEU B 219 38.19 1.26 -10.34
CA LEU B 219 36.81 1.68 -9.94
C LEU B 219 36.00 0.43 -9.58
N LEU B 220 35.36 0.46 -8.43
CA LEU B 220 34.30 -0.48 -8.06
C LEU B 220 32.96 0.31 -8.10
N CYS B 221 32.04 -0.08 -8.98
CA CYS B 221 30.85 0.69 -9.25
C CYS B 221 29.61 -0.20 -9.19
N ASP B 222 28.94 -0.20 -8.05
CA ASP B 222 27.76 -1.07 -7.80
C ASP B 222 26.47 -0.34 -7.97
N VAL B 223 25.52 -0.96 -8.66
CA VAL B 223 24.14 -0.51 -8.79
C VAL B 223 24.05 1.02 -8.94
N PRO B 224 24.82 1.58 -9.89
CA PRO B 224 25.00 3.01 -9.82
C PRO B 224 23.80 3.88 -10.09
N PHE B 225 23.70 4.91 -9.27
CA PHE B 225 22.71 5.97 -9.36
C PHE B 225 23.38 7.10 -10.13
N LEU B 226 22.60 8.15 -10.44
CA LEU B 226 23.05 9.34 -11.18
C LEU B 226 23.42 9.00 -12.62
N CYS B 227 22.70 8.06 -13.23
CA CYS B 227 22.99 7.56 -14.64
C CYS B 227 21.74 7.61 -15.46
N HIS B 228 21.86 8.20 -16.63
CA HIS B 228 20.83 8.09 -17.66
C HIS B 228 19.50 8.68 -17.15
N PHE B 229 19.60 9.90 -16.64
CA PHE B 229 18.49 10.53 -15.88
C PHE B 229 17.22 10.57 -16.71
N ARG B 230 17.31 10.90 -18.01
CA ARG B 230 16.11 11.08 -18.81
C ARG B 230 15.31 9.79 -18.89
N ARG B 231 15.98 8.65 -19.02
CA ARG B 231 15.31 7.38 -19.05
C ARG B 231 14.87 6.95 -17.63
N ALA B 232 15.70 7.22 -16.62
CA ALA B 232 15.36 6.80 -15.24
C ALA B 232 13.98 7.37 -14.82
N VAL B 233 13.75 8.66 -15.08
CA VAL B 233 12.48 9.27 -14.69
C VAL B 233 11.28 8.78 -15.50
N GLN B 234 11.51 8.22 -16.68
CA GLN B 234 10.44 7.60 -17.44
C GLN B 234 10.14 6.21 -16.99
N LEU B 235 11.08 5.57 -16.33
CA LEU B 235 10.89 4.18 -16.04
C LEU B 235 10.38 3.89 -14.67
N VAL B 236 10.80 4.65 -13.67
CA VAL B 236 10.45 4.31 -12.27
C VAL B 236 9.87 5.53 -11.56
N ASP B 237 9.10 5.27 -10.51
CA ASP B 237 8.53 6.34 -9.70
C ASP B 237 9.06 6.27 -8.29
N THR B 238 10.15 5.55 -8.10
CA THR B 238 10.87 5.46 -6.85
C THR B 238 11.72 6.66 -6.55
N HIS B 239 11.97 6.87 -5.28
CA HIS B 239 12.98 7.82 -4.83
C HIS B 239 14.37 7.17 -4.82
N PRO B 240 15.44 7.91 -5.12
CA PRO B 240 15.34 9.41 -5.28
C PRO B 240 15.10 9.95 -6.70
N TYR B 241 15.06 9.14 -7.75
CA TYR B 241 14.81 9.71 -9.10
C TYR B 241 13.50 10.53 -9.13
N ALA B 242 12.50 10.08 -8.37
CA ALA B 242 11.18 10.76 -8.37
C ALA B 242 11.24 12.21 -7.87
N GLU B 243 12.28 12.60 -7.10
CA GLU B 243 12.48 14.05 -6.75
C GLU B 243 12.51 14.89 -8.05
N ILE B 244 13.20 14.37 -9.05
CA ILE B 244 13.31 15.05 -10.35
C ILE B 244 11.99 15.10 -11.03
N THR B 245 11.32 13.94 -11.14
CA THR B 245 10.01 13.93 -11.82
C THR B 245 9.02 14.90 -11.15
N ASN B 246 9.05 14.94 -9.81
CA ASN B 246 8.13 15.77 -9.04
C ASN B 246 8.41 17.26 -9.21
N PHE B 247 9.66 17.63 -9.30
CA PHE B 247 10.05 19.03 -9.67
C PHE B 247 9.54 19.37 -11.09
N LEU B 248 9.70 18.46 -12.03
CA LEU B 248 9.21 18.66 -13.41
C LEU B 248 7.67 18.75 -13.49
N LYS B 249 6.97 18.02 -12.60
CA LYS B 249 5.50 18.05 -12.58
C LYS B 249 4.96 19.44 -12.21
N THR B 250 5.76 20.22 -11.49
CA THR B 250 5.43 21.54 -11.06
C THR B 250 6.04 22.60 -11.93
N HIS B 251 7.32 22.48 -12.29
CA HIS B 251 7.98 23.48 -13.09
C HIS B 251 7.93 23.03 -14.52
N ARG B 252 6.75 23.11 -15.10
CA ARG B 252 6.49 22.53 -16.41
C ARG B 252 7.20 23.28 -17.52
N ASP B 253 7.63 24.50 -17.27
CA ASP B 253 8.37 25.31 -18.19
C ASP B 253 9.88 25.05 -18.15
N LYS B 254 10.33 24.13 -17.28
CA LYS B 254 11.78 23.94 -17.05
C LYS B 254 12.35 22.59 -17.51
N GLU B 255 11.57 21.83 -18.30
CA GLU B 255 12.03 20.52 -18.74
C GLU B 255 13.43 20.53 -19.46
N GLU B 256 13.55 21.37 -20.49
CA GLU B 256 14.84 21.44 -21.25
C GLU B 256 16.00 21.82 -20.34
N ILE B 257 15.84 22.84 -19.49
CA ILE B 257 16.86 23.36 -18.59
C ILE B 257 17.27 22.31 -17.58
N VAL B 258 16.30 21.58 -17.01
CA VAL B 258 16.60 20.53 -16.06
C VAL B 258 17.45 19.44 -16.66
N PHE B 259 17.07 18.92 -17.81
CA PHE B 259 17.91 17.90 -18.43
C PHE B 259 19.23 18.37 -18.97
N ARG B 260 19.27 19.61 -19.39
CA ARG B 260 20.55 20.23 -19.74
C ARG B 260 21.49 20.25 -18.55
N THR B 261 21.01 20.68 -17.38
CA THR B 261 21.84 20.72 -16.20
C THR B 261 22.31 19.31 -15.85
N LEU B 262 21.38 18.36 -15.87
CA LEU B 262 21.67 17.01 -15.45
C LEU B 262 22.69 16.32 -16.37
N SER B 263 22.73 16.72 -17.65
CA SER B 263 23.69 16.10 -18.58
C SER B 263 25.17 16.24 -18.13
N TYR B 264 25.48 17.31 -17.42
CA TYR B 264 26.82 17.53 -16.89
C TYR B 264 27.23 16.58 -15.75
N PHE B 265 26.25 15.84 -15.15
CA PHE B 265 26.46 15.02 -13.92
C PHE B 265 26.13 13.55 -14.18
N ASP B 266 25.86 13.21 -15.43
CA ASP B 266 25.33 11.93 -15.82
C ASP B 266 26.47 10.92 -15.94
N GLY B 267 26.41 9.87 -15.12
CA GLY B 267 27.35 8.77 -15.11
C GLY B 267 27.66 8.23 -16.52
N VAL B 268 26.73 8.27 -17.45
CA VAL B 268 26.95 7.73 -18.79
C VAL B 268 28.02 8.60 -19.49
N ASN B 269 27.91 9.90 -19.30
CA ASN B 269 28.85 10.84 -19.88
C ASN B 269 30.24 10.76 -19.30
N PHE B 270 30.35 10.53 -18.00
CA PHE B 270 31.63 10.22 -17.37
C PHE B 270 32.20 8.89 -17.78
N ALA B 271 31.35 7.86 -17.87
CA ALA B 271 31.83 6.54 -18.23
C ALA B 271 32.62 6.57 -19.58
N ALA B 272 32.10 7.32 -20.54
CA ALA B 272 32.71 7.39 -21.89
C ALA B 272 34.11 7.99 -21.85
N ARG B 273 34.44 8.71 -20.79
CA ARG B 273 35.73 9.41 -20.59
C ARG B 273 36.67 8.69 -19.65
N ALA B 274 36.23 7.64 -18.98
CA ALA B 274 37.02 7.00 -17.96
C ALA B 274 37.96 5.93 -18.57
N LYS B 275 39.16 5.77 -17.99
CA LYS B 275 40.19 4.84 -18.62
C LYS B 275 40.60 3.73 -17.75
N ILE B 276 40.34 3.87 -16.47
CA ILE B 276 40.83 2.93 -15.49
C ILE B 276 39.99 1.65 -15.44
N PRO B 277 40.63 0.55 -14.98
CA PRO B 277 39.90 -0.70 -14.98
C PRO B 277 38.72 -0.62 -13.96
N ALA B 278 37.62 -1.30 -14.26
CA ALA B 278 36.46 -1.23 -13.41
C ALA B 278 35.76 -2.60 -13.26
N LEU B 279 35.13 -2.77 -12.10
CA LEU B 279 34.21 -3.84 -11.87
C LEU B 279 32.85 -3.22 -11.51
N PHE B 280 31.85 -3.52 -12.33
CA PHE B 280 30.44 -3.07 -12.10
C PHE B 280 29.60 -4.23 -11.52
N SER B 281 28.46 -3.87 -10.94
CA SER B 281 27.41 -4.85 -10.63
C SER B 281 26.05 -4.22 -10.88
N VAL B 282 25.04 -5.06 -11.10
CA VAL B 282 23.74 -4.64 -11.43
C VAL B 282 22.77 -5.73 -10.94
N GLY B 283 21.63 -5.25 -10.44
CA GLY B 283 20.48 -6.10 -10.12
C GLY B 283 19.41 -5.95 -11.19
N LEU B 284 19.00 -7.06 -11.81
CA LEU B 284 18.03 -6.98 -12.85
C LEU B 284 16.60 -6.64 -12.39
N MET B 285 16.33 -6.70 -11.11
CA MET B 285 15.02 -6.31 -10.58
C MET B 285 15.10 -5.04 -9.73
N ASP B 286 16.20 -4.29 -9.88
CA ASP B 286 16.43 -3.06 -9.14
C ASP B 286 15.58 -1.97 -9.73
N ASN B 287 14.59 -1.47 -8.93
CA ASN B 287 13.71 -0.40 -9.41
C ASN B 287 14.13 0.92 -8.83
N ILE B 288 15.24 0.98 -8.12
CA ILE B 288 15.79 2.26 -7.69
C ILE B 288 16.76 2.82 -8.78
N CYS B 289 17.68 1.96 -9.22
CA CYS B 289 18.60 2.21 -10.29
C CYS B 289 18.27 1.20 -11.40
N PRO B 290 17.41 1.60 -12.31
CA PRO B 290 16.93 0.56 -13.27
C PRO B 290 18.06 0.00 -14.14
N PRO B 291 17.94 -1.28 -14.52
CA PRO B 291 19.04 -1.96 -15.21
C PRO B 291 19.48 -1.26 -16.52
N SER B 292 18.56 -0.66 -17.25
CA SER B 292 18.87 0.03 -18.50
C SER B 292 19.79 1.26 -18.21
N THR B 293 19.62 1.91 -17.03
CA THR B 293 20.45 3.08 -16.68
C THR B 293 21.84 2.63 -16.34
N VAL B 294 21.95 1.51 -15.64
CA VAL B 294 23.21 0.98 -15.25
C VAL B 294 23.94 0.44 -16.47
N PHE B 295 23.23 -0.27 -17.35
CA PHE B 295 23.89 -0.81 -18.55
C PHE B 295 24.33 0.28 -19.52
N ALA B 296 23.56 1.37 -19.60
CA ALA B 296 23.99 2.49 -20.45
C ALA B 296 25.35 3.03 -20.02
N ALA B 297 25.53 3.15 -18.72
CA ALA B 297 26.81 3.56 -18.17
C ALA B 297 27.91 2.50 -18.37
N TYR B 298 27.63 1.24 -18.06
CA TYR B 298 28.59 0.20 -18.27
C TYR B 298 28.99 0.03 -19.77
N ASN B 299 28.01 0.13 -20.66
CA ASN B 299 28.29 -0.06 -22.09
C ASN B 299 29.12 1.07 -22.67
N TYR B 300 28.96 2.30 -22.16
CA TYR B 300 29.81 3.38 -22.56
C TYR B 300 31.15 3.43 -21.82
N TYR B 301 31.30 2.70 -20.72
CA TYR B 301 32.55 2.79 -19.93
C TYR B 301 33.76 2.39 -20.85
N ALA B 302 34.80 3.21 -20.86
CA ALA B 302 35.90 3.13 -21.87
C ALA B 302 37.18 2.46 -21.33
N GLY B 303 37.21 2.18 -20.04
CA GLY B 303 38.34 1.43 -19.46
C GLY B 303 38.10 -0.05 -19.55
N PRO B 304 39.13 -0.86 -19.24
CA PRO B 304 38.91 -2.31 -19.21
C PRO B 304 37.85 -2.67 -18.12
N LYS B 305 36.91 -3.55 -18.39
CA LYS B 305 35.77 -3.62 -17.51
C LYS B 305 35.17 -4.98 -17.44
N GLU B 306 34.48 -5.21 -16.35
CA GLU B 306 33.67 -6.45 -16.17
C GLU B 306 32.43 -6.07 -15.37
N ILE B 307 31.37 -6.85 -15.54
CA ILE B 307 30.14 -6.53 -14.79
C ILE B 307 29.63 -7.83 -14.20
N ARG B 308 29.21 -7.80 -12.94
CA ARG B 308 28.56 -8.98 -12.32
C ARG B 308 27.05 -8.73 -12.36
N ILE B 309 26.29 -9.67 -12.96
CA ILE B 309 24.86 -9.51 -13.22
C ILE B 309 24.07 -10.39 -12.28
N TYR B 310 23.17 -9.80 -11.47
CA TYR B 310 22.43 -10.52 -10.44
C TYR B 310 20.95 -10.47 -10.89
N PRO B 311 20.50 -11.53 -11.59
CA PRO B 311 19.20 -11.43 -12.25
C PRO B 311 17.97 -11.35 -11.33
N TYR B 312 18.08 -11.86 -10.10
CA TYR B 312 16.91 -11.92 -9.17
C TYR B 312 16.99 -10.86 -8.10
N ASN B 313 18.09 -10.10 -8.05
CA ASN B 313 18.24 -9.15 -7.01
C ASN B 313 17.66 -7.75 -7.36
N ASN B 314 17.10 -7.07 -6.34
N ASN B 314 17.13 -7.10 -6.35
CA ASN B 314 16.66 -5.65 -6.43
CA ASN B 314 16.68 -5.75 -6.47
C ASN B 314 17.91 -4.83 -6.14
C ASN B 314 17.89 -4.84 -6.15
N HIS B 315 17.72 -3.73 -5.44
CA HIS B 315 18.78 -2.73 -5.27
C HIS B 315 19.88 -3.18 -4.36
N GLU B 316 19.67 -4.29 -3.63
CA GLU B 316 20.75 -4.85 -2.87
C GLU B 316 21.87 -5.41 -3.75
N GLY B 317 21.59 -5.63 -5.03
CA GLY B 317 22.54 -6.19 -5.95
C GLY B 317 23.07 -7.55 -5.50
N GLY B 318 24.38 -7.71 -5.66
CA GLY B 318 25.08 -8.85 -5.21
C GLY B 318 25.39 -8.97 -3.75
N GLY B 319 25.20 -7.91 -2.96
CA GLY B 319 25.45 -7.95 -1.52
C GLY B 319 26.84 -8.48 -1.17
N SER B 320 26.84 -9.40 -0.23
CA SER B 320 28.09 -9.95 0.27
C SER B 320 28.83 -10.80 -0.74
N PHE B 321 28.10 -11.40 -1.69
CA PHE B 321 28.72 -12.14 -2.81
CA PHE B 321 28.72 -12.15 -2.80
C PHE B 321 29.57 -11.21 -3.65
N GLN B 322 29.05 -10.02 -3.95
CA GLN B 322 29.77 -9.01 -4.78
C GLN B 322 31.00 -8.51 -4.06
N ALA B 323 30.93 -8.39 -2.76
CA ALA B 323 32.09 -7.95 -1.97
C ALA B 323 33.29 -8.95 -2.24
N VAL B 324 33.02 -10.24 -2.28
CA VAL B 324 34.07 -11.21 -2.59
C VAL B 324 34.57 -11.09 -4.04
N GLU B 325 33.66 -10.81 -4.98
CA GLU B 325 34.07 -10.55 -6.35
C GLU B 325 35.02 -9.38 -6.41
N GLN B 326 34.76 -8.35 -5.60
CA GLN B 326 35.60 -7.13 -5.64
C GLN B 326 37.02 -7.43 -5.18
N VAL B 327 37.11 -8.12 -4.06
CA VAL B 327 38.37 -8.52 -3.51
C VAL B 327 39.19 -9.33 -4.52
N LYS B 328 38.55 -10.27 -5.20
CA LYS B 328 39.27 -11.10 -6.18
C LYS B 328 39.70 -10.27 -7.40
N PHE B 329 38.79 -9.43 -7.85
CA PHE B 329 39.08 -8.55 -8.94
C PHE B 329 40.30 -7.66 -8.65
N LEU B 330 40.35 -7.08 -7.46
CA LEU B 330 41.47 -6.19 -7.12
C LEU B 330 42.78 -7.07 -6.98
N LYS B 331 42.70 -8.22 -6.34
CA LYS B 331 43.92 -9.04 -6.18
C LYS B 331 44.55 -9.30 -7.55
N LYS B 332 43.74 -9.81 -8.49
CA LYS B 332 44.19 -10.07 -9.84
C LYS B 332 44.72 -8.85 -10.52
N LEU B 333 43.99 -7.71 -10.41
CA LEU B 333 44.45 -6.53 -11.10
C LEU B 333 45.80 -6.07 -10.59
N PHE B 334 45.97 -6.13 -9.27
CA PHE B 334 47.14 -5.54 -8.65
C PHE B 334 48.34 -6.51 -8.55
N GLU B 335 48.15 -7.73 -9.06
CA GLU B 335 49.20 -8.70 -9.50
C GLU B 335 50.02 -9.11 -8.33
N PHE C 16 4.15 4.07 -18.73
CA PHE C 16 3.33 2.81 -18.71
C PHE C 16 2.56 2.50 -20.04
N ASP C 17 2.20 3.50 -20.85
CA ASP C 17 1.35 3.26 -22.04
C ASP C 17 2.30 3.24 -23.29
N LEU C 18 1.72 3.26 -24.48
CA LEU C 18 2.48 3.48 -25.68
C LEU C 18 3.44 4.71 -25.58
N PRO C 19 4.64 4.62 -26.18
CA PRO C 19 5.55 5.76 -26.31
C PRO C 19 4.92 6.88 -27.13
N LEU C 20 5.38 8.12 -26.89
CA LEU C 20 4.72 9.30 -27.42
C LEU C 20 4.65 9.24 -28.97
N GLU C 21 5.69 8.74 -29.62
CA GLU C 21 5.64 8.76 -31.09
C GLU C 21 4.65 7.74 -31.61
N GLU C 22 4.39 6.67 -30.86
CA GLU C 22 3.26 5.78 -31.19
C GLU C 22 1.85 6.34 -30.83
N LEU C 23 1.76 7.02 -29.68
CA LEU C 23 0.52 7.71 -29.30
C LEU C 23 0.07 8.67 -30.38
N LYS C 24 1.02 9.37 -31.00
CA LYS C 24 0.70 10.39 -31.96
C LYS C 24 0.10 9.77 -33.23
N LYS C 25 0.30 8.49 -33.46
CA LYS C 25 -0.30 7.84 -34.65
C LYS C 25 -1.30 6.77 -34.29
N TYR C 26 -1.72 6.70 -33.01
CA TYR C 26 -2.61 5.64 -32.54
C TYR C 26 -4.03 5.97 -33.02
N ARG C 27 -4.53 5.22 -33.99
CA ARG C 27 -5.86 5.41 -34.52
C ARG C 27 -6.48 3.99 -34.60
N PRO C 28 -6.93 3.47 -33.45
CA PRO C 28 -7.43 2.09 -33.48
C PRO C 28 -8.76 2.03 -34.23
N GLU C 29 -9.13 0.86 -34.73
CA GLU C 29 -10.42 0.68 -35.45
C GLU C 29 -11.55 1.05 -34.51
N ARG C 30 -12.42 1.95 -34.93
CA ARG C 30 -13.54 2.34 -34.07
C ARG C 30 -14.64 1.30 -34.09
N TYR C 31 -15.36 1.15 -33.00
CA TYR C 31 -16.51 0.30 -33.00
C TYR C 31 -17.72 1.10 -32.57
N GLU C 32 -18.74 1.11 -33.44
CA GLU C 32 -20.07 1.67 -33.15
C GLU C 32 -21.10 0.84 -33.88
N GLU C 33 -22.32 0.84 -33.36
CA GLU C 33 -23.47 0.24 -34.02
C GLU C 33 -23.95 1.13 -35.14
N LYS C 34 -24.70 0.53 -36.07
CA LYS C 34 -25.15 1.24 -37.27
C LYS C 34 -26.09 2.35 -36.98
N ASP C 35 -26.82 2.26 -35.88
CA ASP C 35 -27.79 3.25 -35.46
C ASP C 35 -27.31 4.33 -34.41
N PHE C 36 -26.03 4.56 -34.29
CA PHE C 36 -25.45 5.54 -33.34
C PHE C 36 -26.09 6.90 -33.53
N ASP C 37 -26.04 7.41 -34.76
CA ASP C 37 -26.64 8.74 -34.99
C ASP C 37 -28.14 8.79 -34.70
N GLU C 38 -28.84 7.73 -35.07
CA GLU C 38 -30.28 7.69 -34.92
C GLU C 38 -30.64 7.65 -33.44
N PHE C 39 -29.85 6.90 -32.68
CA PHE C 39 -30.05 6.83 -31.25
C PHE C 39 -29.99 8.22 -30.60
N TRP C 40 -28.98 9.00 -30.98
CA TRP C 40 -28.80 10.37 -30.45
C TRP C 40 -29.81 11.37 -31.02
N GLU C 41 -30.10 11.27 -32.33
CA GLU C 41 -31.22 12.08 -32.90
C GLU C 41 -32.50 11.91 -32.16
N GLU C 42 -32.92 10.68 -31.94
CA GLU C 42 -34.14 10.34 -31.23
C GLU C 42 -34.12 10.79 -29.77
N THR C 43 -32.98 10.57 -29.09
CA THR C 43 -32.80 11.05 -27.72
C THR C 43 -32.97 12.59 -27.59
N LEU C 44 -32.27 13.34 -28.40
CA LEU C 44 -32.30 14.77 -28.30
C LEU C 44 -33.66 15.31 -28.71
N ALA C 45 -34.24 14.74 -29.77
CA ALA C 45 -35.64 15.12 -30.17
C ALA C 45 -36.65 14.93 -29.07
N GLU C 46 -36.60 13.79 -28.39
CA GLU C 46 -37.53 13.52 -27.34
C GLU C 46 -37.38 14.54 -26.20
N SER C 47 -36.16 14.96 -25.88
CA SER C 47 -36.00 15.89 -24.77
C SER C 47 -36.33 17.33 -25.19
N GLU C 48 -36.17 17.63 -26.48
CA GLU C 48 -36.56 18.94 -27.01
C GLU C 48 -38.08 19.18 -26.94
N LYS C 49 -38.88 18.15 -26.69
CA LYS C 49 -40.34 18.29 -26.54
C LYS C 49 -40.77 18.97 -25.25
N PHE C 50 -39.87 19.10 -24.26
CA PHE C 50 -40.18 19.85 -23.07
C PHE C 50 -39.58 21.23 -23.18
N PRO C 51 -40.28 22.22 -22.65
CA PRO C 51 -39.70 23.54 -22.73
C PRO C 51 -38.43 23.58 -21.83
N LEU C 52 -37.39 24.19 -22.38
CA LEU C 52 -36.14 24.44 -21.67
C LEU C 52 -36.36 25.20 -20.38
N ASP C 53 -37.19 26.25 -20.43
CA ASP C 53 -37.56 27.07 -19.31
C ASP C 53 -36.34 27.41 -18.41
N PRO C 54 -35.37 28.09 -18.99
CA PRO C 54 -34.20 28.48 -18.21
C PRO C 54 -34.51 29.56 -17.20
N VAL C 55 -34.13 29.33 -15.92
CA VAL C 55 -34.32 30.27 -14.79
C VAL C 55 -32.95 30.75 -14.28
N PHE C 56 -32.76 32.07 -14.19
CA PHE C 56 -31.52 32.69 -13.70
C PHE C 56 -31.87 33.60 -12.51
N GLU C 57 -31.77 33.05 -11.32
CA GLU C 57 -32.15 33.73 -10.10
C GLU C 57 -30.89 34.18 -9.34
N ARG C 58 -30.74 35.51 -9.21
CA ARG C 58 -29.58 36.09 -8.54
C ARG C 58 -29.53 35.60 -7.09
N MET C 59 -28.34 35.20 -6.70
CA MET C 59 -27.95 34.44 -5.53
C MET C 59 -27.29 35.44 -4.62
N GLU C 60 -27.64 35.45 -3.32
CA GLU C 60 -27.04 36.41 -2.36
C GLU C 60 -25.79 35.66 -2.10
N SER C 61 -24.76 36.02 -2.82
CA SER C 61 -23.48 35.51 -2.50
C SER C 61 -22.87 36.83 -1.97
N HIS C 62 -21.65 36.66 -1.54
CA HIS C 62 -20.80 37.69 -1.09
C HIS C 62 -19.84 38.12 -2.18
N LEU C 63 -19.96 37.55 -3.40
CA LEU C 63 -19.03 37.89 -4.50
C LEU C 63 -19.29 39.33 -4.93
N LYS C 64 -18.22 40.06 -5.20
CA LYS C 64 -18.24 41.45 -5.54
C LYS C 64 -17.76 41.70 -6.94
N THR C 65 -16.93 40.86 -7.52
CA THR C 65 -16.52 41.08 -8.91
C THR C 65 -17.32 40.25 -9.95
N VAL C 66 -18.25 39.44 -9.46
CA VAL C 66 -19.05 38.50 -10.20
C VAL C 66 -20.46 38.57 -9.66
N GLU C 67 -21.47 38.45 -10.51
CA GLU C 67 -22.84 38.24 -10.08
C GLU C 67 -23.17 36.77 -10.35
N ALA C 68 -23.66 36.09 -9.32
CA ALA C 68 -23.93 34.65 -9.40
C ALA C 68 -25.41 34.40 -9.47
N TYR C 69 -25.81 33.60 -10.44
CA TYR C 69 -27.20 33.18 -10.57
C TYR C 69 -27.32 31.69 -10.27
N ASP C 70 -28.34 31.34 -9.51
CA ASP C 70 -28.83 29.97 -9.36
C ASP C 70 -29.57 29.62 -10.63
N VAL C 71 -29.14 28.59 -11.31
CA VAL C 71 -29.70 28.21 -12.65
C VAL C 71 -30.53 26.99 -12.47
N THR C 72 -31.68 26.98 -13.15
CA THR C 72 -32.44 25.78 -13.37
C THR C 72 -32.83 25.71 -14.89
N PHE C 73 -32.71 24.53 -15.48
CA PHE C 73 -33.07 24.30 -16.89
C PHE C 73 -33.51 22.86 -17.12
N SER C 74 -34.28 22.63 -18.20
CA SER C 74 -34.76 21.29 -18.51
C SER C 74 -33.78 20.51 -19.38
N GLY C 75 -33.32 19.37 -18.84
CA GLY C 75 -32.35 18.54 -19.53
C GLY C 75 -33.07 17.29 -20.06
N TYR C 76 -32.53 16.12 -19.72
CA TYR C 76 -33.12 14.87 -20.14
C TYR C 76 -34.58 14.70 -19.75
N ARG C 77 -35.43 14.49 -20.77
CA ARG C 77 -36.87 14.25 -20.53
C ARG C 77 -37.56 15.29 -19.62
N GLY C 78 -37.16 16.54 -19.75
CA GLY C 78 -37.76 17.61 -18.99
C GLY C 78 -37.31 17.75 -17.54
N GLN C 79 -36.33 16.94 -17.12
CA GLN C 79 -35.90 16.86 -15.72
C GLN C 79 -35.08 18.13 -15.43
N ARG C 80 -35.32 18.71 -14.24
CA ARG C 80 -34.89 20.08 -13.91
C ARG C 80 -33.48 19.95 -13.34
N ILE C 81 -32.52 20.50 -14.07
CA ILE C 81 -31.08 20.35 -13.76
C ILE C 81 -30.65 21.67 -13.15
N LYS C 82 -29.84 21.61 -12.07
CA LYS C 82 -29.25 22.79 -11.47
C LYS C 82 -27.98 23.25 -12.13
N GLY C 83 -27.61 24.50 -11.90
CA GLY C 83 -26.33 25.02 -12.26
C GLY C 83 -26.01 26.38 -11.64
N TRP C 84 -24.84 26.92 -12.01
CA TRP C 84 -24.48 28.32 -11.66
C TRP C 84 -24.22 29.08 -12.94
N LEU C 85 -24.62 30.37 -12.96
CA LEU C 85 -24.14 31.28 -13.96
C LEU C 85 -23.42 32.39 -13.25
N LEU C 86 -22.17 32.58 -13.61
CA LEU C 86 -21.33 33.60 -13.04
C LEU C 86 -21.03 34.62 -14.15
N VAL C 87 -21.42 35.88 -13.91
CA VAL C 87 -21.21 36.96 -14.83
C VAL C 87 -20.17 37.92 -14.26
N PRO C 88 -19.03 38.09 -14.95
CA PRO C 88 -18.05 39.04 -14.46
C PRO C 88 -18.61 40.50 -14.57
N LYS C 89 -18.23 41.41 -13.68
CA LYS C 89 -18.77 42.80 -13.67
C LYS C 89 -17.99 43.61 -14.68
N LEU C 90 -18.43 43.56 -15.92
CA LEU C 90 -17.75 44.29 -16.97
C LEU C 90 -18.67 45.16 -17.84
N GLU C 91 -18.13 46.30 -18.27
CA GLU C 91 -18.77 47.16 -19.31
C GLU C 91 -19.61 46.36 -20.35
N GLU C 92 -18.95 45.48 -21.12
CA GLU C 92 -19.47 44.86 -22.36
C GLU C 92 -20.86 44.16 -22.37
N GLU C 93 -21.73 44.53 -23.30
CA GLU C 93 -23.14 44.04 -23.38
C GLU C 93 -23.31 42.55 -23.79
N LYS C 94 -22.29 41.99 -24.44
CA LYS C 94 -22.36 40.62 -24.89
C LYS C 94 -21.02 40.00 -24.67
N LEU C 95 -20.94 39.08 -23.71
CA LEU C 95 -19.68 38.49 -23.31
C LEU C 95 -19.53 37.03 -23.82
N PRO C 96 -18.31 36.56 -24.01
CA PRO C 96 -18.06 35.15 -24.33
C PRO C 96 -18.42 34.29 -23.11
N CYS C 97 -18.73 33.04 -23.38
CA CYS C 97 -19.23 32.16 -22.31
C CYS C 97 -18.52 30.84 -22.32
N VAL C 98 -18.20 30.30 -21.13
CA VAL C 98 -17.71 28.95 -21.03
C VAL C 98 -18.72 28.13 -20.28
N VAL C 99 -19.23 27.05 -20.89
CA VAL C 99 -20.05 26.09 -20.25
C VAL C 99 -19.11 24.97 -19.72
N GLN C 100 -19.12 24.80 -18.40
CA GLN C 100 -18.20 23.97 -17.66
C GLN C 100 -18.91 22.74 -17.14
N TYR C 101 -18.39 21.57 -17.47
CA TYR C 101 -18.89 20.28 -16.97
C TYR C 101 -17.92 19.70 -15.92
N ILE C 102 -18.40 18.81 -15.08
CA ILE C 102 -17.74 18.53 -13.77
C ILE C 102 -17.22 17.13 -13.70
N GLY C 103 -16.05 17.00 -13.04
CA GLY C 103 -15.44 15.71 -12.75
C GLY C 103 -16.30 14.75 -11.96
N TYR C 104 -15.91 13.48 -12.03
CA TYR C 104 -16.65 12.36 -11.42
C TYR C 104 -16.74 12.51 -9.88
N ASN C 105 -17.93 12.27 -9.35
CA ASN C 105 -18.22 12.50 -7.91
C ASN C 105 -18.27 13.94 -7.50
N GLY C 106 -18.23 14.86 -8.48
CA GLY C 106 -18.42 16.23 -8.12
C GLY C 106 -19.85 16.70 -8.39
N GLY C 107 -20.11 17.97 -8.06
CA GLY C 107 -21.34 18.66 -8.49
C GLY C 107 -21.05 20.15 -8.44
N ARG C 108 -22.11 20.94 -8.59
CA ARG C 108 -21.95 22.39 -8.75
C ARG C 108 -21.32 23.14 -7.59
N GLY C 109 -21.33 22.54 -6.38
CA GLY C 109 -20.60 23.15 -5.26
C GLY C 109 -21.16 24.57 -4.98
N PHE C 110 -20.27 25.51 -4.69
CA PHE C 110 -20.62 26.92 -4.36
C PHE C 110 -20.24 27.77 -5.57
N PRO C 111 -20.91 28.90 -5.77
CA PRO C 111 -20.47 29.77 -6.87
C PRO C 111 -19.04 30.15 -6.85
N HIS C 112 -18.47 30.35 -5.66
CA HIS C 112 -17.03 30.66 -5.57
C HIS C 112 -16.05 29.55 -5.96
N ASP C 113 -16.53 28.32 -6.20
CA ASP C 113 -15.66 27.27 -6.68
C ASP C 113 -15.26 27.42 -8.17
N TRP C 114 -15.86 28.39 -8.88
CA TRP C 114 -15.76 28.49 -10.35
C TRP C 114 -15.39 29.91 -10.83
N LEU C 115 -14.40 30.50 -10.18
CA LEU C 115 -14.03 31.90 -10.40
C LEU C 115 -13.10 32.14 -11.56
N PHE C 116 -12.44 31.11 -12.09
CA PHE C 116 -11.43 31.31 -13.10
C PHE C 116 -11.93 32.00 -14.40
N TRP C 117 -12.90 31.41 -15.06
CA TRP C 117 -13.40 31.99 -16.34
C TRP C 117 -14.03 33.39 -16.20
N PRO C 118 -14.84 33.62 -15.14
CA PRO C 118 -15.33 35.02 -14.90
C PRO C 118 -14.20 36.00 -14.70
N SER C 119 -13.18 35.63 -13.92
CA SER C 119 -12.02 36.50 -13.72
C SER C 119 -11.28 36.88 -15.06
N MET C 120 -11.32 35.98 -16.00
CA MET C 120 -10.72 36.12 -17.37
C MET C 120 -11.66 36.81 -18.35
N GLY C 121 -12.82 37.24 -17.87
CA GLY C 121 -13.80 37.99 -18.68
C GLY C 121 -14.91 37.21 -19.34
N TYR C 122 -15.09 35.95 -18.94
CA TYR C 122 -16.11 35.08 -19.54
C TYR C 122 -17.21 34.81 -18.61
N ILE C 123 -18.43 34.85 -19.09
CA ILE C 123 -19.54 34.33 -18.31
C ILE C 123 -19.32 32.82 -18.20
N CYS C 124 -19.63 32.23 -17.05
CA CYS C 124 -19.36 30.78 -16.88
C CYS C 124 -20.63 30.14 -16.46
N PHE C 125 -21.08 29.13 -17.22
CA PHE C 125 -22.25 28.35 -16.90
C PHE C 125 -21.76 26.99 -16.40
N VAL C 126 -22.03 26.66 -15.15
CA VAL C 126 -21.54 25.42 -14.53
C VAL C 126 -22.70 24.50 -14.42
N MET C 127 -22.67 23.31 -15.07
CA MET C 127 -23.76 22.42 -15.07
C MET C 127 -23.57 21.44 -13.92
N ASP C 128 -24.57 21.31 -13.05
CA ASP C 128 -24.55 20.30 -11.96
C ASP C 128 -24.71 18.93 -12.59
N THR C 129 -24.21 17.88 -11.92
CA THR C 129 -24.22 16.53 -12.47
C THR C 129 -25.19 15.63 -11.78
N ARG C 130 -26.32 15.32 -12.43
CA ARG C 130 -27.33 14.43 -11.85
C ARG C 130 -26.83 13.25 -11.04
N GLY C 131 -27.27 13.17 -9.78
CA GLY C 131 -27.02 11.96 -8.96
C GLY C 131 -25.65 11.86 -8.32
N GLN C 132 -24.70 12.75 -8.69
CA GLN C 132 -23.34 12.69 -8.13
C GLN C 132 -23.13 13.55 -6.86
N GLY C 133 -22.21 14.51 -6.92
CA GLY C 133 -22.04 15.54 -5.93
C GLY C 133 -21.91 15.09 -4.51
N SER C 134 -21.15 14.02 -4.32
CA SER C 134 -21.02 13.38 -2.99
C SER C 134 -19.57 12.88 -2.65
N GLY C 135 -18.59 13.12 -3.51
CA GLY C 135 -17.21 12.63 -3.31
C GLY C 135 -16.26 13.77 -3.00
N TRP C 136 -16.20 14.82 -3.80
CA TRP C 136 -15.26 15.89 -3.49
C TRP C 136 -15.84 17.26 -3.51
N LEU C 137 -17.05 17.41 -4.05
CA LEU C 137 -17.75 18.70 -4.06
C LEU C 137 -19.22 18.43 -4.17
N LYS C 138 -20.00 19.12 -3.38
CA LYS C 138 -21.40 18.78 -3.27
C LYS C 138 -22.21 19.11 -4.52
N GLY C 139 -23.31 18.42 -4.67
CA GLY C 139 -24.20 18.64 -5.81
C GLY C 139 -25.64 18.61 -5.33
N ASP C 140 -26.55 19.12 -6.16
CA ASP C 140 -27.95 19.42 -5.79
C ASP C 140 -28.99 18.81 -6.74
N THR C 141 -28.55 18.02 -7.67
CA THR C 141 -29.45 17.55 -8.76
C THR C 141 -29.61 16.05 -8.69
N PRO C 142 -30.86 15.55 -8.59
CA PRO C 142 -31.07 14.10 -8.59
C PRO C 142 -31.01 13.51 -9.99
N ASP C 143 -30.83 12.19 -10.00
CA ASP C 143 -31.03 11.40 -11.21
C ASP C 143 -32.46 10.84 -11.21
N TYR C 144 -32.89 10.28 -12.35
CA TYR C 144 -34.18 9.55 -12.47
C TYR C 144 -33.93 8.38 -13.41
N PRO C 145 -34.14 7.17 -12.94
CA PRO C 145 -33.96 6.03 -13.86
C PRO C 145 -35.10 5.93 -14.90
N GLU C 146 -34.85 5.28 -16.03
CA GLU C 146 -35.96 4.99 -17.00
C GLU C 146 -37.09 4.20 -16.34
N GLY C 147 -36.70 3.06 -15.77
CA GLY C 147 -37.65 2.26 -15.00
C GLY C 147 -36.95 1.54 -13.88
N PRO C 148 -36.79 0.20 -13.99
CA PRO C 148 -36.12 -0.54 -12.92
C PRO C 148 -34.66 -0.16 -12.87
N VAL C 149 -34.05 -0.18 -11.69
CA VAL C 149 -32.63 0.13 -11.59
C VAL C 149 -31.95 -1.22 -11.49
N ASP C 150 -31.44 -1.67 -12.62
CA ASP C 150 -30.79 -3.00 -12.76
C ASP C 150 -29.66 -3.18 -11.74
N PRO C 151 -29.39 -4.45 -11.38
CA PRO C 151 -28.15 -4.80 -10.71
C PRO C 151 -26.96 -4.06 -11.28
N GLN C 152 -26.12 -3.52 -10.41
CA GLN C 152 -24.97 -2.71 -10.85
C GLN C 152 -23.91 -2.74 -9.76
N TYR C 153 -22.70 -2.37 -10.22
CA TYR C 153 -21.58 -2.15 -9.32
C TYR C 153 -21.73 -0.73 -8.74
N PRO C 154 -21.27 -0.51 -7.50
CA PRO C 154 -21.30 0.88 -6.93
C PRO C 154 -20.73 1.94 -7.86
N GLY C 155 -21.52 2.96 -8.11
CA GLY C 155 -21.12 4.12 -8.89
C GLY C 155 -22.03 4.34 -10.04
N PHE C 156 -21.54 5.11 -11.00
CA PHE C 156 -22.35 5.63 -12.09
C PHE C 156 -21.99 4.93 -13.38
N MET C 157 -20.80 4.31 -13.48
CA MET C 157 -20.34 3.72 -14.68
C MET C 157 -21.13 2.56 -15.23
N THR C 158 -21.80 1.80 -14.36
CA THR C 158 -22.53 0.65 -14.75
C THR C 158 -24.01 0.81 -14.48
N ARG C 159 -24.41 2.01 -14.09
CA ARG C 159 -25.83 2.32 -13.89
C ARG C 159 -26.64 2.30 -15.25
N GLY C 160 -27.41 1.23 -15.39
CA GLY C 160 -28.22 0.99 -16.60
C GLY C 160 -27.44 0.53 -17.80
N ILE C 161 -26.29 -0.08 -17.55
CA ILE C 161 -25.37 -0.40 -18.61
C ILE C 161 -25.83 -1.48 -19.56
N LEU C 162 -26.85 -2.23 -19.19
CA LEU C 162 -27.34 -3.30 -20.10
C LEU C 162 -28.10 -2.83 -21.33
N ASP C 163 -28.35 -1.54 -21.46
CA ASP C 163 -29.05 -1.00 -22.68
C ASP C 163 -28.71 0.49 -22.85
N PRO C 164 -28.31 0.93 -24.08
CA PRO C 164 -28.03 2.33 -24.15
C PRO C 164 -29.22 3.21 -23.78
N ARG C 165 -30.47 2.77 -23.96
CA ARG C 165 -31.62 3.60 -23.57
C ARG C 165 -31.74 3.86 -22.05
N THR C 166 -31.28 2.92 -21.23
CA THR C 166 -31.30 3.02 -19.81
C THR C 166 -29.97 3.56 -19.24
N TYR C 167 -28.94 3.77 -20.08
CA TYR C 167 -27.59 4.03 -19.54
C TYR C 167 -27.55 5.45 -18.96
N TYR C 168 -26.95 5.53 -17.77
CA TYR C 168 -26.83 6.82 -17.05
C TYR C 168 -26.29 7.95 -17.92
N TYR C 169 -25.21 7.72 -18.65
CA TYR C 169 -24.67 8.84 -19.49
C TYR C 169 -25.55 9.31 -20.66
N ARG C 170 -26.58 8.55 -20.99
CA ARG C 170 -27.63 9.07 -21.90
C ARG C 170 -28.26 10.36 -21.34
N ARG C 171 -28.54 10.32 -20.06
CA ARG C 171 -29.21 11.37 -19.31
C ARG C 171 -28.26 12.54 -19.13
N VAL C 172 -27.01 12.26 -18.74
CA VAL C 172 -26.02 13.30 -18.47
C VAL C 172 -25.71 14.05 -19.77
N PHE C 173 -25.49 13.31 -20.85
CA PHE C 173 -25.11 13.96 -22.09
C PHE C 173 -26.22 14.84 -22.66
N THR C 174 -27.43 14.35 -22.53
CA THR C 174 -28.61 15.15 -22.91
C THR C 174 -28.71 16.43 -22.08
N ASP C 175 -28.62 16.28 -20.74
CA ASP C 175 -28.51 17.50 -19.88
C ASP C 175 -27.47 18.46 -20.43
N ALA C 176 -26.29 17.95 -20.78
CA ALA C 176 -25.17 18.72 -21.16
C ALA C 176 -25.40 19.52 -22.47
N VAL C 177 -26.03 18.85 -23.41
CA VAL C 177 -26.48 19.55 -24.67
C VAL C 177 -27.45 20.68 -24.37
N ARG C 178 -28.43 20.40 -23.54
CA ARG C 178 -29.41 21.36 -23.12
C ARG C 178 -28.80 22.53 -22.33
N ALA C 179 -27.72 22.25 -21.61
CA ALA C 179 -27.01 23.27 -20.91
C ALA C 179 -26.48 24.35 -21.84
N VAL C 180 -26.00 23.98 -23.02
CA VAL C 180 -25.52 24.98 -23.93
C VAL C 180 -26.70 25.89 -24.36
N GLU C 181 -27.84 25.30 -24.59
CA GLU C 181 -29.07 26.05 -25.00
C GLU C 181 -29.48 26.97 -23.85
N ALA C 182 -29.40 26.48 -22.62
CA ALA C 182 -29.63 27.35 -21.45
C ALA C 182 -28.65 28.55 -21.34
N ALA C 183 -27.35 28.34 -21.55
CA ALA C 183 -26.40 29.38 -21.49
C ALA C 183 -26.69 30.41 -22.61
N ALA C 184 -26.96 29.88 -23.80
CA ALA C 184 -27.29 30.73 -24.94
C ALA C 184 -28.53 31.63 -24.69
N SER C 185 -29.44 31.20 -23.82
CA SER C 185 -30.62 31.98 -23.44
C SER C 185 -30.31 33.20 -22.60
N PHE C 186 -29.14 33.25 -21.98
CA PHE C 186 -28.82 34.37 -21.09
C PHE C 186 -28.54 35.60 -21.97
N PRO C 187 -29.25 36.73 -21.68
CA PRO C 187 -29.16 37.86 -22.62
C PRO C 187 -27.74 38.39 -22.83
N GLN C 188 -26.90 38.34 -21.79
CA GLN C 188 -25.55 38.89 -21.93
C GLN C 188 -24.57 37.91 -22.62
N VAL C 189 -25.00 36.71 -22.94
CA VAL C 189 -24.07 35.76 -23.58
C VAL C 189 -23.97 36.03 -25.05
N ASP C 190 -22.75 36.19 -25.53
CA ASP C 190 -22.47 36.22 -26.98
C ASP C 190 -22.64 34.81 -27.59
N GLN C 191 -23.75 34.65 -28.30
CA GLN C 191 -24.07 33.40 -29.05
C GLN C 191 -22.96 32.82 -29.90
N GLU C 192 -22.08 33.65 -30.41
CA GLU C 192 -21.01 33.17 -31.27
C GLU C 192 -19.68 32.87 -30.55
N ARG C 193 -19.65 33.00 -29.22
CA ARG C 193 -18.47 32.73 -28.46
C ARG C 193 -18.83 31.88 -27.22
N ILE C 194 -19.54 30.79 -27.46
CA ILE C 194 -19.85 29.81 -26.43
C ILE C 194 -18.91 28.60 -26.49
N VAL C 195 -18.10 28.42 -25.45
CA VAL C 195 -17.08 27.40 -25.38
C VAL C 195 -17.62 26.33 -24.47
N ILE C 196 -17.27 25.08 -24.72
CA ILE C 196 -17.67 23.95 -23.87
C ILE C 196 -16.37 23.37 -23.31
N ALA C 197 -16.35 23.08 -22.00
CA ALA C 197 -15.08 22.77 -21.36
C ALA C 197 -15.28 21.73 -20.29
N GLY C 198 -14.26 20.92 -20.09
CA GLY C 198 -14.24 20.05 -18.90
C GLY C 198 -12.96 19.24 -18.85
N GLY C 199 -12.65 18.74 -17.64
CA GLY C 199 -11.50 17.84 -17.38
C GLY C 199 -12.07 16.48 -16.92
N SER C 200 -11.47 15.40 -17.39
CA SER C 200 -11.81 14.00 -17.01
C SER C 200 -13.27 13.66 -17.35
N GLN C 201 -14.16 13.32 -16.41
CA GLN C 201 -15.60 13.19 -16.76
C GLN C 201 -16.07 14.44 -17.53
N GLY C 202 -15.64 15.62 -17.06
CA GLY C 202 -16.06 16.84 -17.68
C GLY C 202 -15.63 16.90 -19.13
N GLY C 203 -14.41 16.44 -19.37
CA GLY C 203 -13.81 16.33 -20.72
C GLY C 203 -14.61 15.42 -21.64
N GLY C 204 -14.98 14.25 -21.13
CA GLY C 204 -15.81 13.33 -21.81
C GLY C 204 -17.21 13.83 -22.18
N ILE C 205 -17.84 14.50 -21.22
CA ILE C 205 -19.12 15.12 -21.44
C ILE C 205 -18.95 16.21 -22.55
N ALA C 206 -17.89 17.04 -22.46
CA ALA C 206 -17.73 18.19 -23.40
C ALA C 206 -17.52 17.64 -24.83
N LEU C 207 -16.84 16.49 -24.89
CA LEU C 207 -16.56 15.85 -26.13
C LEU C 207 -17.84 15.37 -26.75
N ALA C 208 -18.72 14.74 -25.99
CA ALA C 208 -20.01 14.31 -26.46
C ALA C 208 -20.80 15.52 -27.00
N VAL C 209 -20.77 16.58 -26.22
CA VAL C 209 -21.45 17.84 -26.60
C VAL C 209 -20.86 18.46 -27.86
N SER C 210 -19.55 18.31 -28.08
CA SER C 210 -18.92 18.90 -29.25
C SER C 210 -19.44 18.27 -30.55
N ALA C 211 -19.94 17.05 -30.44
CA ALA C 211 -20.58 16.38 -31.58
C ALA C 211 -22.06 16.62 -31.67
N LEU C 212 -22.75 16.74 -30.53
CA LEU C 212 -24.20 16.79 -30.45
C LEU C 212 -24.83 18.13 -30.52
N SER C 213 -24.15 19.18 -30.09
CA SER C 213 -24.76 20.51 -30.03
C SER C 213 -24.48 21.21 -31.33
N LYS C 214 -25.35 22.11 -31.74
CA LYS C 214 -24.99 22.95 -32.87
C LYS C 214 -24.66 24.38 -32.43
N LYS C 215 -24.61 24.65 -31.09
CA LYS C 215 -24.48 26.00 -30.51
C LYS C 215 -23.09 26.33 -29.96
N ALA C 216 -22.24 25.32 -29.81
CA ALA C 216 -20.86 25.49 -29.32
C ALA C 216 -19.87 26.03 -30.36
N LYS C 217 -19.11 27.02 -30.01
CA LYS C 217 -18.11 27.58 -30.87
C LYS C 217 -16.74 26.89 -30.76
N ALA C 218 -16.36 26.36 -29.59
CA ALA C 218 -15.02 25.80 -29.37
C ALA C 218 -15.07 24.79 -28.19
N LEU C 219 -14.17 23.82 -28.19
CA LEU C 219 -14.05 22.79 -27.12
C LEU C 219 -12.72 22.87 -26.40
N LEU C 220 -12.73 22.89 -25.05
CA LEU C 220 -11.56 22.69 -24.24
C LEU C 220 -11.72 21.34 -23.57
N CYS C 221 -10.85 20.38 -23.90
CA CYS C 221 -11.06 19.00 -23.46
C CYS C 221 -9.79 18.51 -22.76
N ASP C 222 -9.83 18.47 -21.41
CA ASP C 222 -8.64 18.17 -20.62
C ASP C 222 -8.72 16.73 -20.10
N VAL C 223 -7.60 16.01 -20.26
CA VAL C 223 -7.47 14.65 -19.70
C VAL C 223 -8.75 13.81 -19.75
N PRO C 224 -9.35 13.67 -20.95
CA PRO C 224 -10.71 13.22 -20.97
C PRO C 224 -10.92 11.75 -20.55
N PHE C 225 -11.99 11.55 -19.79
CA PHE C 225 -12.56 10.29 -19.38
C PHE C 225 -13.64 9.94 -20.39
N LEU C 226 -14.21 8.74 -20.27
CA LEU C 226 -15.29 8.25 -21.12
C LEU C 226 -14.82 8.06 -22.57
N CYS C 227 -13.56 7.66 -22.71
CA CYS C 227 -12.94 7.48 -24.03
C CYS C 227 -12.34 6.09 -24.15
N HIS C 228 -12.72 5.37 -25.22
CA HIS C 228 -12.01 4.17 -25.60
C HIS C 228 -12.10 3.10 -24.45
N PHE C 229 -13.31 2.91 -23.95
CA PHE C 229 -13.59 2.03 -22.80
C PHE C 229 -12.94 0.65 -22.84
N ARG C 230 -13.03 -0.01 -23.98
CA ARG C 230 -12.54 -1.40 -24.19
C ARG C 230 -11.05 -1.50 -23.86
N ARG C 231 -10.31 -0.51 -24.32
CA ARG C 231 -8.88 -0.49 -24.10
C ARG C 231 -8.58 0.02 -22.63
N ALA C 232 -9.30 1.06 -22.17
CA ALA C 232 -9.10 1.59 -20.78
C ALA C 232 -9.07 0.51 -19.74
N VAL C 233 -10.06 -0.36 -19.80
CA VAL C 233 -10.18 -1.42 -18.77
C VAL C 233 -9.08 -2.52 -18.86
N GLN C 234 -8.41 -2.60 -20.00
CA GLN C 234 -7.22 -3.43 -20.11
C GLN C 234 -5.96 -2.79 -19.56
N LEU C 235 -5.85 -1.48 -19.65
CA LEU C 235 -4.64 -0.79 -19.26
C LEU C 235 -4.50 -0.48 -17.78
N VAL C 236 -5.59 -0.09 -17.12
CA VAL C 236 -5.54 0.39 -15.77
C VAL C 236 -6.52 -0.31 -14.88
N ASP C 237 -6.21 -0.36 -13.61
CA ASP C 237 -7.15 -0.87 -12.64
C ASP C 237 -7.62 0.22 -11.67
N THR C 238 -7.52 1.46 -12.10
CA THR C 238 -7.97 2.54 -11.31
C THR C 238 -9.46 2.76 -11.47
N HIS C 239 -10.03 3.47 -10.52
CA HIS C 239 -11.40 4.01 -10.66
C HIS C 239 -11.38 5.34 -11.36
N PRO C 240 -12.43 5.69 -12.13
CA PRO C 240 -13.69 4.90 -12.13
C PRO C 240 -13.80 3.84 -13.25
N TYR C 241 -12.83 3.72 -14.19
CA TYR C 241 -12.91 2.63 -15.18
C TYR C 241 -13.08 1.25 -14.60
N ALA C 242 -12.43 1.02 -13.47
CA ALA C 242 -12.54 -0.29 -12.77
C ALA C 242 -13.95 -0.70 -12.36
N GLU C 243 -14.89 0.27 -12.30
CA GLU C 243 -16.31 -0.11 -12.03
C GLU C 243 -16.78 -1.05 -13.13
N ILE C 244 -16.38 -0.74 -14.37
CA ILE C 244 -16.87 -1.57 -15.47
C ILE C 244 -16.23 -2.94 -15.37
N THR C 245 -14.93 -2.95 -15.11
CA THR C 245 -14.18 -4.21 -15.01
C THR C 245 -14.78 -5.06 -13.93
N ASN C 246 -15.09 -4.45 -12.81
CA ASN C 246 -15.63 -5.17 -11.67
C ASN C 246 -17.02 -5.72 -11.98
N PHE C 247 -17.82 -4.98 -12.72
CA PHE C 247 -19.14 -5.47 -13.14
C PHE C 247 -18.98 -6.76 -14.00
N LEU C 248 -18.07 -6.68 -14.97
CA LEU C 248 -17.71 -7.78 -15.86
C LEU C 248 -17.12 -8.98 -15.15
N LYS C 249 -16.36 -8.76 -14.07
CA LYS C 249 -15.80 -9.82 -13.22
C LYS C 249 -16.90 -10.70 -12.66
N THR C 250 -18.08 -10.11 -12.49
CA THR C 250 -19.25 -10.82 -11.93
C THR C 250 -20.23 -11.32 -13.04
N HIS C 251 -20.60 -10.41 -13.94
CA HIS C 251 -21.59 -10.66 -14.96
C HIS C 251 -20.82 -11.14 -16.19
N ARG C 252 -20.30 -12.36 -16.07
CA ARG C 252 -19.28 -12.84 -17.03
C ARG C 252 -19.84 -13.14 -18.39
N ASP C 253 -21.16 -13.24 -18.45
CA ASP C 253 -21.87 -13.46 -19.65
C ASP C 253 -22.19 -12.16 -20.46
N LYS C 254 -21.77 -10.97 -19.97
CA LYS C 254 -22.39 -9.75 -20.46
C LYS C 254 -21.37 -8.87 -21.13
N GLU C 255 -20.19 -9.39 -21.50
CA GLU C 255 -19.17 -8.58 -22.13
C GLU C 255 -19.64 -7.85 -23.40
N GLU C 256 -20.29 -8.59 -24.30
CA GLU C 256 -20.68 -8.05 -25.58
C GLU C 256 -21.71 -6.97 -25.37
N ILE C 257 -22.70 -7.21 -24.51
CA ILE C 257 -23.78 -6.25 -24.23
C ILE C 257 -23.19 -4.95 -23.61
N VAL C 258 -22.30 -5.14 -22.64
CA VAL C 258 -21.70 -3.99 -21.94
C VAL C 258 -20.96 -3.11 -22.96
N PHE C 259 -20.10 -3.70 -23.76
CA PHE C 259 -19.34 -2.92 -24.78
C PHE C 259 -20.17 -2.33 -25.90
N ARG C 260 -21.23 -3.03 -26.25
CA ARG C 260 -22.16 -2.46 -27.22
C ARG C 260 -22.87 -1.20 -26.65
N THR C 261 -23.35 -1.29 -25.40
CA THR C 261 -23.95 -0.13 -24.74
C THR C 261 -22.91 1.03 -24.74
N LEU C 262 -21.70 0.76 -24.25
CA LEU C 262 -20.71 1.81 -24.08
C LEU C 262 -20.29 2.46 -25.39
N SER C 263 -20.45 1.74 -26.52
CA SER C 263 -20.09 2.32 -27.83
C SER C 263 -20.87 3.57 -28.15
N TYR C 264 -22.12 3.62 -27.75
CA TYR C 264 -22.92 4.85 -27.93
C TYR C 264 -22.46 6.09 -27.11
N PHE C 265 -21.56 5.94 -26.15
CA PHE C 265 -21.13 6.97 -25.22
C PHE C 265 -19.65 7.24 -25.23
N ASP C 266 -18.93 6.63 -26.15
CA ASP C 266 -17.49 6.67 -26.26
C ASP C 266 -17.00 7.95 -26.95
N GLY C 267 -16.21 8.75 -26.25
CA GLY C 267 -15.61 9.95 -26.78
C GLY C 267 -14.92 9.81 -28.15
N VAL C 268 -14.35 8.63 -28.41
CA VAL C 268 -13.68 8.41 -29.73
C VAL C 268 -14.68 8.53 -30.87
N ASN C 269 -15.89 8.00 -30.67
CA ASN C 269 -16.94 8.03 -31.69
C ASN C 269 -17.56 9.43 -31.87
N PHE C 270 -17.72 10.16 -30.77
CA PHE C 270 -18.10 11.57 -30.86
C PHE C 270 -16.99 12.39 -31.52
N ALA C 271 -15.72 12.11 -31.20
CA ALA C 271 -14.57 12.91 -31.71
C ALA C 271 -14.64 12.88 -33.26
N ALA C 272 -14.96 11.71 -33.81
CA ALA C 272 -15.01 11.50 -35.26
C ALA C 272 -16.07 12.36 -35.95
N ARG C 273 -17.09 12.78 -35.20
CA ARG C 273 -18.16 13.63 -35.66
C ARG C 273 -17.95 15.13 -35.41
N ALA C 274 -17.02 15.53 -34.54
CA ALA C 274 -17.00 16.91 -34.06
C ALA C 274 -16.24 17.80 -35.02
N LYS C 275 -16.78 18.98 -35.31
CA LYS C 275 -16.15 19.88 -36.28
C LYS C 275 -15.66 21.24 -35.75
N ILE C 276 -15.83 21.54 -34.46
CA ILE C 276 -15.46 22.84 -33.91
C ILE C 276 -14.03 22.83 -33.44
N PRO C 277 -13.39 24.02 -33.38
CA PRO C 277 -11.98 24.08 -32.99
C PRO C 277 -11.82 23.56 -31.51
N ALA C 278 -10.76 22.81 -31.23
CA ALA C 278 -10.59 22.21 -29.88
C ALA C 278 -9.18 22.36 -29.41
N LEU C 279 -9.00 22.54 -28.10
CA LEU C 279 -7.69 22.42 -27.49
C LEU C 279 -7.79 21.23 -26.50
N PHE C 280 -6.95 20.22 -26.70
CA PHE C 280 -6.88 19.08 -25.78
C PHE C 280 -5.67 19.19 -24.85
N SER C 281 -5.70 18.41 -23.75
CA SER C 281 -4.48 18.23 -22.98
C SER C 281 -4.45 16.78 -22.44
N VAL C 282 -3.23 16.33 -22.16
CA VAL C 282 -2.95 14.94 -21.79
C VAL C 282 -1.76 14.86 -20.87
N GLY C 283 -1.86 14.06 -19.83
CA GLY C 283 -0.68 13.80 -18.99
C GLY C 283 -0.18 12.38 -19.32
N LEU C 284 1.08 12.24 -19.70
CA LEU C 284 1.59 10.94 -20.16
C LEU C 284 1.76 9.94 -19.05
N MET C 285 1.74 10.36 -17.78
CA MET C 285 1.75 9.42 -16.67
C MET C 285 0.36 9.30 -15.99
N ASP C 286 -0.70 9.72 -16.67
CA ASP C 286 -2.07 9.66 -16.10
C ASP C 286 -2.54 8.21 -16.11
N ASN C 287 -2.77 7.63 -14.93
CA ASN C 287 -3.32 6.28 -14.87
C ASN C 287 -4.81 6.19 -14.58
N ILE C 288 -5.49 7.34 -14.57
CA ILE C 288 -6.93 7.36 -14.47
C ILE C 288 -7.53 7.43 -15.90
N CYS C 289 -7.01 8.32 -16.74
CA CYS C 289 -7.40 8.49 -18.13
C CYS C 289 -6.11 8.22 -18.97
N PRO C 290 -5.92 6.97 -19.37
CA PRO C 290 -4.63 6.56 -19.90
C PRO C 290 -4.35 7.25 -21.23
N PRO C 291 -3.09 7.66 -21.45
CA PRO C 291 -2.74 8.38 -22.72
C PRO C 291 -3.27 7.79 -24.03
N SER C 292 -3.27 6.47 -24.19
CA SER C 292 -3.80 5.85 -25.41
C SER C 292 -5.30 6.11 -25.63
N THR C 293 -6.06 6.22 -24.53
CA THR C 293 -7.47 6.56 -24.62
C THR C 293 -7.68 8.02 -25.01
N VAL C 294 -6.92 8.94 -24.42
CA VAL C 294 -7.01 10.37 -24.77
C VAL C 294 -6.55 10.56 -26.19
N PHE C 295 -5.41 9.97 -26.56
CA PHE C 295 -4.90 10.08 -27.98
C PHE C 295 -5.83 9.45 -29.05
N ALA C 296 -6.52 8.39 -28.72
CA ALA C 296 -7.45 7.79 -29.68
C ALA C 296 -8.55 8.82 -30.01
N ALA C 297 -9.06 9.46 -28.97
CA ALA C 297 -10.02 10.54 -29.15
C ALA C 297 -9.49 11.73 -29.89
N TYR C 298 -8.31 12.23 -29.50
CA TYR C 298 -7.73 13.36 -30.10
C TYR C 298 -7.46 13.09 -31.60
N ASN C 299 -6.99 11.89 -31.89
CA ASN C 299 -6.54 11.59 -33.27
C ASN C 299 -7.71 11.47 -34.22
N TYR C 300 -8.83 10.96 -33.74
CA TYR C 300 -10.09 10.93 -34.50
C TYR C 300 -10.88 12.26 -34.51
N TYR C 301 -10.57 13.19 -33.61
CA TYR C 301 -11.26 14.48 -33.53
C TYR C 301 -11.23 15.20 -34.90
N ALA C 302 -12.39 15.46 -35.47
CA ALA C 302 -12.49 15.93 -36.87
C ALA C 302 -12.42 17.43 -37.10
N GLY C 303 -12.35 18.22 -36.05
CA GLY C 303 -12.23 19.67 -36.16
C GLY C 303 -10.82 20.14 -36.07
N PRO C 304 -10.58 21.43 -36.35
CA PRO C 304 -9.27 22.02 -36.09
C PRO C 304 -8.87 21.82 -34.62
N LYS C 305 -7.63 21.44 -34.41
CA LYS C 305 -7.23 20.89 -33.08
C LYS C 305 -5.80 21.05 -32.74
N GLU C 306 -5.52 21.19 -31.42
CA GLU C 306 -4.21 21.16 -30.91
C GLU C 306 -4.25 20.37 -29.58
N ILE C 307 -3.11 19.85 -29.15
CA ILE C 307 -2.99 19.14 -27.88
C ILE C 307 -1.80 19.59 -27.12
N ARG C 308 -1.95 19.85 -25.82
CA ARG C 308 -0.81 20.16 -24.98
C ARG C 308 -0.41 18.88 -24.26
N ILE C 309 0.84 18.51 -24.36
CA ILE C 309 1.29 17.22 -23.85
C ILE C 309 2.10 17.51 -22.65
N TYR C 310 1.72 16.93 -21.50
CA TYR C 310 2.52 17.06 -20.26
C TYR C 310 3.16 15.77 -19.91
N PRO C 311 4.43 15.58 -20.29
CA PRO C 311 4.99 14.20 -20.17
C PRO C 311 5.20 13.63 -18.78
N TYR C 312 5.41 14.51 -17.80
CA TYR C 312 5.69 14.11 -16.42
C TYR C 312 4.50 14.20 -15.49
N ASN C 313 3.37 14.71 -15.94
CA ASN C 313 2.19 14.80 -15.14
C ASN C 313 1.30 13.55 -15.21
N ASN C 314 0.72 13.25 -14.06
CA ASN C 314 -0.38 12.25 -13.89
CA ASN C 314 -0.35 12.27 -13.93
C ASN C 314 -1.70 12.98 -14.22
N HIS C 315 -2.79 12.57 -13.57
CA HIS C 315 -4.12 13.04 -13.89
C HIS C 315 -4.41 14.54 -13.70
N GLU C 316 -3.52 15.24 -13.01
CA GLU C 316 -3.55 16.68 -12.87
C GLU C 316 -3.26 17.36 -14.21
N GLY C 317 -2.65 16.62 -15.13
CA GLY C 317 -2.29 17.14 -16.47
C GLY C 317 -1.46 18.41 -16.33
N GLY C 318 -1.83 19.49 -17.04
CA GLY C 318 -1.08 20.72 -17.08
C GLY C 318 -1.50 21.71 -15.99
N GLY C 319 -2.56 21.38 -15.20
CA GLY C 319 -3.02 22.25 -14.14
C GLY C 319 -3.12 23.74 -14.48
N SER C 320 -2.53 24.59 -13.66
CA SER C 320 -2.65 26.05 -13.82
C SER C 320 -1.93 26.55 -15.09
N PHE C 321 -0.91 25.78 -15.54
CA PHE C 321 -0.24 26.12 -16.80
CA PHE C 321 -0.24 26.12 -16.79
C PHE C 321 -1.23 25.91 -17.94
N GLN C 322 -1.95 24.80 -17.92
CA GLN C 322 -2.89 24.50 -19.00
C GLN C 322 -4.04 25.55 -19.05
N ALA C 323 -4.42 26.07 -17.88
CA ALA C 323 -5.46 27.09 -17.79
C ALA C 323 -5.00 28.29 -18.61
N VAL C 324 -3.72 28.64 -18.47
CA VAL C 324 -3.18 29.80 -19.20
C VAL C 324 -3.17 29.47 -20.71
N GLU C 325 -2.83 28.24 -21.09
CA GLU C 325 -2.87 27.84 -22.49
C GLU C 325 -4.26 28.02 -23.10
N GLN C 326 -5.31 27.70 -22.32
CA GLN C 326 -6.69 27.85 -22.73
C GLN C 326 -7.08 29.29 -23.00
N VAL C 327 -6.75 30.18 -22.08
CA VAL C 327 -7.06 31.57 -22.25
C VAL C 327 -6.41 32.10 -23.53
N LYS C 328 -5.14 31.76 -23.72
CA LYS C 328 -4.39 32.16 -24.94
C LYS C 328 -5.01 31.59 -26.23
N PHE C 329 -5.43 30.32 -26.19
CA PHE C 329 -6.03 29.65 -27.34
C PHE C 329 -7.34 30.34 -27.72
N LEU C 330 -8.18 30.64 -26.73
CA LEU C 330 -9.45 31.28 -27.03
C LEU C 330 -9.28 32.74 -27.55
N LYS C 331 -8.29 33.42 -27.03
CA LYS C 331 -8.04 34.77 -27.42
C LYS C 331 -7.66 34.82 -28.91
N LYS C 332 -6.73 33.96 -29.29
CA LYS C 332 -6.28 33.85 -30.70
C LYS C 332 -7.44 33.40 -31.58
N LEU C 333 -8.19 32.37 -31.16
CA LEU C 333 -9.35 31.94 -31.90
C LEU C 333 -10.39 33.02 -32.12
N PHE C 334 -10.78 33.76 -31.09
CA PHE C 334 -11.79 34.78 -31.24
C PHE C 334 -11.34 36.07 -31.95
N GLU C 335 -10.04 36.35 -32.04
CA GLU C 335 -9.53 37.48 -32.89
C GLU C 335 -9.91 37.40 -34.37
N PHE D 16 2.70 3.85 19.49
CA PHE D 16 1.54 2.88 19.35
C PHE D 16 1.34 1.87 20.52
N ASP D 17 2.37 1.64 21.32
CA ASP D 17 2.29 0.71 22.47
C ASP D 17 2.02 1.47 23.79
N LEU D 18 2.17 0.83 24.94
CA LEU D 18 2.15 1.56 26.20
C LEU D 18 3.14 2.72 26.21
N PRO D 19 2.77 3.85 26.83
CA PRO D 19 3.72 4.94 26.99
C PRO D 19 4.88 4.52 27.87
N LEU D 20 6.01 5.20 27.70
CA LEU D 20 7.25 4.79 28.37
C LEU D 20 7.13 4.61 29.87
N GLU D 21 6.38 5.52 30.54
CA GLU D 21 6.23 5.46 32.01
C GLU D 21 5.58 4.14 32.40
N GLU D 22 4.66 3.64 31.59
CA GLU D 22 4.01 2.38 31.87
C GLU D 22 4.89 1.17 31.49
N LEU D 23 5.62 1.29 30.38
CA LEU D 23 6.50 0.22 29.92
C LEU D 23 7.52 -0.07 30.96
N LYS D 24 8.11 0.99 31.54
CA LYS D 24 9.10 0.78 32.61
C LYS D 24 8.62 0.01 33.86
N LYS D 25 7.31 -0.09 34.11
CA LYS D 25 6.83 -0.94 35.18
C LYS D 25 5.87 -2.01 34.71
N TYR D 26 5.89 -2.32 33.40
CA TYR D 26 5.05 -3.41 32.85
C TYR D 26 5.60 -4.78 33.23
N ARG D 27 4.84 -5.51 34.03
CA ARG D 27 5.29 -6.76 34.63
C ARG D 27 4.07 -7.64 34.63
N PRO D 28 3.66 -8.06 33.42
CA PRO D 28 2.46 -8.86 33.30
C PRO D 28 2.62 -10.20 33.99
N GLU D 29 1.51 -10.82 34.39
CA GLU D 29 1.56 -12.13 35.05
C GLU D 29 2.14 -13.11 34.05
N ARG D 30 3.14 -13.88 34.44
CA ARG D 30 3.75 -14.87 33.54
C ARG D 30 2.89 -16.13 33.45
N TYR D 31 2.96 -16.81 32.31
CA TYR D 31 2.28 -18.05 32.11
C TYR D 31 3.36 -19.05 31.70
N GLU D 32 3.52 -20.11 32.49
CA GLU D 32 4.34 -21.23 32.12
C GLU D 32 3.78 -22.49 32.80
N GLU D 33 4.10 -23.62 32.20
CA GLU D 33 3.67 -24.91 32.69
C GLU D 33 4.55 -25.29 33.89
N LYS D 34 3.98 -26.13 34.76
CA LYS D 34 4.70 -26.67 35.97
C LYS D 34 6.05 -27.31 35.64
N ASP D 35 6.14 -27.93 34.47
CA ASP D 35 7.31 -28.67 34.01
C ASP D 35 8.25 -27.90 33.07
N PHE D 36 8.17 -26.57 33.01
CA PHE D 36 9.13 -25.74 32.23
C PHE D 36 10.60 -26.16 32.45
N ASP D 37 11.06 -26.17 33.70
CA ASP D 37 12.45 -26.51 34.02
C ASP D 37 12.78 -27.95 33.66
N GLU D 38 11.88 -28.86 33.96
CA GLU D 38 12.10 -30.27 33.67
C GLU D 38 12.24 -30.49 32.16
N PHE D 39 11.38 -29.80 31.38
CA PHE D 39 11.44 -29.90 29.93
C PHE D 39 12.82 -29.55 29.41
N TRP D 40 13.41 -28.47 29.95
CA TRP D 40 14.68 -27.95 29.47
C TRP D 40 15.84 -28.82 29.94
N GLU D 41 15.74 -29.29 31.19
CA GLU D 41 16.70 -30.28 31.72
C GLU D 41 16.73 -31.57 30.93
N GLU D 42 15.58 -32.15 30.69
CA GLU D 42 15.54 -33.34 29.83
C GLU D 42 16.06 -33.07 28.43
N THR D 43 15.63 -31.94 27.83
CA THR D 43 16.12 -31.56 26.51
C THR D 43 17.65 -31.49 26.46
N LEU D 44 18.22 -30.76 27.40
CA LEU D 44 19.65 -30.57 27.40
C LEU D 44 20.45 -31.88 27.69
N ALA D 45 19.97 -32.66 28.66
CA ALA D 45 20.58 -33.98 28.99
C ALA D 45 20.53 -34.91 27.80
N GLU D 46 19.42 -34.96 27.09
CA GLU D 46 19.39 -35.82 25.89
C GLU D 46 20.42 -35.39 24.82
N SER D 47 20.51 -34.05 24.56
CA SER D 47 21.50 -33.59 23.61
C SER D 47 22.95 -33.76 24.06
N GLU D 48 23.18 -33.72 25.37
CA GLU D 48 24.52 -33.95 25.94
C GLU D 48 25.03 -35.41 25.81
N LYS D 49 24.16 -36.35 25.54
CA LYS D 49 24.58 -37.73 25.28
C LYS D 49 25.32 -37.91 23.95
N PHE D 50 25.24 -36.91 23.08
CA PHE D 50 25.98 -36.93 21.85
C PHE D 50 27.26 -36.12 22.04
N PRO D 51 28.39 -36.57 21.47
CA PRO D 51 29.58 -35.77 21.71
C PRO D 51 29.51 -34.39 20.99
N LEU D 52 29.98 -33.32 21.62
CA LEU D 52 30.02 -32.00 20.97
C LEU D 52 30.84 -31.95 19.67
N ASP D 53 32.04 -32.57 19.71
CA ASP D 53 32.93 -32.68 18.55
C ASP D 53 33.01 -31.36 17.79
N PRO D 54 33.47 -30.32 18.50
CA PRO D 54 33.68 -29.08 17.80
C PRO D 54 34.83 -29.20 16.79
N VAL D 55 34.62 -28.71 15.59
CA VAL D 55 35.56 -28.84 14.49
C VAL D 55 35.84 -27.43 14.04
N PHE D 56 37.13 -27.04 14.03
CA PHE D 56 37.56 -25.68 13.61
C PHE D 56 38.52 -25.82 12.45
N GLU D 57 38.05 -25.61 11.23
CA GLU D 57 38.91 -25.85 10.06
C GLU D 57 39.38 -24.53 9.60
N ARG D 58 40.69 -24.29 9.68
CA ARG D 58 41.28 -23.02 9.29
C ARG D 58 41.08 -22.83 7.80
N MET D 59 40.60 -21.65 7.43
CA MET D 59 40.27 -21.38 6.06
C MET D 59 41.30 -20.52 5.37
N GLU D 60 41.47 -20.79 4.08
CA GLU D 60 42.09 -19.86 3.14
C GLU D 60 41.13 -18.67 2.92
N SER D 61 41.62 -17.47 3.18
CA SER D 61 40.74 -16.31 3.26
C SER D 61 41.47 -15.12 2.69
N HIS D 62 40.72 -14.14 2.15
CA HIS D 62 41.32 -12.88 1.75
C HIS D 62 41.43 -11.97 2.98
N LEU D 63 40.77 -12.32 4.07
CA LEU D 63 40.87 -11.49 5.27
C LEU D 63 42.32 -11.43 5.77
N LYS D 64 42.74 -10.25 6.19
CA LYS D 64 44.15 -10.04 6.56
C LYS D 64 44.27 -9.72 8.03
N THR D 65 43.27 -9.07 8.65
CA THR D 65 43.34 -8.76 10.09
C THR D 65 42.78 -9.82 11.04
N VAL D 66 42.19 -10.89 10.47
CA VAL D 66 41.58 -11.95 11.26
C VAL D 66 41.85 -13.28 10.60
N GLU D 67 41.87 -14.29 11.43
CA GLU D 67 41.97 -15.69 11.03
C GLU D 67 40.54 -16.23 11.02
N ALA D 68 40.14 -16.87 9.95
CA ALA D 68 38.82 -17.42 9.83
C ALA D 68 38.81 -18.95 9.90
N TYR D 69 37.88 -19.51 10.70
CA TYR D 69 37.64 -20.96 10.76
C TYR D 69 36.20 -21.38 10.36
N ASP D 70 36.09 -22.44 9.58
CA ASP D 70 34.84 -23.10 9.26
C ASP D 70 34.53 -24.00 10.42
N VAL D 71 33.41 -23.77 11.10
CA VAL D 71 33.04 -24.48 12.33
C VAL D 71 31.95 -25.48 12.09
N THR D 72 32.07 -26.59 12.78
CA THR D 72 30.99 -27.53 12.90
C THR D 72 30.91 -28.00 14.35
N PHE D 73 29.71 -28.15 14.89
CA PHE D 73 29.58 -28.71 16.22
C PHE D 73 28.22 -29.40 16.32
N SER D 74 28.03 -30.20 17.35
CA SER D 74 26.75 -30.91 17.58
C SER D 74 25.84 -30.08 18.47
N GLY D 75 24.67 -29.73 17.92
CA GLY D 75 23.66 -29.04 18.70
C GLY D 75 22.57 -29.96 19.20
N TYR D 76 21.35 -29.75 18.71
CA TYR D 76 20.25 -30.61 19.09
C TYR D 76 20.52 -32.04 18.60
N ARG D 77 20.47 -32.97 19.51
CA ARG D 77 20.55 -34.45 19.23
C ARG D 77 21.61 -34.90 18.25
N GLY D 78 22.83 -34.38 18.47
CA GLY D 78 23.98 -34.64 17.63
C GLY D 78 23.98 -34.10 16.21
N GLN D 79 23.00 -33.23 15.87
CA GLN D 79 22.90 -32.75 14.52
C GLN D 79 24.01 -31.73 14.35
N ARG D 80 24.63 -31.73 13.17
CA ARG D 80 25.84 -30.94 12.98
C ARG D 80 25.43 -29.55 12.45
N ILE D 81 25.85 -28.55 13.19
CA ILE D 81 25.51 -27.13 12.98
C ILE D 81 26.73 -26.44 12.49
N LYS D 82 26.56 -25.58 11.49
CA LYS D 82 27.68 -24.80 10.94
C LYS D 82 27.84 -23.52 11.68
N GLY D 83 29.04 -22.96 11.49
CA GLY D 83 29.34 -21.63 12.05
C GLY D 83 30.60 -21.06 11.47
N TRP D 84 30.98 -19.87 11.92
CA TRP D 84 32.31 -19.30 11.64
C TRP D 84 32.92 -18.97 12.98
N LEU D 85 34.26 -19.02 13.03
CA LEU D 85 35.03 -18.47 14.13
C LEU D 85 36.00 -17.48 13.52
N LEU D 86 35.98 -16.23 14.03
CA LEU D 86 36.83 -15.16 13.51
C LEU D 86 37.72 -14.73 14.65
N VAL D 87 39.04 -14.80 14.43
CA VAL D 87 40.00 -14.56 15.47
C VAL D 87 40.85 -13.40 15.06
N PRO D 88 40.74 -12.29 15.79
CA PRO D 88 41.55 -11.17 15.34
C PRO D 88 43.05 -11.52 15.60
N LYS D 89 43.92 -11.10 14.72
CA LYS D 89 45.36 -11.28 14.89
C LYS D 89 45.95 -10.26 15.86
N LEU D 90 46.08 -10.67 17.11
CA LEU D 90 46.52 -9.80 18.22
C LEU D 90 47.55 -10.56 19.11
N GLU D 91 48.44 -9.83 19.77
CA GLU D 91 49.54 -10.44 20.56
C GLU D 91 49.02 -11.12 21.85
N GLU D 92 47.85 -10.72 22.37
CA GLU D 92 47.24 -11.35 23.56
C GLU D 92 46.84 -12.81 23.23
N GLU D 93 47.23 -13.77 24.07
CA GLU D 93 47.07 -15.21 23.81
C GLU D 93 45.63 -15.74 24.09
N LYS D 94 45.00 -15.27 25.19
CA LYS D 94 43.64 -15.61 25.54
C LYS D 94 42.75 -14.34 25.24
N LEU D 95 41.73 -14.46 24.38
CA LEU D 95 40.90 -13.29 23.98
C LEU D 95 39.46 -13.49 24.44
N PRO D 96 38.73 -12.38 24.75
CA PRO D 96 37.32 -12.49 25.02
C PRO D 96 36.60 -12.89 23.74
N CYS D 97 35.37 -13.40 23.90
CA CYS D 97 34.64 -14.03 22.77
C CYS D 97 33.18 -13.63 22.82
N VAL D 98 32.64 -13.36 21.63
CA VAL D 98 31.20 -13.10 21.50
C VAL D 98 30.60 -14.21 20.65
N VAL D 99 29.61 -14.88 21.15
CA VAL D 99 28.86 -15.90 20.40
C VAL D 99 27.65 -15.12 19.87
N GLN D 100 27.59 -14.99 18.55
CA GLN D 100 26.59 -14.19 17.84
C GLN D 100 25.52 -15.15 17.30
N TYR D 101 24.27 -14.82 17.64
CA TYR D 101 23.09 -15.44 16.99
C TYR D 101 22.45 -14.51 15.94
N ILE D 102 21.71 -15.10 14.99
CA ILE D 102 21.39 -14.45 13.75
C ILE D 102 19.89 -14.23 13.66
N GLY D 103 19.50 -13.09 13.09
CA GLY D 103 18.08 -12.77 12.88
C GLY D 103 17.33 -13.67 11.91
N TYR D 104 15.99 -13.59 12.00
CA TYR D 104 15.10 -14.42 11.24
C TYR D 104 15.37 -14.34 9.74
N ASN D 105 15.33 -15.52 9.11
CA ASN D 105 15.63 -15.69 7.69
C ASN D 105 17.10 -15.36 7.30
N GLY D 106 17.99 -15.25 8.30
CA GLY D 106 19.43 -15.13 7.99
C GLY D 106 20.15 -16.44 8.20
N GLY D 107 21.46 -16.41 7.95
CA GLY D 107 22.35 -17.58 8.21
C GLY D 107 23.73 -17.01 8.30
N ARG D 108 24.70 -17.90 8.45
CA ARG D 108 26.07 -17.45 8.68
C ARG D 108 26.74 -16.64 7.60
N GLY D 109 26.21 -16.68 6.38
CA GLY D 109 26.77 -15.79 5.32
C GLY D 109 28.22 -16.16 5.07
N PHE D 110 29.03 -15.12 4.93
CA PHE D 110 30.43 -15.25 4.71
C PHE D 110 31.16 -14.79 5.99
N PRO D 111 32.41 -15.27 6.18
CA PRO D 111 33.14 -14.73 7.32
C PRO D 111 33.21 -13.18 7.40
N HIS D 112 33.38 -12.51 6.27
CA HIS D 112 33.46 -11.03 6.28
C HIS D 112 32.16 -10.31 6.63
N ASP D 113 31.04 -11.04 6.76
CA ASP D 113 29.79 -10.48 7.33
C ASP D 113 29.85 -10.19 8.79
N TRP D 114 30.91 -10.60 9.49
CA TRP D 114 30.88 -10.59 10.96
C TRP D 114 32.15 -9.94 11.54
N LEU D 115 32.61 -8.86 10.91
CA LEU D 115 33.94 -8.22 11.28
C LEU D 115 33.92 -7.33 12.53
N PHE D 116 32.76 -6.95 13.04
CA PHE D 116 32.71 -5.95 14.11
C PHE D 116 33.47 -6.40 15.40
N TRP D 117 33.09 -7.54 15.91
CA TRP D 117 33.58 -7.97 17.19
C TRP D 117 35.06 -8.32 17.06
N PRO D 118 35.46 -8.97 15.95
CA PRO D 118 36.93 -9.16 15.79
C PRO D 118 37.71 -7.87 15.68
N SER D 119 37.13 -6.85 15.01
CA SER D 119 37.83 -5.57 14.91
C SER D 119 37.97 -4.85 16.26
N MET D 120 37.07 -5.12 17.19
CA MET D 120 37.10 -4.59 18.55
C MET D 120 37.87 -5.55 19.54
N GLY D 121 38.57 -6.54 18.97
CA GLY D 121 39.46 -7.42 19.75
C GLY D 121 38.81 -8.66 20.33
N TYR D 122 37.61 -9.00 19.86
CA TYR D 122 36.91 -10.19 20.37
C TYR D 122 36.93 -11.30 19.34
N ILE D 123 37.21 -12.54 19.78
CA ILE D 123 36.95 -13.70 18.93
C ILE D 123 35.41 -13.72 18.75
N CYS D 124 34.95 -14.02 17.58
CA CYS D 124 33.50 -14.06 17.31
C CYS D 124 33.15 -15.47 16.77
N PHE D 125 32.23 -16.14 17.46
CA PHE D 125 31.70 -17.44 17.05
C PHE D 125 30.30 -17.11 16.50
N VAL D 126 30.08 -17.36 15.23
CA VAL D 126 28.84 -17.04 14.58
C VAL D 126 28.12 -18.38 14.39
N MET D 127 26.95 -18.53 15.02
CA MET D 127 26.14 -19.80 14.91
C MET D 127 25.18 -19.69 13.73
N ASP D 128 25.34 -20.58 12.78
CA ASP D 128 24.39 -20.69 11.65
C ASP D 128 23.03 -21.15 12.19
N THR D 129 21.93 -20.75 11.53
CA THR D 129 20.57 -21.05 12.02
C THR D 129 19.88 -22.13 11.19
N ARG D 130 19.67 -23.26 11.82
CA ARG D 130 19.07 -24.44 11.14
C ARG D 130 17.84 -24.17 10.24
N GLY D 131 17.95 -24.53 8.99
CA GLY D 131 16.78 -24.49 8.10
C GLY D 131 16.37 -23.12 7.57
N GLN D 132 17.07 -22.08 8.02
CA GLN D 132 16.78 -20.69 7.53
C GLN D 132 17.72 -20.28 6.43
N GLY D 133 18.50 -19.20 6.56
CA GLY D 133 19.51 -18.82 5.55
C GLY D 133 19.10 -18.53 4.17
N SER D 134 17.88 -18.01 3.99
CA SER D 134 17.38 -17.81 2.63
C SER D 134 16.62 -16.51 2.36
N GLY D 135 16.55 -15.59 3.33
CA GLY D 135 15.85 -14.31 3.14
C GLY D 135 16.79 -13.18 2.89
N TRP D 136 17.71 -12.96 3.80
CA TRP D 136 18.58 -11.75 3.66
C TRP D 136 20.06 -12.10 3.67
N LEU D 137 20.39 -13.29 4.14
CA LEU D 137 21.79 -13.73 4.14
C LEU D 137 21.76 -15.26 4.13
N LYS D 138 22.64 -15.85 3.34
CA LYS D 138 22.63 -17.25 3.11
C LYS D 138 23.10 -18.07 4.33
N GLY D 139 22.64 -19.32 4.36
CA GLY D 139 23.03 -20.24 5.42
C GLY D 139 23.25 -21.61 4.85
N ASP D 140 23.82 -22.48 5.67
CA ASP D 140 24.32 -23.77 5.22
C ASP D 140 23.86 -24.93 6.07
N THR D 141 22.98 -24.73 7.03
CA THR D 141 22.65 -25.73 8.03
C THR D 141 21.23 -26.14 7.91
N PRO D 142 20.96 -27.44 7.76
CA PRO D 142 19.56 -27.89 7.72
C PRO D 142 18.91 -28.04 9.07
N ASP D 143 17.56 -28.07 9.03
CA ASP D 143 16.76 -28.53 10.16
C ASP D 143 16.64 -30.06 10.05
N TYR D 144 16.34 -30.74 11.14
CA TYR D 144 16.08 -32.20 11.10
C TYR D 144 14.94 -32.45 12.12
N PRO D 145 13.71 -32.66 11.69
CA PRO D 145 12.62 -32.77 12.68
C PRO D 145 12.51 -34.04 13.59
N GLY D 147 11.05 -37.02 12.45
CA GLY D 147 9.68 -37.53 12.18
C GLY D 147 8.72 -36.55 11.47
N PRO D 148 7.39 -36.63 11.75
CA PRO D 148 6.46 -35.87 10.90
C PRO D 148 6.57 -34.35 11.10
N VAL D 149 6.41 -33.61 10.02
CA VAL D 149 6.35 -32.17 10.04
C VAL D 149 4.89 -31.77 9.87
N ASP D 150 4.21 -31.50 10.98
CA ASP D 150 2.76 -31.19 11.02
C ASP D 150 2.36 -30.04 10.07
N PRO D 151 1.10 -30.03 9.61
CA PRO D 151 0.55 -28.82 8.99
C PRO D 151 1.01 -27.57 9.72
N GLN D 152 1.43 -26.57 8.91
CA GLN D 152 2.02 -25.35 9.47
C GLN D 152 1.80 -24.22 8.51
N TYR D 153 1.89 -22.99 9.01
CA TYR D 153 1.95 -21.80 8.19
C TYR D 153 3.40 -21.66 7.66
N PRO D 154 3.60 -21.16 6.42
CA PRO D 154 4.95 -20.92 5.91
C PRO D 154 5.83 -20.25 6.92
N GLY D 155 7.01 -20.85 7.12
CA GLY D 155 7.99 -20.20 8.01
C GLY D 155 8.31 -21.06 9.17
N PHE D 156 8.98 -20.47 10.16
CA PHE D 156 9.52 -21.26 11.28
C PHE D 156 8.78 -21.16 12.58
N MET D 157 7.96 -20.14 12.72
CA MET D 157 7.27 -19.87 14.00
C MET D 157 6.22 -20.89 14.36
N THR D 158 5.66 -21.60 13.37
CA THR D 158 4.60 -22.54 13.64
C THR D 158 5.04 -23.96 13.32
N ARG D 159 6.30 -24.16 12.97
CA ARG D 159 6.78 -25.49 12.69
C ARG D 159 6.80 -26.37 13.96
N GLY D 160 6.01 -27.42 13.98
CA GLY D 160 5.95 -28.25 15.17
C GLY D 160 5.25 -27.69 16.42
N ILE D 161 4.42 -26.62 16.26
CA ILE D 161 3.87 -25.86 17.34
C ILE D 161 2.84 -26.57 18.20
N LEU D 162 2.36 -27.71 17.76
CA LEU D 162 1.34 -28.43 18.53
C LEU D 162 1.91 -29.24 19.70
N ASP D 163 3.25 -29.34 19.82
CA ASP D 163 3.87 -30.01 20.94
C ASP D 163 5.27 -29.39 21.21
N PRO D 164 5.56 -28.99 22.45
CA PRO D 164 6.89 -28.42 22.64
C PRO D 164 8.05 -29.35 22.27
N ARG D 165 7.81 -30.68 22.36
CA ARG D 165 8.85 -31.63 21.97
C ARG D 165 9.18 -31.55 20.51
N THR D 166 8.22 -31.15 19.65
CA THR D 166 8.46 -31.06 18.23
C THR D 166 8.70 -29.64 17.75
N TYR D 167 8.66 -28.68 18.64
CA TYR D 167 8.70 -27.29 18.21
C TYR D 167 10.09 -26.88 17.73
N TYR D 168 10.09 -26.17 16.62
CA TYR D 168 11.33 -25.73 15.97
C TYR D 168 12.35 -25.09 16.92
N TYR D 169 11.90 -24.16 17.77
CA TYR D 169 12.87 -23.48 18.64
C TYR D 169 13.41 -24.34 19.77
N ARG D 170 12.82 -25.49 20.07
CA ARG D 170 13.50 -26.43 20.96
C ARG D 170 14.89 -26.73 20.37
N ARG D 171 14.92 -26.95 19.07
CA ARG D 171 16.15 -27.39 18.37
C ARG D 171 17.12 -26.20 18.24
N VAL D 172 16.61 -25.02 17.84
CA VAL D 172 17.46 -23.83 17.77
C VAL D 172 18.08 -23.50 19.12
N PHE D 173 17.29 -23.50 20.18
CA PHE D 173 17.79 -23.04 21.45
C PHE D 173 18.85 -24.03 22.03
N THR D 174 18.63 -25.32 21.80
CA THR D 174 19.62 -26.36 22.14
C THR D 174 20.90 -26.13 21.36
N ASP D 175 20.79 -25.97 20.05
CA ASP D 175 21.97 -25.59 19.26
C ASP D 175 22.74 -24.43 19.91
N ALA D 176 21.98 -23.39 20.27
CA ALA D 176 22.54 -22.17 20.75
C ALA D 176 23.28 -22.34 22.09
N VAL D 177 22.75 -23.19 22.95
CA VAL D 177 23.45 -23.58 24.21
C VAL D 177 24.74 -24.32 23.91
N ARG D 178 24.66 -25.27 22.98
CA ARG D 178 25.83 -26.08 22.56
C ARG D 178 26.91 -25.20 21.87
N ALA D 179 26.48 -24.15 21.15
CA ALA D 179 27.41 -23.22 20.53
C ALA D 179 28.32 -22.53 21.54
N VAL D 180 27.79 -22.23 22.73
CA VAL D 180 28.60 -21.60 23.75
C VAL D 180 29.70 -22.60 24.22
N GLU D 181 29.30 -23.84 24.40
CA GLU D 181 30.29 -24.94 24.71
C GLU D 181 31.32 -25.12 23.64
N ALA D 182 30.91 -24.99 22.38
CA ALA D 182 31.86 -25.10 21.26
C ALA D 182 32.86 -23.92 21.20
N ALA D 183 32.37 -22.68 21.40
CA ALA D 183 33.25 -21.52 21.46
C ALA D 183 34.28 -21.74 22.58
N ALA D 184 33.80 -22.24 23.72
CA ALA D 184 34.68 -22.36 24.92
C ALA D 184 35.81 -23.38 24.70
N SER D 185 35.57 -24.29 23.77
CA SER D 185 36.51 -25.35 23.42
C SER D 185 37.70 -24.82 22.62
N PHE D 186 37.60 -23.58 22.08
CA PHE D 186 38.63 -23.09 21.18
C PHE D 186 39.77 -22.59 22.11
N PRO D 187 41.03 -23.00 21.81
CA PRO D 187 42.03 -22.79 22.87
C PRO D 187 42.36 -21.32 23.14
N GLN D 188 42.22 -20.40 22.17
CA GLN D 188 42.48 -19.00 22.44
C GLN D 188 41.35 -18.29 23.14
N VAL D 189 40.19 -18.92 23.31
CA VAL D 189 39.10 -18.23 23.95
C VAL D 189 39.33 -18.17 25.44
N ASP D 190 39.19 -16.99 25.99
CA ASP D 190 39.12 -16.76 27.44
C ASP D 190 37.77 -17.12 28.00
N GLN D 191 37.69 -18.28 28.63
CA GLN D 191 36.43 -18.75 29.15
C GLN D 191 35.75 -17.89 30.22
N GLU D 192 36.45 -16.94 30.80
CA GLU D 192 35.86 -15.98 31.69
C GLU D 192 35.25 -14.78 31.00
N ARG D 193 35.44 -14.65 29.68
CA ARG D 193 34.90 -13.51 28.98
C ARG D 193 34.18 -13.98 27.70
N ILE D 194 33.19 -14.85 27.89
CA ILE D 194 32.33 -15.30 26.83
C ILE D 194 30.99 -14.55 26.94
N VAL D 195 30.65 -13.86 25.86
CA VAL D 195 29.44 -13.03 25.77
C VAL D 195 28.49 -13.75 24.78
N ILE D 196 27.18 -13.65 25.03
CA ILE D 196 26.16 -14.13 24.12
C ILE D 196 25.43 -12.93 23.60
N ALA D 197 25.22 -12.90 22.26
CA ALA D 197 24.68 -11.69 21.64
C ALA D 197 23.75 -11.99 20.52
N GLY D 198 22.69 -11.14 20.40
CA GLY D 198 21.96 -11.07 19.18
C GLY D 198 20.90 -9.98 19.24
N GLY D 199 20.32 -9.75 18.06
CA GLY D 199 19.20 -8.84 17.87
C GLY D 199 18.01 -9.55 17.28
N SER D 200 16.81 -9.17 17.73
CA SER D 200 15.56 -9.72 17.22
C SER D 200 15.52 -11.25 17.41
N GLN D 201 15.41 -12.08 16.40
CA GLN D 201 15.49 -13.58 16.66
C GLN D 201 16.75 -13.86 17.41
N GLY D 202 17.84 -13.22 17.03
CA GLY D 202 19.08 -13.41 17.76
C GLY D 202 19.07 -13.08 19.24
N GLY D 203 18.33 -12.06 19.58
CA GLY D 203 18.18 -11.64 20.94
C GLY D 203 17.29 -12.56 21.73
N GLY D 204 16.24 -13.14 21.11
CA GLY D 204 15.38 -14.14 21.76
C GLY D 204 16.17 -15.42 22.04
N ILE D 205 17.00 -15.80 21.08
CA ILE D 205 17.85 -16.99 21.26
C ILE D 205 18.80 -16.69 22.40
N ALA D 206 19.47 -15.54 22.34
CA ALA D 206 20.49 -15.20 23.37
C ALA D 206 19.84 -15.17 24.74
N LEU D 207 18.60 -14.70 24.81
CA LEU D 207 17.87 -14.70 26.06
C LEU D 207 17.58 -16.14 26.60
N ALA D 208 17.15 -17.09 25.79
CA ALA D 208 17.07 -18.49 26.21
C ALA D 208 18.41 -19.03 26.69
N VAL D 209 19.46 -18.71 25.95
CA VAL D 209 20.80 -19.17 26.32
C VAL D 209 21.25 -18.58 27.68
N SER D 210 20.83 -17.33 27.97
CA SER D 210 21.26 -16.65 29.19
C SER D 210 20.74 -17.38 30.43
N ALA D 211 19.63 -18.05 30.29
CA ALA D 211 19.10 -18.90 31.34
C ALA D 211 19.62 -20.34 31.35
N LEU D 212 19.80 -20.91 30.16
CA LEU D 212 20.11 -22.34 30.02
C LEU D 212 21.60 -22.69 30.08
N SER D 213 22.50 -21.79 29.75
CA SER D 213 23.94 -22.09 29.64
C SER D 213 24.59 -21.80 30.96
N LYS D 214 25.51 -22.66 31.38
CA LYS D 214 26.32 -22.36 32.54
C LYS D 214 27.65 -21.65 32.16
N LYS D 215 27.96 -21.47 30.85
CA LYS D 215 29.21 -20.87 30.42
C LYS D 215 29.20 -19.40 30.01
N ALA D 216 28.05 -18.81 29.76
CA ALA D 216 27.97 -17.40 29.35
C ALA D 216 28.28 -16.46 30.51
N LYS D 217 29.01 -15.41 30.24
CA LYS D 217 29.36 -14.44 31.24
C LYS D 217 28.59 -13.12 31.12
N ALA D 218 28.08 -12.79 29.92
CA ALA D 218 27.25 -11.59 29.72
C ALA D 218 26.38 -11.73 28.51
N LEU D 219 25.29 -10.94 28.50
CA LEU D 219 24.24 -10.97 27.50
C LEU D 219 24.10 -9.59 26.83
N LEU D 220 24.13 -9.56 25.50
CA LEU D 220 23.79 -8.40 24.69
C LEU D 220 22.49 -8.76 23.99
N CYS D 221 21.37 -8.11 24.38
CA CYS D 221 20.06 -8.50 23.87
C CYS D 221 19.36 -7.29 23.22
N ASP D 222 19.42 -7.22 21.91
CA ASP D 222 18.82 -6.09 21.23
C ASP D 222 17.47 -6.43 20.67
N VAL D 223 16.51 -5.49 20.77
CA VAL D 223 15.19 -5.57 20.12
C VAL D 223 14.64 -7.03 20.08
N PRO D 224 14.57 -7.69 21.25
CA PRO D 224 14.32 -9.11 21.24
C PRO D 224 13.02 -9.60 20.68
N PHE D 225 13.11 -10.57 19.79
CA PHE D 225 11.92 -11.36 19.34
C PHE D 225 11.73 -12.61 20.25
N LEU D 226 10.64 -13.37 20.06
CA LEU D 226 10.36 -14.59 20.79
C LEU D 226 10.03 -14.22 22.22
N CYS D 227 9.50 -13.01 22.45
CA CYS D 227 9.06 -12.60 23.77
C CYS D 227 7.56 -12.26 23.86
N HIS D 228 6.88 -12.82 24.84
CA HIS D 228 5.51 -12.43 25.22
C HIS D 228 4.55 -12.58 24.07
N PHE D 229 4.53 -13.80 23.54
CA PHE D 229 3.92 -14.13 22.28
C PHE D 229 2.41 -13.74 22.28
N ARG D 230 1.74 -13.98 23.41
CA ARG D 230 0.29 -13.78 23.54
C ARG D 230 -0.06 -12.35 23.29
N ARG D 231 0.71 -11.46 23.87
CA ARG D 231 0.51 -10.03 23.65
C ARG D 231 0.94 -9.61 22.25
N ALA D 232 2.06 -10.15 21.80
CA ALA D 232 2.60 -9.77 20.50
C ALA D 232 1.60 -9.94 19.39
N VAL D 233 0.98 -11.12 19.31
CA VAL D 233 0.01 -11.41 18.26
C VAL D 233 -1.31 -10.55 18.39
N GLN D 234 -1.57 -9.97 19.56
CA GLN D 234 -2.68 -8.98 19.73
C GLN D 234 -2.33 -7.58 19.28
N LEU D 235 -1.06 -7.25 19.29
CA LEU D 235 -0.63 -5.90 19.10
C LEU D 235 -0.24 -5.55 17.71
N VAL D 236 0.37 -6.48 16.98
CA VAL D 236 0.89 -6.18 15.66
C VAL D 236 0.49 -7.26 14.68
N ASP D 237 0.44 -6.89 13.40
CA ASP D 237 0.13 -7.84 12.35
C ASP D 237 1.33 -8.02 11.43
N THR D 238 2.54 -7.66 11.88
CA THR D 238 3.72 -7.79 11.09
C THR D 238 4.28 -9.22 11.22
N HIS D 239 5.11 -9.58 10.25
CA HIS D 239 5.91 -10.81 10.32
C HIS D 239 7.17 -10.57 11.08
N PRO D 240 7.66 -11.58 11.85
CA PRO D 240 7.13 -13.01 11.76
C PRO D 240 6.10 -13.35 12.81
N TYR D 241 5.73 -12.45 13.71
CA TYR D 241 4.74 -12.86 14.71
C TYR D 241 3.39 -13.28 14.03
N ALA D 242 3.06 -12.60 12.93
CA ALA D 242 1.80 -12.91 12.16
C ALA D 242 1.71 -14.34 11.65
N GLU D 243 2.82 -15.06 11.57
CA GLU D 243 2.72 -16.51 11.24
C GLU D 243 1.90 -17.24 12.27
N ILE D 244 2.07 -16.88 13.51
CA ILE D 244 1.33 -17.52 14.57
C ILE D 244 -0.18 -17.16 14.45
N THR D 245 -0.45 -15.86 14.31
CA THR D 245 -1.83 -15.39 14.13
C THR D 245 -2.49 -16.08 12.98
N ASN D 246 -1.82 -16.15 11.82
CA ASN D 246 -2.39 -16.84 10.67
C ASN D 246 -2.69 -18.32 10.89
N PHE D 247 -1.75 -19.04 11.52
CA PHE D 247 -2.04 -20.42 11.99
C PHE D 247 -3.30 -20.54 12.85
N LEU D 248 -3.43 -19.63 13.83
CA LEU D 248 -4.59 -19.56 14.73
C LEU D 248 -5.88 -19.18 14.01
N LYS D 249 -5.79 -18.34 12.97
CA LYS D 249 -6.99 -18.03 12.18
C LYS D 249 -7.63 -19.25 11.52
N THR D 250 -6.80 -20.26 11.17
CA THR D 250 -7.21 -21.48 10.48
C THR D 250 -7.46 -22.61 11.48
N HIS D 251 -6.58 -22.78 12.46
CA HIS D 251 -6.65 -23.87 13.42
C HIS D 251 -7.33 -23.34 14.65
N ARG D 252 -8.63 -23.08 14.50
CA ARG D 252 -9.42 -22.37 15.56
C ARG D 252 -9.56 -23.10 16.87
N ASP D 253 -9.46 -24.41 16.78
CA ASP D 253 -9.57 -25.33 17.86
C ASP D 253 -8.26 -25.50 18.62
N LYS D 254 -7.17 -24.87 18.16
CA LYS D 254 -5.85 -25.13 18.76
C LYS D 254 -5.25 -23.99 19.50
N GLU D 255 -6.04 -22.93 19.79
CA GLU D 255 -5.55 -21.81 20.52
C GLU D 255 -4.83 -22.15 21.83
N GLU D 256 -5.45 -22.95 22.68
CA GLU D 256 -4.84 -23.19 24.01
C GLU D 256 -3.53 -24.01 23.83
N ILE D 257 -3.55 -24.99 22.94
CA ILE D 257 -2.35 -25.81 22.64
C ILE D 257 -1.15 -24.99 22.13
N VAL D 258 -1.46 -24.13 21.15
CA VAL D 258 -0.46 -23.22 20.62
C VAL D 258 0.24 -22.37 21.72
N PHE D 259 -0.54 -21.66 22.52
CA PHE D 259 0.06 -20.84 23.62
C PHE D 259 0.70 -21.63 24.72
N ARG D 260 0.20 -22.82 24.98
CA ARG D 260 0.93 -23.71 25.91
C ARG D 260 2.32 -24.09 25.32
N THR D 261 2.40 -24.47 24.06
CA THR D 261 3.68 -24.76 23.45
C THR D 261 4.60 -23.59 23.53
N LEU D 262 4.10 -22.39 23.14
CA LEU D 262 4.94 -21.22 23.05
C LEU D 262 5.46 -20.87 24.42
N SER D 263 4.73 -21.17 25.51
CA SER D 263 5.23 -20.76 26.85
C SER D 263 6.58 -21.34 27.23
N TYR D 264 6.92 -22.51 26.67
CA TYR D 264 8.23 -23.11 26.90
C TYR D 264 9.39 -22.38 26.20
N PHE D 265 9.08 -21.44 25.28
CA PHE D 265 10.09 -20.78 24.41
C PHE D 265 10.10 -19.25 24.57
N ASP D 266 9.32 -18.76 25.52
CA ASP D 266 9.08 -17.34 25.69
C ASP D 266 10.17 -16.68 26.48
N GLY D 267 10.86 -15.75 25.83
CA GLY D 267 11.89 -14.88 26.48
C GLY D 267 11.59 -14.35 27.85
N VAL D 268 10.32 -14.04 28.13
CA VAL D 268 9.91 -13.50 29.42
C VAL D 268 10.17 -14.61 30.49
N ASN D 269 9.86 -15.87 30.20
CA ASN D 269 10.05 -16.99 31.15
C ASN D 269 11.53 -17.31 31.37
N PHE D 270 12.33 -17.20 30.30
CA PHE D 270 13.79 -17.30 30.43
C PHE D 270 14.34 -16.16 31.21
N ALA D 271 13.88 -14.94 30.98
CA ALA D 271 14.49 -13.77 31.63
C ALA D 271 14.37 -13.86 33.15
N ALA D 272 13.26 -14.37 33.62
CA ALA D 272 12.99 -14.53 35.07
C ALA D 272 14.04 -15.44 35.71
N ARG D 273 14.71 -16.25 34.91
CA ARG D 273 15.66 -17.26 35.40
C ARG D 273 17.09 -16.87 35.25
N ALA D 274 17.38 -15.86 34.44
CA ALA D 274 18.73 -15.56 34.03
C ALA D 274 19.45 -14.66 35.08
N LYS D 275 20.74 -14.88 35.26
CA LYS D 275 21.55 -14.27 36.30
C LYS D 275 22.72 -13.43 35.85
N ILE D 276 23.12 -13.52 34.58
CA ILE D 276 24.32 -12.92 34.13
C ILE D 276 24.03 -11.45 33.76
N PRO D 277 25.04 -10.57 33.84
CA PRO D 277 24.87 -9.13 33.52
C PRO D 277 24.38 -8.98 32.07
N ALA D 278 23.48 -8.03 31.82
CA ALA D 278 22.89 -7.91 30.46
C ALA D 278 22.72 -6.44 30.06
N LEU D 279 22.88 -6.16 28.78
CA LEU D 279 22.57 -4.84 28.20
C LEU D 279 21.49 -5.11 27.14
N PHE D 280 20.30 -4.55 27.35
CA PHE D 280 19.19 -4.62 26.43
C PHE D 280 19.10 -3.33 25.60
N SER D 281 18.46 -3.43 24.44
CA SER D 281 18.02 -2.21 23.72
C SER D 281 16.62 -2.40 23.20
N VAL D 282 15.97 -1.26 23.00
CA VAL D 282 14.57 -1.30 22.52
C VAL D 282 14.29 -0.06 21.67
N GLY D 283 13.42 -0.23 20.68
CA GLY D 283 12.96 0.87 19.86
C GLY D 283 11.49 1.09 20.21
N LEU D 284 11.11 2.33 20.56
CA LEU D 284 9.72 2.60 21.00
C LEU D 284 8.76 2.65 19.85
N MET D 285 9.24 2.68 18.61
CA MET D 285 8.36 2.63 17.42
C MET D 285 8.50 1.33 16.68
N ASP D 286 9.22 0.36 17.26
CA ASP D 286 9.39 -1.02 16.66
C ASP D 286 8.04 -1.75 16.61
N ASN D 287 7.53 -1.98 15.42
CA ASN D 287 6.31 -2.76 15.28
C ASN D 287 6.54 -4.24 14.84
N ILE D 288 7.81 -4.66 14.81
CA ILE D 288 8.20 -6.09 14.62
C ILE D 288 8.26 -6.79 16.00
N CYS D 289 8.99 -6.15 16.91
CA CYS D 289 9.15 -6.53 18.30
C CYS D 289 8.61 -5.42 19.19
N PRO D 290 7.32 -5.50 19.50
CA PRO D 290 6.69 -4.32 20.20
C PRO D 290 7.34 -3.99 21.53
N PRO D 291 7.42 -2.72 21.87
CA PRO D 291 8.13 -2.36 23.09
C PRO D 291 7.61 -3.06 24.34
N SER D 292 6.31 -3.31 24.46
CA SER D 292 5.78 -3.98 25.64
C SER D 292 6.28 -5.42 25.79
N THR D 293 6.56 -6.07 24.67
CA THR D 293 7.09 -7.44 24.68
C THR D 293 8.52 -7.40 25.09
N VAL D 294 9.28 -6.40 24.64
CA VAL D 294 10.66 -6.25 25.07
C VAL D 294 10.76 -5.90 26.56
N PHE D 295 9.96 -4.92 26.99
CA PHE D 295 9.98 -4.51 28.39
C PHE D 295 9.47 -5.61 29.32
N ALA D 296 8.53 -6.46 28.90
CA ALA D 296 8.11 -7.60 29.76
C ALA D 296 9.33 -8.52 30.06
N ALA D 297 10.11 -8.78 29.03
CA ALA D 297 11.35 -9.54 29.21
C ALA D 297 12.37 -8.80 30.04
N TYR D 298 12.64 -7.54 29.72
CA TYR D 298 13.64 -6.79 30.44
C TYR D 298 13.27 -6.64 31.96
N ASN D 299 12.00 -6.40 32.22
CA ASN D 299 11.57 -6.14 33.59
C ASN D 299 11.61 -7.41 34.43
N TYR D 300 11.42 -8.58 33.79
CA TYR D 300 11.61 -9.85 34.48
C TYR D 300 13.03 -10.34 34.54
N TYR D 301 13.94 -9.76 33.75
CA TYR D 301 15.32 -10.25 33.67
C TYR D 301 15.96 -10.18 35.07
N ALA D 302 16.49 -11.32 35.54
CA ALA D 302 16.86 -11.42 36.98
C ALA D 302 18.30 -11.11 37.31
N GLY D 303 19.11 -10.81 36.31
CA GLY D 303 20.53 -10.49 36.53
C GLY D 303 20.70 -8.97 36.51
N PRO D 304 21.88 -8.46 36.85
CA PRO D 304 22.21 -7.05 36.73
C PRO D 304 21.98 -6.64 35.27
N LYS D 305 21.41 -5.47 35.07
CA LYS D 305 20.91 -5.14 33.72
C LYS D 305 20.76 -3.65 33.53
N GLU D 306 20.85 -3.27 32.26
CA GLU D 306 20.65 -1.92 31.81
C GLU D 306 19.90 -2.04 30.48
N ILE D 307 19.18 -0.97 30.13
CA ILE D 307 18.47 -0.92 28.83
C ILE D 307 18.72 0.44 28.17
N ARG D 308 19.03 0.42 26.88
CA ARG D 308 19.15 1.63 26.05
C ARG D 308 17.87 1.80 25.26
N ILE D 309 17.17 2.93 25.43
CA ILE D 309 15.85 3.14 24.91
C ILE D 309 16.00 4.18 23.82
N TYR D 310 15.49 3.85 22.64
CA TYR D 310 15.57 4.68 21.47
C TYR D 310 14.13 5.05 21.07
N PRO D 311 13.63 6.23 21.54
CA PRO D 311 12.19 6.56 21.41
C PRO D 311 11.71 6.73 20.01
N TYR D 312 12.58 7.16 19.10
CA TYR D 312 12.15 7.41 17.77
C TYR D 312 12.50 6.31 16.80
N ASN D 313 13.18 5.26 17.23
CA ASN D 313 13.56 4.23 16.28
C ASN D 313 12.52 3.11 16.18
N ASN D 314 12.44 2.54 15.00
N ASN D 314 12.36 2.54 14.97
CA ASN D 314 11.66 1.35 14.76
CA ASN D 314 11.58 1.31 14.69
C ASN D 314 12.61 0.13 15.02
C ASN D 314 12.51 0.12 15.04
N HIS D 315 12.54 -0.91 14.23
CA HIS D 315 13.19 -2.19 14.59
C HIS D 315 14.68 -2.15 14.39
N GLU D 316 15.17 -1.10 13.73
CA GLU D 316 16.62 -0.85 13.63
C GLU D 316 17.23 -0.54 15.00
N GLY D 317 16.40 -0.15 15.96
CA GLY D 317 16.81 0.11 17.34
C GLY D 317 17.86 1.23 17.35
N GLY D 318 18.88 1.01 18.14
CA GLY D 318 20.01 1.95 18.24
C GLY D 318 21.05 1.86 17.12
N GLY D 319 20.96 0.86 16.23
CA GLY D 319 21.93 0.68 15.15
C GLY D 319 23.40 0.78 15.57
N SER D 320 24.18 1.55 14.80
CA SER D 320 25.60 1.72 15.10
C SER D 320 25.87 2.44 16.43
N PHE D 321 24.92 3.23 16.94
CA PHE D 321 25.03 3.89 18.24
CA PHE D 321 25.08 3.89 18.23
C PHE D 321 25.04 2.80 19.30
N GLN D 322 24.16 1.84 19.16
CA GLN D 322 24.07 0.79 20.16
C GLN D 322 25.35 -0.08 20.17
N ALA D 323 25.93 -0.29 19.00
CA ALA D 323 27.13 -1.10 18.89
C ALA D 323 28.20 -0.50 19.79
N VAL D 324 28.36 0.82 19.75
CA VAL D 324 29.30 1.51 20.64
C VAL D 324 28.92 1.34 22.11
N GLU D 325 27.63 1.46 22.44
CA GLU D 325 27.20 1.23 23.81
C GLU D 325 27.59 -0.19 24.28
N GLN D 326 27.54 -1.15 23.35
CA GLN D 326 27.90 -2.55 23.70
C GLN D 326 29.36 -2.73 24.04
N VAL D 327 30.23 -2.14 23.25
CA VAL D 327 31.64 -2.26 23.45
C VAL D 327 32.04 -1.60 24.77
N LYS D 328 31.46 -0.44 25.06
CA LYS D 328 31.69 0.22 26.36
C LYS D 328 31.22 -0.55 27.56
N PHE D 329 30.02 -1.11 27.47
CA PHE D 329 29.44 -1.94 28.51
C PHE D 329 30.35 -3.13 28.88
N LEU D 330 30.83 -3.81 27.86
CA LEU D 330 31.68 -4.98 28.07
C LEU D 330 33.06 -4.58 28.63
N LYS D 331 33.61 -3.51 28.08
CA LYS D 331 34.85 -2.95 28.59
C LYS D 331 34.79 -2.72 30.12
N LYS D 332 33.80 -1.97 30.54
CA LYS D 332 33.55 -1.68 31.94
C LYS D 332 33.26 -2.94 32.75
N LEU D 333 32.46 -3.86 32.21
CA LEU D 333 32.22 -5.11 32.90
C LEU D 333 33.49 -5.95 33.15
N PHE D 334 34.32 -6.10 32.12
CA PHE D 334 35.45 -7.01 32.18
C PHE D 334 36.69 -6.39 32.88
N GLU D 335 36.83 -5.05 32.85
CA GLU D 335 37.94 -4.31 33.50
C GLU D 335 38.08 -4.53 35.03
N PHE E 16 -9.00 8.94 15.69
CA PHE E 16 -7.68 8.41 16.18
C PHE E 16 -7.03 9.22 17.34
N ASP E 17 -7.41 10.44 17.57
CA ASP E 17 -6.73 11.26 18.56
C ASP E 17 -7.68 11.30 19.75
N LEU E 18 -7.48 12.24 20.65
CA LEU E 18 -8.37 12.40 21.80
C LEU E 18 -9.82 12.62 21.35
N PRO E 19 -10.78 12.05 22.08
CA PRO E 19 -12.16 12.39 21.74
C PRO E 19 -12.47 13.89 21.91
N LEU E 20 -13.52 14.38 21.27
CA LEU E 20 -13.77 15.80 21.19
C LEU E 20 -13.96 16.48 22.58
N GLU E 21 -14.64 15.82 23.51
CA GLU E 21 -14.81 16.44 24.82
C GLU E 21 -13.46 16.71 25.48
N GLU E 22 -12.50 15.81 25.25
CA GLU E 22 -11.13 15.95 25.77
C GLU E 22 -10.37 16.99 24.96
N LEU E 23 -10.54 17.03 23.63
CA LEU E 23 -9.87 18.09 22.82
C LEU E 23 -10.26 19.48 23.24
N LYS E 24 -11.55 19.70 23.59
CA LYS E 24 -11.99 21.00 23.99
C LYS E 24 -11.39 21.51 25.29
N LYS E 25 -10.94 20.59 26.16
CA LYS E 25 -10.32 20.96 27.46
C LYS E 25 -8.83 20.79 27.36
N TYR E 26 -8.25 20.42 26.22
CA TYR E 26 -6.81 20.03 26.15
C TYR E 26 -5.89 21.25 26.16
N ARG E 27 -5.25 21.52 27.31
CA ARG E 27 -4.35 22.67 27.49
C ARG E 27 -3.10 22.20 28.22
N PRO E 28 -2.24 21.51 27.49
CA PRO E 28 -1.11 20.86 28.06
C PRO E 28 -0.01 21.88 28.48
N GLU E 29 0.83 21.43 29.37
CA GLU E 29 2.02 22.21 29.76
C GLU E 29 2.79 22.58 28.55
N ARG E 30 3.06 23.86 28.36
CA ARG E 30 3.76 24.34 27.23
C ARG E 30 5.26 24.21 27.48
N TYR E 31 6.06 24.06 26.44
CA TYR E 31 7.48 24.05 26.55
C TYR E 31 8.03 25.22 25.72
N GLU E 32 8.73 26.14 26.38
CA GLU E 32 9.41 27.23 25.69
C GLU E 32 10.55 27.72 26.56
N GLU E 33 11.56 28.23 25.93
CA GLU E 33 12.71 28.73 26.64
C GLU E 33 12.43 30.12 27.18
N LYS E 34 13.19 30.52 28.22
CA LYS E 34 12.95 31.79 28.86
C LYS E 34 13.19 32.95 27.92
N ASP E 35 14.01 32.74 26.87
CA ASP E 35 14.37 33.82 25.96
C ASP E 35 13.56 33.80 24.63
N PHE E 36 12.38 33.15 24.61
CA PHE E 36 11.49 33.19 23.39
C PHE E 36 11.24 34.62 22.84
N ASP E 37 10.74 35.50 23.69
CA ASP E 37 10.41 36.85 23.22
C ASP E 37 11.69 37.59 22.76
N GLU E 38 12.73 37.47 23.55
CA GLU E 38 14.01 38.13 23.17
C GLU E 38 14.52 37.68 21.79
N PHE E 39 14.45 36.36 21.57
CA PHE E 39 14.83 35.77 20.29
C PHE E 39 14.10 36.42 19.17
N TRP E 40 12.77 36.56 19.31
CA TRP E 40 11.98 37.14 18.23
C TRP E 40 12.17 38.66 18.11
N GLU E 41 12.29 39.35 19.25
CA GLU E 41 12.59 40.82 19.28
C GLU E 41 13.89 41.08 18.52
N GLU E 42 14.91 40.33 18.84
CA GLU E 42 16.17 40.48 18.15
C GLU E 42 16.18 40.07 16.67
N THR E 43 15.48 38.97 16.33
CA THR E 43 15.32 38.62 14.96
C THR E 43 14.66 39.72 14.13
N LEU E 44 13.54 40.24 14.63
CA LEU E 44 12.83 41.20 13.88
C LEU E 44 13.63 42.52 13.76
N ALA E 45 14.27 42.90 14.84
CA ALA E 45 15.05 44.18 14.86
C ALA E 45 16.20 44.10 13.84
N GLU E 46 16.84 42.97 13.83
CA GLU E 46 17.90 42.76 12.90
C GLU E 46 17.44 42.81 11.48
N SER E 47 16.30 42.18 11.13
CA SER E 47 15.84 42.27 9.77
C SER E 47 15.26 43.66 9.40
N GLU E 48 14.73 44.33 10.40
CA GLU E 48 14.21 45.69 10.20
C GLU E 48 15.29 46.76 9.86
N LYS E 49 16.57 46.44 10.05
CA LYS E 49 17.64 47.39 9.66
C LYS E 49 17.71 47.53 8.18
N PHE E 50 17.25 46.52 7.41
CA PHE E 50 17.25 46.63 5.97
C PHE E 50 15.97 47.26 5.52
N PRO E 51 16.02 48.15 4.51
CA PRO E 51 14.75 48.74 4.16
C PRO E 51 13.80 47.74 3.50
N LEU E 52 12.54 47.86 3.89
CA LEU E 52 11.47 47.03 3.33
C LEU E 52 11.41 47.11 1.84
N ASP E 53 11.42 48.33 1.33
CA ASP E 53 11.46 48.59 -0.09
C ASP E 53 10.46 47.79 -0.91
N PRO E 54 9.18 47.96 -0.60
CA PRO E 54 8.19 47.13 -1.27
C PRO E 54 7.96 47.67 -2.65
N VAL E 55 7.92 46.78 -3.64
CA VAL E 55 7.79 47.12 -5.03
C VAL E 55 6.58 46.38 -5.63
N PHE E 56 5.68 47.15 -6.22
CA PHE E 56 4.50 46.60 -6.85
C PHE E 56 4.55 46.93 -8.31
N GLU E 57 4.76 45.94 -9.16
CA GLU E 57 4.88 46.14 -10.61
C GLU E 57 3.63 45.63 -11.26
N ARG E 58 2.82 46.54 -11.79
CA ARG E 58 1.63 46.18 -12.53
C ARG E 58 2.02 45.28 -13.69
N MET E 59 1.21 44.26 -13.94
CA MET E 59 1.58 43.27 -14.92
C MET E 59 0.58 43.17 -16.00
N GLU E 60 1.08 42.84 -17.20
CA GLU E 60 0.21 42.51 -18.33
C GLU E 60 -0.43 41.20 -17.93
N SER E 61 -1.74 41.11 -18.06
CA SER E 61 -2.47 39.92 -17.59
C SER E 61 -3.65 39.68 -18.43
N HIS E 62 -4.06 38.40 -18.55
CA HIS E 62 -5.36 38.08 -19.09
C HIS E 62 -6.51 38.36 -18.16
N LEU E 63 -6.22 38.55 -16.89
CA LEU E 63 -7.25 38.79 -15.92
C LEU E 63 -7.97 40.12 -16.28
N LYS E 64 -9.28 40.12 -16.16
CA LYS E 64 -10.11 41.29 -16.48
C LYS E 64 -10.81 41.90 -15.31
N THR E 65 -11.11 41.11 -14.26
CA THR E 65 -11.81 41.63 -13.07
C THR E 65 -10.90 42.05 -11.93
N VAL E 66 -9.59 41.83 -12.12
CA VAL E 66 -8.61 42.01 -11.13
C VAL E 66 -7.41 42.64 -11.75
N GLU E 67 -6.77 43.57 -11.04
CA GLU E 67 -5.44 44.03 -11.42
C GLU E 67 -4.37 43.23 -10.67
N ALA E 68 -3.40 42.68 -11.38
CA ALA E 68 -2.34 41.94 -10.77
C ALA E 68 -0.99 42.68 -10.74
N TYR E 69 -0.35 42.63 -9.59
CA TYR E 69 1.00 43.15 -9.43
C TYR E 69 1.96 42.07 -9.02
N ASP E 70 3.12 42.15 -9.62
CA ASP E 70 4.28 41.41 -9.20
C ASP E 70 4.89 42.13 -8.00
N VAL E 71 5.03 41.46 -6.87
CA VAL E 71 5.52 42.04 -5.66
C VAL E 71 6.93 41.60 -5.35
N THR E 72 7.71 42.54 -4.80
CA THR E 72 8.98 42.26 -4.16
C THR E 72 9.09 43.06 -2.89
N PHE E 73 9.57 42.43 -1.80
CA PHE E 73 9.82 43.12 -0.56
C PHE E 73 10.93 42.47 0.22
N SER E 74 11.47 43.22 1.19
CA SER E 74 12.54 42.68 2.04
C SER E 74 12.04 41.91 3.25
N GLY E 75 12.44 40.62 3.34
CA GLY E 75 12.04 39.78 4.44
C GLY E 75 13.18 39.56 5.40
N TYR E 76 13.53 38.28 5.67
CA TYR E 76 14.60 38.01 6.55
C TYR E 76 15.95 38.57 6.01
N ARG E 77 16.66 39.32 6.89
CA ARG E 77 17.94 39.99 6.58
C ARG E 77 18.05 40.63 5.22
N GLY E 78 17.04 41.41 4.86
CA GLY E 78 16.96 42.09 3.57
C GLY E 78 16.80 41.25 2.33
N GLN E 79 16.58 39.93 2.49
CA GLN E 79 16.47 39.09 1.33
C GLN E 79 15.19 39.34 0.56
N ARG E 80 15.22 39.34 -0.76
CA ARG E 80 14.11 39.85 -1.56
C ARG E 80 13.09 38.69 -1.83
N ILE E 81 11.89 38.83 -1.28
CA ILE E 81 10.81 37.83 -1.38
C ILE E 81 9.77 38.28 -2.42
N LYS E 82 9.30 37.35 -3.25
CA LYS E 82 8.33 37.53 -4.25
C LYS E 82 6.92 37.35 -3.66
N GLY E 83 5.96 37.92 -4.37
CA GLY E 83 4.53 37.77 -4.07
C GLY E 83 3.68 38.19 -5.23
N TRP E 84 2.38 38.08 -5.07
CA TRP E 84 1.42 38.69 -5.97
C TRP E 84 0.53 39.64 -5.13
N LEU E 85 0.08 40.73 -5.78
CA LEU E 85 -0.95 41.56 -5.24
C LEU E 85 -2.08 41.50 -6.24
N LEU E 86 -3.25 41.10 -5.78
CA LEU E 86 -4.40 41.00 -6.61
C LEU E 86 -5.40 42.00 -6.13
N VAL E 87 -5.74 43.00 -6.96
CA VAL E 87 -6.66 44.08 -6.54
C VAL E 87 -7.95 43.96 -7.37
N PRO E 88 -9.09 43.71 -6.72
CA PRO E 88 -10.32 43.64 -7.49
C PRO E 88 -10.69 45.05 -8.07
N LYS E 89 -11.22 45.08 -9.28
CA LYS E 89 -11.65 46.39 -9.91
C LYS E 89 -12.98 46.84 -9.37
N LEU E 90 -12.98 47.62 -8.29
CA LEU E 90 -14.18 48.08 -7.63
C LEU E 90 -14.08 49.60 -7.44
N GLU E 91 -15.21 50.24 -7.19
CA GLU E 91 -15.25 51.72 -7.07
C GLU E 91 -15.02 52.05 -5.63
N GLU E 92 -13.82 51.79 -5.13
CA GLU E 92 -13.59 51.96 -3.71
C GLU E 92 -12.23 52.54 -3.57
N GLU E 93 -12.10 53.64 -2.84
CA GLU E 93 -10.77 54.22 -2.63
C GLU E 93 -9.92 53.42 -1.66
N LYS E 94 -10.55 52.66 -0.78
CA LYS E 94 -9.81 51.73 0.06
C LYS E 94 -10.53 50.38 0.14
N LEU E 95 -9.74 49.33 0.27
CA LEU E 95 -10.30 48.00 0.28
C LEU E 95 -9.64 47.18 1.39
N PRO E 96 -10.39 46.27 1.96
CA PRO E 96 -9.81 45.35 2.97
C PRO E 96 -8.82 44.41 2.26
N CYS E 97 -7.95 43.79 3.05
CA CYS E 97 -6.81 43.03 2.48
C CYS E 97 -6.59 41.72 3.20
N VAL E 98 -6.44 40.63 2.43
CA VAL E 98 -5.98 39.32 3.02
C VAL E 98 -4.56 39.08 2.60
N VAL E 99 -3.68 38.86 3.57
CA VAL E 99 -2.30 38.43 3.33
C VAL E 99 -2.33 36.89 3.46
N GLN E 100 -2.06 36.21 2.35
CA GLN E 100 -2.22 34.76 2.18
C GLN E 100 -0.87 34.05 2.21
N TYR E 101 -0.74 33.07 3.12
CA TYR E 101 0.47 32.29 3.22
C TYR E 101 0.17 30.93 2.67
N ILE E 102 1.20 30.21 2.27
CA ILE E 102 1.05 29.05 1.33
C ILE E 102 1.46 27.72 1.99
N GLY E 103 0.73 26.65 1.60
CA GLY E 103 1.04 25.29 2.08
C GLY E 103 2.41 24.76 1.70
N TYR E 104 2.81 23.72 2.46
CA TYR E 104 4.11 23.01 2.27
C TYR E 104 4.30 22.59 0.83
N ASN E 105 5.50 22.82 0.26
CA ASN E 105 5.84 22.47 -1.14
C ASN E 105 5.09 23.28 -2.22
N GLY E 106 4.42 24.35 -1.83
CA GLY E 106 3.78 25.25 -2.75
C GLY E 106 4.53 26.54 -2.89
N GLY E 107 4.08 27.39 -3.80
CA GLY E 107 4.69 28.69 -4.01
C GLY E 107 3.63 29.57 -4.63
N ARG E 108 4.02 30.76 -5.02
CA ARG E 108 3.05 31.76 -5.49
C ARG E 108 2.36 31.47 -6.80
N GLY E 109 2.85 30.48 -7.57
CA GLY E 109 2.15 30.03 -8.76
C GLY E 109 1.88 31.18 -9.73
N PHE E 110 0.67 31.19 -10.27
CA PHE E 110 0.22 32.24 -11.14
C PHE E 110 -0.75 33.16 -10.38
N PRO E 111 -0.92 34.39 -10.86
CA PRO E 111 -1.94 35.25 -10.25
C PRO E 111 -3.34 34.65 -10.20
N HIS E 112 -3.76 33.95 -11.26
CA HIS E 112 -5.02 33.35 -11.28
C HIS E 112 -5.23 32.22 -10.27
N ASP E 113 -4.19 31.79 -9.58
CA ASP E 113 -4.37 30.71 -8.56
C ASP E 113 -4.98 31.28 -7.25
N TRP E 114 -5.22 32.61 -7.17
CA TRP E 114 -5.53 33.23 -5.90
C TRP E 114 -6.73 34.14 -6.03
N LEU E 115 -7.73 33.68 -6.77
CA LEU E 115 -8.89 34.53 -7.08
C LEU E 115 -10.01 34.72 -6.07
N PHE E 116 -10.05 33.86 -5.09
CA PHE E 116 -11.12 33.87 -4.10
C PHE E 116 -11.28 35.23 -3.41
N TRP E 117 -10.25 35.67 -2.71
CA TRP E 117 -10.37 36.88 -1.88
C TRP E 117 -10.61 38.14 -2.75
N PRO E 118 -9.92 38.29 -3.89
CA PRO E 118 -10.29 39.41 -4.78
C PRO E 118 -11.72 39.39 -5.24
N SER E 119 -12.24 38.21 -5.54
CA SER E 119 -13.60 38.02 -5.91
C SER E 119 -14.62 38.40 -4.87
N MET E 120 -14.26 38.19 -3.59
CA MET E 120 -15.03 38.63 -2.49
C MET E 120 -14.74 40.09 -2.06
N GLY E 121 -14.01 40.84 -2.87
CA GLY E 121 -13.82 42.27 -2.62
C GLY E 121 -12.62 42.65 -1.80
N TYR E 122 -11.69 41.70 -1.57
CA TYR E 122 -10.44 41.92 -0.79
C TYR E 122 -9.24 42.01 -1.72
N ILE E 123 -8.36 43.00 -1.49
CA ILE E 123 -7.05 42.99 -2.06
C ILE E 123 -6.34 41.73 -1.45
N CYS E 124 -5.66 40.97 -2.26
CA CYS E 124 -5.00 39.75 -1.78
C CYS E 124 -3.49 39.87 -2.01
N PHE E 125 -2.71 39.83 -0.94
CA PHE E 125 -1.27 39.81 -1.01
C PHE E 125 -0.86 38.32 -0.80
N VAL E 126 -0.32 37.68 -1.84
CA VAL E 126 0.13 36.27 -1.77
C VAL E 126 1.61 36.27 -1.55
N MET E 127 2.09 35.77 -0.43
CA MET E 127 3.52 35.65 -0.14
C MET E 127 4.10 34.39 -0.67
N ASP E 128 5.12 34.51 -1.50
CA ASP E 128 5.81 33.35 -2.02
C ASP E 128 6.65 32.77 -0.85
N THR E 129 6.88 31.45 -0.90
CA THR E 129 7.59 30.75 0.17
C THR E 129 9.02 30.35 -0.21
N ARG E 130 9.97 30.98 0.44
CA ARG E 130 11.38 30.79 0.18
C ARG E 130 11.80 29.32 0.07
N GLY E 131 12.35 29.02 -1.08
CA GLY E 131 13.00 27.71 -1.28
C GLY E 131 12.08 26.52 -1.58
N GLN E 132 10.75 26.71 -1.53
CA GLN E 132 9.78 25.58 -1.74
C GLN E 132 9.32 25.57 -3.21
N GLY E 133 8.03 25.78 -3.50
CA GLY E 133 7.59 25.99 -4.85
C GLY E 133 7.86 24.91 -5.85
N SER E 134 7.86 23.66 -5.39
CA SER E 134 8.23 22.54 -6.32
C SER E 134 7.43 21.25 -6.19
N GLY E 135 6.39 21.25 -5.38
CA GLY E 135 5.60 20.00 -5.16
C GLY E 135 4.25 20.04 -5.80
N TRP E 136 3.49 21.09 -5.56
CA TRP E 136 2.13 21.13 -6.13
C TRP E 136 1.82 22.47 -6.76
N LEU E 137 2.65 23.48 -6.57
CA LEU E 137 2.48 24.74 -7.26
C LEU E 137 3.85 25.40 -7.23
N LYS E 138 4.24 25.97 -8.34
CA LYS E 138 5.56 26.50 -8.51
C LYS E 138 5.77 27.81 -7.73
N GLY E 139 7.00 28.06 -7.41
CA GLY E 139 7.44 29.31 -6.76
C GLY E 139 8.71 29.85 -7.33
N ASP E 140 9.06 31.06 -6.90
CA ASP E 140 10.11 31.87 -7.57
C ASP E 140 11.07 32.51 -6.58
N THR E 141 10.99 32.18 -5.28
CA THR E 141 11.86 32.81 -4.30
C THR E 141 12.82 31.79 -3.74
N PRO E 142 14.14 32.10 -3.72
CA PRO E 142 15.09 31.23 -3.07
C PRO E 142 15.12 31.38 -1.55
N ASP E 143 15.73 30.38 -0.89
CA ASP E 143 16.17 30.48 0.50
C ASP E 143 17.64 30.93 0.46
N TYR E 144 18.12 31.45 1.59
CA TYR E 144 19.57 31.76 1.89
C TYR E 144 19.87 31.25 3.27
N PRO E 145 20.80 30.30 3.38
CA PRO E 145 21.03 29.85 4.72
C PRO E 145 21.80 30.84 5.60
N GLU E 146 21.72 30.57 6.89
CA GLU E 146 22.47 31.20 7.93
C GLU E 146 23.80 30.39 7.97
N GLY E 147 24.67 30.64 6.99
CA GLY E 147 25.95 29.96 6.82
C GLY E 147 25.99 28.54 6.23
N PRO E 148 26.67 27.59 6.93
CA PRO E 148 26.67 26.23 6.35
C PRO E 148 25.27 25.69 6.42
N VAL E 149 24.92 24.86 5.45
CA VAL E 149 23.66 24.13 5.46
C VAL E 149 23.90 22.74 6.11
N ASP E 150 23.62 22.62 7.39
CA ASP E 150 23.90 21.42 8.17
C ASP E 150 23.28 20.15 7.57
N PRO E 151 23.88 19.00 7.87
CA PRO E 151 23.21 17.72 7.58
C PRO E 151 21.73 17.83 7.97
N GLN E 152 20.89 17.41 7.04
CA GLN E 152 19.45 17.41 7.28
C GLN E 152 18.75 16.28 6.55
N TYR E 153 17.51 16.01 6.92
CA TYR E 153 16.67 15.05 6.16
C TYR E 153 16.08 15.81 5.01
N PRO E 154 15.80 15.14 3.86
CA PRO E 154 15.08 15.88 2.78
C PRO E 154 13.83 16.72 3.20
N GLY E 155 13.85 17.98 2.81
CA GLY E 155 12.73 18.84 3.12
C GLY E 155 13.17 20.07 3.85
N PHE E 156 12.15 20.74 4.40
CA PHE E 156 12.35 21.99 5.12
C PHE E 156 12.28 21.93 6.58
N MET E 157 11.66 20.85 7.12
CA MET E 157 11.37 20.74 8.54
C MET E 157 12.61 20.63 9.40
N THR E 158 13.71 20.11 8.83
CA THR E 158 14.90 19.89 9.56
C THR E 158 16.07 20.75 9.10
N ARG E 159 15.80 21.66 8.20
CA ARG E 159 16.86 22.52 7.67
C ARG E 159 17.31 23.53 8.78
N GLY E 160 18.55 23.39 9.28
CA GLY E 160 19.05 24.31 10.30
C GLY E 160 18.54 24.04 11.70
N ILE E 161 17.97 22.86 11.91
CA ILE E 161 17.23 22.53 13.16
C ILE E 161 18.10 22.49 14.41
N LEU E 162 19.41 22.38 14.27
CA LEU E 162 20.25 22.25 15.46
C LEU E 162 20.43 23.60 16.20
N ASP E 163 19.89 24.67 15.66
CA ASP E 163 20.02 25.97 16.34
C ASP E 163 18.87 26.86 15.87
N PRO E 164 18.16 27.49 16.79
CA PRO E 164 17.05 28.31 16.28
C PRO E 164 17.51 29.46 15.44
N ARG E 165 18.77 29.90 15.62
CA ARG E 165 19.24 30.97 14.82
C ARG E 165 19.39 30.58 13.35
N THR E 166 19.67 29.29 13.08
CA THR E 166 19.84 28.77 11.73
C THR E 166 18.60 28.11 11.16
N TYR E 167 17.57 27.95 11.94
CA TYR E 167 16.39 27.18 11.48
C TYR E 167 15.62 27.90 10.40
N TYR E 168 15.18 27.11 9.42
CA TYR E 168 14.52 27.56 8.20
C TYR E 168 13.29 28.44 8.54
N TYR E 169 12.50 28.02 9.50
CA TYR E 169 11.26 28.82 9.84
C TYR E 169 11.52 30.17 10.50
N ARG E 170 12.69 30.40 11.03
CA ARG E 170 13.08 31.75 11.45
C ARG E 170 13.03 32.70 10.27
N ARG E 171 13.49 32.22 9.11
CA ARG E 171 13.47 33.04 7.94
C ARG E 171 12.10 33.21 7.32
N VAL E 172 11.37 32.11 7.20
CA VAL E 172 10.02 32.16 6.71
C VAL E 172 9.11 33.07 7.54
N PHE E 173 9.15 32.95 8.86
CA PHE E 173 8.27 33.72 9.74
C PHE E 173 8.62 35.23 9.65
N THR E 174 9.93 35.51 9.51
CA THR E 174 10.38 36.89 9.32
C THR E 174 9.83 37.47 8.07
N ASP E 175 10.01 36.73 6.98
CA ASP E 175 9.41 37.08 5.76
C ASP E 175 7.93 37.39 5.92
N ALA E 176 7.23 36.53 6.63
CA ALA E 176 5.77 36.66 6.77
C ALA E 176 5.28 37.88 7.56
N VAL E 177 6.01 38.22 8.59
CA VAL E 177 5.78 39.43 9.34
C VAL E 177 6.00 40.63 8.40
N ARG E 178 7.12 40.59 7.67
CA ARG E 178 7.44 41.68 6.75
C ARG E 178 6.46 41.80 5.62
N ALA E 179 5.86 40.68 5.21
CA ALA E 179 4.78 40.74 4.21
C ALA E 179 3.56 41.60 4.56
N VAL E 180 3.19 41.60 5.81
CA VAL E 180 2.00 42.38 6.20
C VAL E 180 2.38 43.88 6.12
N GLU E 181 3.61 44.22 6.50
CA GLU E 181 4.08 45.59 6.42
C GLU E 181 4.13 46.03 4.98
N ALA E 182 4.54 45.16 4.08
CA ALA E 182 4.53 45.43 2.67
C ALA E 182 3.10 45.62 2.14
N ALA E 183 2.14 44.76 2.54
CA ALA E 183 0.74 44.97 2.15
C ALA E 183 0.18 46.32 2.62
N ALA E 184 0.50 46.67 3.86
CA ALA E 184 0.02 47.93 4.45
C ALA E 184 0.57 49.14 3.70
N SER E 185 1.66 48.95 2.99
CA SER E 185 2.28 50.02 2.17
C SER E 185 1.59 50.27 0.85
N PHE E 186 0.65 49.40 0.42
CA PHE E 186 -0.07 49.70 -0.83
C PHE E 186 -1.20 50.69 -0.56
N PRO E 187 -1.26 51.83 -1.31
CA PRO E 187 -2.15 52.91 -0.82
C PRO E 187 -3.65 52.60 -0.76
N GLN E 188 -4.10 51.72 -1.63
CA GLN E 188 -5.49 51.33 -1.62
C GLN E 188 -5.84 50.41 -0.44
N VAL E 189 -4.87 49.82 0.23
CA VAL E 189 -5.21 48.91 1.34
C VAL E 189 -5.74 49.68 2.57
N ASP E 190 -6.85 49.20 3.10
CA ASP E 190 -7.44 49.72 4.32
C ASP E 190 -6.73 49.09 5.48
N GLN E 191 -5.87 49.86 6.14
CA GLN E 191 -5.05 49.35 7.22
C GLN E 191 -5.82 48.96 8.47
N GLU E 192 -7.07 49.33 8.58
CA GLU E 192 -7.93 48.86 9.62
C GLU E 192 -8.44 47.45 9.34
N ARG E 193 -8.33 46.95 8.10
CA ARG E 193 -8.95 45.67 7.69
C ARG E 193 -7.95 44.76 7.01
N ILE E 194 -6.85 44.50 7.68
CA ILE E 194 -5.79 43.62 7.14
C ILE E 194 -5.92 42.27 7.84
N VAL E 195 -6.10 41.23 7.07
CA VAL E 195 -6.33 39.89 7.59
C VAL E 195 -5.11 39.05 7.22
N ILE E 196 -4.71 38.12 8.10
CA ILE E 196 -3.62 37.16 7.75
C ILE E 196 -4.32 35.76 7.71
N ALA E 197 -4.02 35.00 6.70
CA ALA E 197 -4.67 33.79 6.47
C ALA E 197 -3.73 32.66 6.02
N GLY E 198 -4.12 31.44 6.39
CA GLY E 198 -3.47 30.29 5.76
C GLY E 198 -4.02 28.99 6.31
N GLY E 199 -3.75 27.95 5.51
CA GLY E 199 -4.05 26.56 5.87
C GLY E 199 -2.78 25.71 6.01
N SER E 200 -2.74 24.86 7.04
CA SER E 200 -1.65 23.87 7.19
C SER E 200 -0.34 24.66 7.46
N GLN E 201 0.70 24.52 6.65
CA GLN E 201 1.86 25.38 6.80
C GLN E 201 1.47 26.90 6.82
N GLY E 202 0.59 27.29 5.93
CA GLY E 202 -0.01 28.60 5.92
C GLY E 202 -0.55 29.06 7.28
N GLY E 203 -1.26 28.16 7.96
CA GLY E 203 -1.84 28.42 9.27
C GLY E 203 -0.83 28.55 10.32
N GLY E 204 0.20 27.71 10.26
CA GLY E 204 1.32 27.86 11.20
C GLY E 204 2.10 29.16 11.05
N ILE E 205 2.35 29.53 9.83
CA ILE E 205 2.95 30.83 9.54
C ILE E 205 2.04 31.93 10.06
N ALA E 206 0.77 31.84 9.74
CA ALA E 206 -0.17 32.87 10.16
C ALA E 206 -0.29 33.01 11.66
N LEU E 207 -0.19 31.89 12.39
CA LEU E 207 -0.17 31.94 13.86
C LEU E 207 1.01 32.68 14.38
N ALA E 208 2.19 32.48 13.78
CA ALA E 208 3.36 33.24 14.20
C ALA E 208 3.20 34.73 13.96
N VAL E 209 2.71 35.06 12.78
CA VAL E 209 2.44 36.47 12.42
C VAL E 209 1.41 37.13 13.35
N SER E 210 0.38 36.36 13.76
CA SER E 210 -0.64 36.86 14.66
C SER E 210 -0.04 37.31 15.98
N ALA E 211 1.04 36.66 16.42
CA ALA E 211 1.79 37.11 17.62
C ALA E 211 2.74 38.30 17.35
N LEU E 212 3.38 38.29 16.21
CA LEU E 212 4.57 39.16 15.95
C LEU E 212 4.27 40.43 15.16
N SER E 213 3.15 40.48 14.45
CA SER E 213 2.85 41.61 13.56
C SER E 213 2.19 42.78 14.29
N LYS E 214 2.59 43.98 13.87
CA LYS E 214 1.97 45.22 14.34
C LYS E 214 0.86 45.72 13.43
N LYS E 215 0.55 44.97 12.35
CA LYS E 215 -0.38 45.41 11.36
C LYS E 215 -1.60 44.51 11.18
N ALA E 216 -1.49 43.22 11.52
CA ALA E 216 -2.61 42.31 11.29
C ALA E 216 -3.76 42.63 12.20
N LYS E 217 -4.96 42.55 11.65
CA LYS E 217 -6.17 42.81 12.44
C LYS E 217 -7.12 41.63 12.68
N ALA E 218 -6.95 40.54 11.93
CA ALA E 218 -7.73 39.30 12.11
C ALA E 218 -6.93 38.13 11.57
N LEU E 219 -7.19 36.93 12.11
CA LEU E 219 -6.50 35.74 11.71
C LEU E 219 -7.53 34.73 11.24
N LEU E 220 -7.24 34.10 10.13
CA LEU E 220 -7.94 32.91 9.61
C LEU E 220 -6.89 31.77 9.63
N CYS E 221 -7.11 30.76 10.47
CA CYS E 221 -6.12 29.72 10.69
C CYS E 221 -6.76 28.36 10.51
N ASP E 222 -6.53 27.77 9.34
CA ASP E 222 -7.11 26.47 8.99
C ASP E 222 -6.12 25.33 9.16
N VAL E 223 -6.63 24.26 9.74
CA VAL E 223 -5.91 23.00 9.92
C VAL E 223 -4.40 23.20 10.19
N PRO E 224 -4.06 23.96 11.22
CA PRO E 224 -2.67 24.46 11.23
C PRO E 224 -1.62 23.41 11.48
N PHE E 225 -0.52 23.58 10.75
CA PHE E 225 0.74 22.83 10.86
C PHE E 225 1.71 23.68 11.74
N LEU E 226 2.84 23.09 12.11
CA LEU E 226 3.88 23.72 12.92
C LEU E 226 3.34 23.99 14.36
N CYS E 227 2.53 23.08 14.86
CA CYS E 227 1.95 23.18 16.21
C CYS E 227 2.24 21.89 17.01
N HIS E 228 2.79 22.05 18.21
CA HIS E 228 2.83 20.95 19.20
C HIS E 228 3.66 19.79 18.66
N PHE E 229 4.87 20.11 18.21
CA PHE E 229 5.70 19.20 17.40
C PHE E 229 5.97 17.89 18.15
N ARG E 230 6.24 18.00 19.47
CA ARG E 230 6.58 16.86 20.25
C ARG E 230 5.48 15.81 20.31
N ARG E 231 4.25 16.27 20.49
CA ARG E 231 3.09 15.38 20.41
C ARG E 231 2.82 14.91 18.96
N ALA E 232 2.98 15.80 17.97
CA ALA E 232 2.75 15.44 16.57
C ALA E 232 3.52 14.24 16.14
N VAL E 233 4.82 14.23 16.41
CA VAL E 233 5.68 13.13 15.94
C VAL E 233 5.41 11.77 16.69
N GLN E 234 4.82 11.84 17.86
CA GLN E 234 4.39 10.70 18.62
C GLN E 234 3.10 10.13 18.10
N LEU E 235 2.23 10.97 17.49
CA LEU E 235 0.95 10.50 17.03
C LEU E 235 0.91 10.01 15.62
N VAL E 236 1.61 10.64 14.71
CA VAL E 236 1.49 10.28 13.28
C VAL E 236 2.84 10.05 12.66
N ASP E 237 2.87 9.22 11.62
CA ASP E 237 4.05 8.98 10.77
C ASP E 237 3.89 9.58 9.38
N THR E 238 2.94 10.53 9.23
CA THR E 238 2.80 11.19 7.99
C THR E 238 3.85 12.32 7.83
N HIS E 239 4.02 12.71 6.60
CA HIS E 239 4.77 13.89 6.26
C HIS E 239 3.89 15.12 6.25
N PRO E 240 4.42 16.29 6.59
CA PRO E 240 5.85 16.51 6.81
C PRO E 240 6.33 16.35 8.23
N TYR E 241 5.48 16.05 9.22
CA TYR E 241 6.02 15.92 10.59
C TYR E 241 7.10 14.79 10.67
N ALA E 242 6.95 13.76 9.85
CA ALA E 242 7.87 12.65 9.89
C ALA E 242 9.29 12.99 9.43
N GLU E 243 9.50 14.11 8.74
CA GLU E 243 10.88 14.57 8.50
C GLU E 243 11.58 14.71 9.82
N ILE E 244 10.91 15.20 10.86
CA ILE E 244 11.55 15.41 12.15
C ILE E 244 11.94 14.06 12.75
N THR E 245 10.97 13.14 12.71
CA THR E 245 11.18 11.79 13.31
C THR E 245 12.32 11.14 12.58
N ASN E 246 12.34 11.22 11.23
CA ASN E 246 13.36 10.51 10.49
C ASN E 246 14.75 11.07 10.85
N PHE E 247 14.84 12.40 11.03
CA PHE E 247 16.12 13.02 11.41
C PHE E 247 16.57 12.51 12.81
N LEU E 248 15.66 12.44 13.73
CA LEU E 248 15.92 11.89 15.06
C LEU E 248 16.31 10.39 15.07
N LYS E 249 15.77 9.60 14.15
CA LYS E 249 16.13 8.17 14.01
C LYS E 249 17.60 8.02 13.72
N THR E 250 18.20 9.01 13.03
CA THR E 250 19.59 8.96 12.68
C THR E 250 20.44 9.74 13.65
N HIS E 251 20.02 10.95 14.03
CA HIS E 251 20.80 11.81 14.94
C HIS E 251 20.33 11.53 16.33
N ARG E 252 20.71 10.35 16.85
CA ARG E 252 20.09 9.84 18.11
C ARG E 252 20.47 10.57 19.33
N ASP E 253 21.54 11.35 19.22
CA ASP E 253 22.08 12.20 20.24
C ASP E 253 21.46 13.60 20.27
N LYS E 254 20.46 13.90 19.41
CA LYS E 254 20.01 15.31 19.26
C LYS E 254 18.55 15.58 19.64
N GLU E 255 17.89 14.62 20.34
CA GLU E 255 16.51 14.78 20.73
C GLU E 255 16.31 16.13 21.45
N GLU E 256 17.06 16.34 22.53
CA GLU E 256 16.81 17.54 23.34
C GLU E 256 17.01 18.86 22.51
N ILE E 257 18.05 18.92 21.74
CA ILE E 257 18.40 20.11 20.96
C ILE E 257 17.29 20.35 19.93
N VAL E 258 16.83 19.27 19.26
CA VAL E 258 15.85 19.43 18.20
C VAL E 258 14.57 20.03 18.80
N PHE E 259 14.10 19.49 19.92
CA PHE E 259 12.87 20.04 20.51
C PHE E 259 13.02 21.41 21.11
N ARG E 260 14.22 21.70 21.59
CA ARG E 260 14.52 23.04 22.01
C ARG E 260 14.44 24.04 20.85
N THR E 261 15.06 23.71 19.73
CA THR E 261 14.94 24.59 18.56
C THR E 261 13.48 24.80 18.17
N LEU E 262 12.74 23.69 18.02
CA LEU E 262 11.37 23.78 17.55
C LEU E 262 10.44 24.58 18.46
N SER E 263 10.75 24.61 19.78
CA SER E 263 9.92 25.40 20.70
C SER E 263 9.83 26.87 20.34
N TYR E 264 10.86 27.42 19.70
CA TYR E 264 10.79 28.81 19.26
C TYR E 264 9.87 29.04 18.06
N PHE E 265 9.35 27.98 17.40
CA PHE E 265 8.60 28.12 16.15
C PHE E 265 7.21 27.49 16.28
N ASP E 266 6.84 27.12 17.51
CA ASP E 266 5.69 26.25 17.74
C ASP E 266 4.44 27.15 17.87
N GLY E 267 3.43 26.89 17.03
CA GLY E 267 2.21 27.66 16.98
C GLY E 267 1.49 27.77 18.33
N VAL E 268 1.68 26.78 19.21
CA VAL E 268 1.07 26.81 20.53
C VAL E 268 1.61 28.01 21.36
N ASN E 269 2.90 28.28 21.19
CA ASN E 269 3.55 29.35 21.97
C ASN E 269 3.30 30.72 21.38
N PHE E 270 3.08 30.80 20.07
CA PHE E 270 2.61 32.02 19.48
C PHE E 270 1.17 32.28 19.82
N ALA E 271 0.37 31.25 19.80
CA ALA E 271 -1.02 31.40 20.10
C ALA E 271 -1.28 32.10 21.47
N ALA E 272 -0.51 31.68 22.46
CA ALA E 272 -0.54 32.28 23.79
C ALA E 272 -0.31 33.81 23.77
N ARG E 273 0.33 34.36 22.74
CA ARG E 273 0.74 35.78 22.71
C ARG E 273 -0.16 36.59 21.82
N ALA E 274 -0.99 35.92 21.01
CA ALA E 274 -1.78 36.59 20.02
C ALA E 274 -3.04 37.24 20.62
N LYS E 275 -3.34 38.43 20.15
CA LYS E 275 -4.40 39.31 20.69
C LYS E 275 -5.54 39.58 19.69
N ILE E 276 -5.29 39.36 18.40
CA ILE E 276 -6.27 39.70 17.40
C ILE E 276 -7.37 38.62 17.28
N PRO E 277 -8.57 39.01 16.82
CA PRO E 277 -9.64 38.04 16.63
C PRO E 277 -9.27 36.98 15.56
N ALA E 278 -9.76 35.75 15.77
CA ALA E 278 -9.41 34.58 14.93
C ALA E 278 -10.56 33.63 14.71
N LEU E 279 -10.57 33.07 13.49
CA LEU E 279 -11.41 31.97 13.16
C LEU E 279 -10.51 30.80 12.79
N PHE E 280 -10.66 29.71 13.55
CA PHE E 280 -9.91 28.45 13.28
C PHE E 280 -10.79 27.41 12.60
N SER E 281 -10.16 26.42 11.96
CA SER E 281 -10.86 25.21 11.55
C SER E 281 -10.00 23.97 11.81
N VAL E 282 -10.68 22.85 11.95
CA VAL E 282 -10.02 21.57 12.28
C VAL E 282 -10.82 20.42 11.70
N GLY E 283 -10.11 19.43 11.15
CA GLY E 283 -10.72 18.14 10.77
C GLY E 283 -10.37 17.11 11.77
N LEU E 284 -11.38 16.45 12.29
CA LEU E 284 -11.12 15.44 13.31
C LEU E 284 -10.53 14.17 12.81
N MET E 285 -10.48 13.95 11.51
CA MET E 285 -9.82 12.78 10.96
C MET E 285 -8.52 13.16 10.25
N ASP E 286 -8.03 14.38 10.50
CA ASP E 286 -6.83 14.87 9.88
C ASP E 286 -5.60 14.16 10.51
N ASN E 287 -4.86 13.46 9.68
CA ASN E 287 -3.67 12.76 10.16
C ASN E 287 -2.35 13.41 9.70
N ILE E 288 -2.48 14.58 9.08
CA ILE E 288 -1.32 15.40 8.75
C ILE E 288 -1.09 16.40 9.91
N CYS E 289 -2.17 17.07 10.34
CA CYS E 289 -2.19 17.95 11.45
C CYS E 289 -3.16 17.41 12.44
N PRO E 290 -2.68 16.60 13.40
CA PRO E 290 -3.60 15.92 14.30
C PRO E 290 -4.44 16.84 15.14
N PRO E 291 -5.67 16.44 15.39
CA PRO E 291 -6.55 17.34 16.13
C PRO E 291 -6.03 17.84 17.49
N SER E 292 -5.28 17.00 18.21
CA SER E 292 -4.79 17.46 19.54
C SER E 292 -3.75 18.59 19.37
N THR E 293 -3.05 18.61 18.24
CA THR E 293 -2.06 19.67 17.98
C THR E 293 -2.77 21.01 17.62
N VAL E 294 -3.80 20.91 16.81
CA VAL E 294 -4.63 22.05 16.44
C VAL E 294 -5.34 22.59 17.69
N PHE E 295 -5.95 21.72 18.51
CA PHE E 295 -6.61 22.16 19.70
C PHE E 295 -5.67 22.74 20.76
N ALA E 296 -4.45 22.25 20.86
CA ALA E 296 -3.46 22.88 21.80
C ALA E 296 -3.27 24.35 21.40
N ALA E 297 -3.07 24.64 20.09
CA ALA E 297 -2.89 25.98 19.62
C ALA E 297 -4.18 26.78 19.86
N TYR E 298 -5.34 26.20 19.47
CA TYR E 298 -6.57 26.96 19.60
C TYR E 298 -6.94 27.30 21.04
N ASN E 299 -6.79 26.32 21.92
CA ASN E 299 -7.15 26.50 23.31
C ASN E 299 -6.18 27.51 23.93
N TYR E 300 -4.93 27.56 23.51
CA TYR E 300 -4.01 28.63 24.07
C TYR E 300 -4.18 29.99 23.45
N TYR E 301 -4.83 30.06 22.28
CA TYR E 301 -4.97 31.29 21.56
C TYR E 301 -5.63 32.36 22.45
N ALA E 302 -4.97 33.51 22.59
CA ALA E 302 -5.38 34.45 23.62
C ALA E 302 -6.28 35.52 23.14
N GLY E 303 -6.50 35.67 21.82
CA GLY E 303 -7.47 36.64 21.36
C GLY E 303 -8.87 36.10 21.28
N PRO E 304 -9.88 36.95 20.98
CA PRO E 304 -11.28 36.48 20.67
C PRO E 304 -11.22 35.47 19.50
N LYS E 305 -11.94 34.37 19.66
CA LYS E 305 -11.73 33.26 18.77
C LYS E 305 -12.99 32.44 18.65
N GLU E 306 -13.05 31.76 17.50
CA GLU E 306 -14.04 30.70 17.24
C GLU E 306 -13.37 29.60 16.45
N ILE E 307 -13.94 28.40 16.51
CA ILE E 307 -13.41 27.27 15.74
C ILE E 307 -14.54 26.55 15.04
N ARG E 308 -14.37 26.29 13.74
CA ARG E 308 -15.24 25.39 13.01
C ARG E 308 -14.68 23.98 13.00
N ILE E 309 -15.47 23.07 13.55
CA ILE E 309 -15.05 21.67 13.71
C ILE E 309 -15.74 20.77 12.68
N TYR E 310 -14.95 20.05 11.92
CA TYR E 310 -15.37 19.16 10.83
C TYR E 310 -15.06 17.71 11.23
N PRO E 311 -16.07 17.01 11.83
CA PRO E 311 -15.74 15.74 12.42
C PRO E 311 -15.37 14.63 11.50
N TYR E 312 -15.88 14.68 10.25
CA TYR E 312 -15.60 13.63 9.27
C TYR E 312 -14.56 13.97 8.26
N ASN E 313 -14.03 15.17 8.29
CA ASN E 313 -13.03 15.54 7.33
C ASN E 313 -11.60 15.20 7.78
N ASN E 314 -10.76 14.91 6.79
N ASN E 314 -10.73 14.87 6.81
CA ASN E 314 -9.35 14.75 7.01
CA ASN E 314 -9.28 14.69 6.99
C ASN E 314 -8.67 16.15 6.81
C ASN E 314 -8.66 16.12 6.82
N HIS E 315 -7.48 16.19 6.24
CA HIS E 315 -6.74 17.44 6.11
C HIS E 315 -7.31 18.49 5.22
N GLU E 316 -8.29 18.09 4.41
CA GLU E 316 -9.09 19.05 3.68
C GLU E 316 -9.90 19.96 4.57
N GLY E 317 -10.19 19.56 5.83
CA GLY E 317 -10.96 20.39 6.71
C GLY E 317 -12.32 20.73 6.13
N GLY E 318 -12.75 21.97 6.26
CA GLY E 318 -14.10 22.36 5.79
C GLY E 318 -14.15 22.76 4.31
N GLY E 319 -13.00 22.79 3.62
CA GLY E 319 -12.91 23.15 2.19
C GLY E 319 -13.70 24.41 1.85
N SER E 320 -14.52 24.33 0.80
CA SER E 320 -15.33 25.44 0.37
C SER E 320 -16.43 25.87 1.33
N PHE E 321 -16.91 25.00 2.22
CA PHE E 321 -17.85 25.41 3.28
CA PHE E 321 -17.83 25.41 3.25
C PHE E 321 -17.13 26.37 4.24
N GLN E 322 -15.88 26.05 4.60
CA GLN E 322 -15.13 26.90 5.52
C GLN E 322 -14.79 28.27 4.88
N ALA E 323 -14.56 28.33 3.58
CA ALA E 323 -14.33 29.57 2.88
C ALA E 323 -15.55 30.52 3.03
N VAL E 324 -16.77 29.97 2.98
CA VAL E 324 -17.95 30.75 3.21
C VAL E 324 -18.00 31.22 4.68
N GLU E 325 -17.69 30.34 5.64
CA GLU E 325 -17.61 30.79 7.03
C GLU E 325 -16.65 31.94 7.22
N GLN E 326 -15.51 31.89 6.54
CA GLN E 326 -14.53 32.99 6.66
C GLN E 326 -15.07 34.34 6.18
N VAL E 327 -15.71 34.35 5.03
CA VAL E 327 -16.26 35.58 4.52
C VAL E 327 -17.30 36.14 5.49
N LYS E 328 -18.15 35.28 6.05
CA LYS E 328 -19.20 35.74 7.01
C LYS E 328 -18.58 36.30 8.26
N PHE E 329 -17.54 35.61 8.77
CA PHE E 329 -16.83 35.96 10.00
C PHE E 329 -16.25 37.35 9.82
N LEU E 330 -15.61 37.62 8.69
CA LEU E 330 -14.91 38.86 8.50
C LEU E 330 -15.90 40.01 8.27
N LYS E 331 -16.94 39.78 7.54
CA LYS E 331 -17.97 40.81 7.41
C LYS E 331 -18.59 41.26 8.78
N LYS E 332 -18.91 40.31 9.66
CA LYS E 332 -19.40 40.58 10.98
C LYS E 332 -18.36 41.31 11.78
N LEU E 333 -17.11 40.85 11.77
CA LEU E 333 -16.09 41.50 12.54
C LEU E 333 -15.91 42.95 12.16
N PHE E 334 -15.82 43.19 10.89
CA PHE E 334 -15.48 44.50 10.37
C PHE E 334 -16.68 45.47 10.15
N GLU E 335 -17.93 45.00 10.26
CA GLU E 335 -19.19 45.72 9.81
C GLU E 335 -19.32 47.14 10.31
N PHE F 16 -7.60 -3.74 17.79
CA PHE F 16 -7.79 -2.27 17.52
C PHE F 16 -9.01 -1.67 18.22
N ASP F 17 -9.96 -2.48 18.65
CA ASP F 17 -11.22 -1.94 19.20
C ASP F 17 -11.14 -2.14 20.73
N LEU F 18 -12.25 -1.97 21.41
CA LEU F 18 -12.26 -2.20 22.84
C LEU F 18 -11.77 -3.62 23.18
N PRO F 19 -11.09 -3.78 24.33
CA PRO F 19 -10.72 -5.15 24.71
C PRO F 19 -11.96 -5.97 25.08
N LEU F 20 -11.85 -7.27 25.01
CA LEU F 20 -12.96 -8.15 25.15
C LEU F 20 -13.80 -8.00 26.41
N GLU F 21 -13.18 -7.79 27.56
CA GLU F 21 -13.98 -7.61 28.78
C GLU F 21 -14.80 -6.33 28.71
N GLU F 22 -14.31 -5.32 28.03
CA GLU F 22 -15.13 -4.14 27.83
C GLU F 22 -16.20 -4.38 26.76
N LEU F 23 -15.86 -5.10 25.72
CA LEU F 23 -16.84 -5.46 24.66
C LEU F 23 -18.02 -6.18 25.25
N LYS F 24 -17.77 -7.11 26.16
CA LYS F 24 -18.86 -7.85 26.77
C LYS F 24 -19.86 -7.04 27.55
N LYS F 25 -19.44 -5.89 28.07
CA LYS F 25 -20.26 -5.00 28.81
C LYS F 25 -20.65 -3.73 28.05
N TYR F 26 -20.30 -3.61 26.77
CA TYR F 26 -20.60 -2.43 25.98
C TYR F 26 -22.09 -2.31 25.62
N ARG F 27 -22.71 -1.26 26.14
CA ARG F 27 -24.10 -0.99 25.90
C ARG F 27 -24.27 0.46 25.79
N PRO F 28 -23.85 1.01 24.66
CA PRO F 28 -23.87 2.44 24.48
C PRO F 28 -25.32 2.90 24.49
N GLU F 29 -25.54 4.16 24.88
CA GLU F 29 -26.87 4.74 24.83
C GLU F 29 -27.45 4.65 23.42
N ARG F 30 -28.65 4.15 23.29
CA ARG F 30 -29.26 4.01 21.95
C ARG F 30 -29.86 5.32 21.49
N TYR F 31 -29.82 5.56 20.19
CA TYR F 31 -30.51 6.73 19.57
C TYR F 31 -31.55 6.23 18.53
N GLU F 32 -32.82 6.55 18.74
CA GLU F 32 -33.83 6.30 17.78
C GLU F 32 -34.84 7.46 17.93
N GLU F 33 -35.56 7.69 16.85
CA GLU F 33 -36.61 8.71 16.86
C GLU F 33 -37.88 8.12 17.52
N LYS F 34 -38.77 9.01 17.98
CA LYS F 34 -40.00 8.62 18.67
C LYS F 34 -40.93 7.78 17.82
N ASP F 35 -40.81 7.91 16.49
CA ASP F 35 -41.70 7.19 15.60
C ASP F 35 -41.07 5.93 14.98
N PHE F 36 -40.01 5.37 15.56
CA PHE F 36 -39.34 4.17 14.96
C PHE F 36 -40.35 3.03 14.62
N ASP F 37 -41.16 2.64 15.60
CA ASP F 37 -42.14 1.57 15.42
C ASP F 37 -43.20 1.92 14.44
N GLU F 38 -43.71 3.15 14.50
CA GLU F 38 -44.73 3.61 13.56
C GLU F 38 -44.22 3.56 12.14
N PHE F 39 -42.94 3.96 11.95
CA PHE F 39 -42.39 3.99 10.62
C PHE F 39 -42.41 2.57 10.04
N TRP F 40 -41.99 1.58 10.85
CA TRP F 40 -41.96 0.21 10.37
C TRP F 40 -43.34 -0.42 10.25
N GLU F 41 -44.23 -0.13 11.16
CA GLU F 41 -45.64 -0.56 10.99
C GLU F 41 -46.27 -0.04 9.72
N GLU F 42 -46.08 1.25 9.43
CA GLU F 42 -46.63 1.88 8.21
C GLU F 42 -45.98 1.30 7.02
N THR F 43 -44.65 1.08 7.08
CA THR F 43 -43.98 0.49 5.95
C THR F 43 -44.51 -0.88 5.58
N LEU F 44 -44.60 -1.74 6.56
CA LEU F 44 -45.06 -3.15 6.34
C LEU F 44 -46.53 -3.20 5.96
N ALA F 45 -47.35 -2.34 6.57
CA ALA F 45 -48.77 -2.27 6.16
C ALA F 45 -48.94 -1.89 4.76
N GLU F 46 -48.17 -0.92 4.27
CA GLU F 46 -48.35 -0.47 2.91
C GLU F 46 -47.94 -1.56 1.93
N SER F 47 -46.86 -2.29 2.22
CA SER F 47 -46.40 -3.32 1.34
C SER F 47 -47.35 -4.56 1.45
N GLU F 48 -47.98 -4.81 2.59
CA GLU F 48 -48.96 -5.90 2.71
C GLU F 48 -50.20 -5.69 1.85
N LYS F 49 -50.47 -4.47 1.39
CA LYS F 49 -51.62 -4.20 0.52
C LYS F 49 -51.44 -4.90 -0.85
N PHE F 50 -50.21 -5.27 -1.22
CA PHE F 50 -49.94 -5.98 -2.46
C PHE F 50 -49.89 -7.51 -2.18
N PRO F 51 -50.59 -8.32 -3.01
CA PRO F 51 -50.54 -9.75 -2.67
C PRO F 51 -49.12 -10.29 -2.76
N LEU F 52 -48.74 -11.13 -1.80
CA LEU F 52 -47.40 -11.85 -1.80
C LEU F 52 -47.15 -12.56 -3.08
N ASP F 53 -48.20 -13.27 -3.59
CA ASP F 53 -48.13 -14.02 -4.83
C ASP F 53 -46.79 -14.78 -4.97
N PRO F 54 -46.50 -15.66 -4.02
CA PRO F 54 -45.25 -16.46 -4.12
C PRO F 54 -45.39 -17.49 -5.22
N VAL F 55 -44.44 -17.53 -6.13
CA VAL F 55 -44.45 -18.41 -7.30
C VAL F 55 -43.13 -19.22 -7.31
N PHE F 56 -43.29 -20.55 -7.41
CA PHE F 56 -42.19 -21.47 -7.51
C PHE F 56 -42.25 -22.15 -8.83
N GLU F 57 -41.12 -22.24 -9.49
CA GLU F 57 -40.96 -22.95 -10.74
C GLU F 57 -39.73 -23.91 -10.68
N ARG F 58 -39.97 -25.21 -10.83
CA ARG F 58 -38.92 -26.23 -10.64
C ARG F 58 -37.92 -25.96 -11.83
N MET F 59 -36.62 -25.91 -11.52
CA MET F 59 -35.58 -25.63 -12.49
C MET F 59 -35.10 -26.95 -13.09
N GLU F 60 -34.82 -26.94 -14.38
CA GLU F 60 -33.98 -27.96 -15.02
C GLU F 60 -32.61 -27.69 -14.46
N SER F 61 -32.05 -28.70 -13.81
CA SER F 61 -30.77 -28.48 -13.16
C SER F 61 -29.96 -29.74 -13.24
N HIS F 62 -28.66 -29.57 -13.24
CA HIS F 62 -27.79 -30.73 -13.09
C HIS F 62 -27.67 -31.24 -11.64
N LEU F 63 -28.16 -30.50 -10.65
CA LEU F 63 -28.15 -30.99 -9.27
C LEU F 63 -28.89 -32.26 -9.12
N LYS F 64 -28.33 -33.19 -8.36
CA LYS F 64 -28.91 -34.51 -8.19
C LYS F 64 -29.40 -34.81 -6.81
N THR F 65 -28.78 -34.27 -5.77
CA THR F 65 -29.22 -34.44 -4.39
C THR F 65 -30.26 -33.39 -3.89
N VAL F 66 -30.55 -32.41 -4.74
CA VAL F 66 -31.40 -31.31 -4.35
C VAL F 66 -32.35 -30.95 -5.49
N GLU F 67 -33.58 -30.50 -5.17
CA GLU F 67 -34.48 -29.96 -6.20
C GLU F 67 -34.35 -28.42 -6.08
N ALA F 68 -34.18 -27.76 -7.19
CA ALA F 68 -34.05 -26.33 -7.17
C ALA F 68 -35.24 -25.69 -7.87
N TYR F 69 -35.74 -24.63 -7.25
CA TYR F 69 -36.85 -23.89 -7.76
C TYR F 69 -36.48 -22.44 -7.89
N ASP F 70 -36.91 -21.82 -8.97
CA ASP F 70 -36.92 -20.42 -9.16
C ASP F 70 -38.08 -19.85 -8.34
N VAL F 71 -37.81 -18.76 -7.62
CA VAL F 71 -38.81 -18.14 -6.76
C VAL F 71 -39.00 -16.71 -7.19
N THR F 72 -40.26 -16.29 -7.14
CA THR F 72 -40.63 -14.90 -7.33
C THR F 72 -41.66 -14.54 -6.24
N PHE F 73 -41.54 -13.38 -5.58
CA PHE F 73 -42.49 -13.03 -4.53
C PHE F 73 -42.53 -11.50 -4.40
N SER F 74 -43.62 -10.99 -3.84
CA SER F 74 -43.79 -9.51 -3.71
C SER F 74 -43.15 -9.00 -2.42
N GLY F 75 -42.18 -8.12 -2.63
CA GLY F 75 -41.45 -7.46 -1.53
C GLY F 75 -41.97 -6.06 -1.27
N TYR F 76 -41.06 -5.08 -1.25
CA TYR F 76 -41.45 -3.69 -0.99
C TYR F 76 -42.39 -3.21 -2.07
N ARG F 77 -43.56 -2.69 -1.66
CA ARG F 77 -44.54 -2.15 -2.61
C ARG F 77 -44.91 -3.01 -3.82
N GLY F 78 -45.05 -4.33 -3.63
CA GLY F 78 -45.42 -5.24 -4.72
C GLY F 78 -44.32 -5.56 -5.69
N GLN F 79 -43.11 -5.07 -5.42
CA GLN F 79 -42.04 -5.24 -6.38
C GLN F 79 -41.57 -6.69 -6.37
N ARG F 80 -41.37 -7.29 -7.55
CA ARG F 80 -41.17 -8.75 -7.62
C ARG F 80 -39.69 -9.09 -7.41
N ILE F 81 -39.41 -9.82 -6.37
CA ILE F 81 -38.04 -10.16 -5.94
C ILE F 81 -37.78 -11.62 -6.34
N LYS F 82 -36.60 -11.88 -6.85
CA LYS F 82 -36.16 -13.24 -7.18
C LYS F 82 -35.55 -13.91 -5.97
N GLY F 83 -35.53 -15.26 -5.99
CA GLY F 83 -34.91 -16.08 -5.04
C GLY F 83 -34.64 -17.47 -5.60
N TRP F 84 -33.97 -18.27 -4.80
CA TRP F 84 -33.89 -19.73 -5.09
C TRP F 84 -34.47 -20.48 -3.92
N LEU F 85 -35.14 -21.61 -4.19
CA LEU F 85 -35.55 -22.48 -3.15
C LEU F 85 -34.88 -23.85 -3.42
N LEU F 86 -34.10 -24.31 -2.47
CA LEU F 86 -33.35 -25.57 -2.59
C LEU F 86 -33.90 -26.56 -1.59
N VAL F 87 -34.38 -27.70 -2.10
CA VAL F 87 -35.02 -28.69 -1.27
C VAL F 87 -34.21 -30.02 -1.38
N PRO F 88 -33.66 -30.50 -0.25
CA PRO F 88 -32.88 -31.70 -0.33
C PRO F 88 -33.85 -32.88 -0.54
N LYS F 89 -33.43 -33.87 -1.32
CA LYS F 89 -34.26 -35.03 -1.68
C LYS F 89 -34.16 -36.00 -0.54
N LEU F 90 -35.00 -35.82 0.46
CA LEU F 90 -35.01 -36.69 1.67
C LEU F 90 -36.38 -37.30 2.07
N GLU F 91 -36.32 -38.34 2.87
CA GLU F 91 -37.48 -39.07 3.42
C GLU F 91 -38.46 -38.28 4.32
N GLU F 92 -37.99 -37.30 5.11
CA GLU F 92 -38.91 -36.58 6.04
C GLU F 92 -39.92 -35.72 5.23
N GLU F 93 -41.14 -35.64 5.74
CA GLU F 93 -42.22 -34.96 5.04
C GLU F 93 -41.90 -33.45 5.18
N LYS F 94 -42.10 -32.89 6.37
CA LYS F 94 -41.89 -31.48 6.60
C LYS F 94 -40.35 -31.32 6.90
N LEU F 95 -39.72 -30.27 6.33
CA LEU F 95 -38.31 -29.99 6.65
C LEU F 95 -38.13 -28.64 7.30
N PRO F 96 -37.09 -28.49 8.11
CA PRO F 96 -36.74 -27.14 8.59
C PRO F 96 -36.20 -26.29 7.42
N CYS F 97 -36.22 -24.95 7.60
CA CYS F 97 -35.94 -24.04 6.50
C CYS F 97 -34.98 -22.97 6.98
N VAL F 98 -33.96 -22.66 6.16
CA VAL F 98 -33.15 -21.46 6.40
C VAL F 98 -33.43 -20.47 5.26
N VAL F 99 -33.82 -19.26 5.67
CA VAL F 99 -33.97 -18.10 4.80
C VAL F 99 -32.65 -17.36 4.88
N GLN F 100 -31.98 -17.27 3.73
CA GLN F 100 -30.61 -16.79 3.61
C GLN F 100 -30.57 -15.40 2.92
N TYR F 101 -29.96 -14.44 3.63
CA TYR F 101 -29.72 -13.07 3.12
C TYR F 101 -28.23 -12.98 2.73
N ILE F 102 -27.94 -12.15 1.72
CA ILE F 102 -26.72 -12.16 0.97
C ILE F 102 -25.89 -10.94 1.36
N GLY F 103 -24.58 -11.12 1.47
CA GLY F 103 -23.66 -9.99 1.70
C GLY F 103 -23.61 -8.93 0.56
N TYR F 104 -22.95 -7.84 0.91
CA TYR F 104 -22.84 -6.64 0.06
C TYR F 104 -22.25 -6.95 -1.26
N ASN F 105 -22.89 -6.42 -2.31
CA ASN F 105 -22.49 -6.56 -3.72
C ASN F 105 -22.66 -8.02 -4.26
N GLY F 106 -23.35 -8.83 -3.47
CA GLY F 106 -23.76 -10.15 -3.92
C GLY F 106 -25.19 -10.19 -4.43
N GLY F 107 -25.53 -11.36 -4.92
CA GLY F 107 -26.92 -11.61 -5.41
C GLY F 107 -27.10 -13.13 -5.41
N ARG F 108 -28.29 -13.58 -5.85
CA ARG F 108 -28.65 -14.99 -5.65
C ARG F 108 -27.80 -15.97 -6.44
N GLY F 109 -27.10 -15.52 -7.48
CA GLY F 109 -26.12 -16.39 -8.15
C GLY F 109 -26.82 -17.59 -8.80
N PHE F 110 -26.19 -18.77 -8.68
CA PHE F 110 -26.71 -20.02 -9.26
C PHE F 110 -27.25 -20.82 -8.06
N PRO F 111 -28.22 -21.74 -8.26
CA PRO F 111 -28.62 -22.64 -7.17
C PRO F 111 -27.50 -23.34 -6.48
N HIS F 112 -26.48 -23.75 -7.24
CA HIS F 112 -25.37 -24.55 -6.68
C HIS F 112 -24.43 -23.72 -5.85
N ASP F 113 -24.63 -22.38 -5.80
CA ASP F 113 -23.89 -21.59 -4.83
C ASP F 113 -24.31 -21.76 -3.38
N TRP F 114 -25.43 -22.46 -3.04
CA TRP F 114 -26.08 -22.41 -1.75
C TRP F 114 -26.37 -23.81 -1.22
N LEU F 115 -25.40 -24.71 -1.41
CA LEU F 115 -25.61 -26.15 -1.12
C LEU F 115 -25.54 -26.54 0.36
N PHE F 116 -24.96 -25.69 1.20
CA PHE F 116 -24.70 -26.09 2.61
C PHE F 116 -25.94 -26.50 3.40
N TRP F 117 -26.94 -25.61 3.44
CA TRP F 117 -28.11 -25.90 4.28
C TRP F 117 -28.91 -27.11 3.75
N PRO F 118 -29.15 -27.21 2.45
CA PRO F 118 -29.83 -28.40 1.96
C PRO F 118 -29.08 -29.70 2.23
N SER F 119 -27.74 -29.66 2.10
CA SER F 119 -26.91 -30.81 2.36
C SER F 119 -27.02 -31.22 3.84
N MET F 120 -27.30 -30.26 4.73
CA MET F 120 -27.53 -30.52 6.14
C MET F 120 -29.04 -30.80 6.44
N GLY F 121 -29.85 -31.00 5.41
CA GLY F 121 -31.25 -31.41 5.61
C GLY F 121 -32.25 -30.29 5.75
N TYR F 122 -31.87 -29.04 5.38
CA TYR F 122 -32.78 -27.88 5.48
C TYR F 122 -33.13 -27.36 4.10
N ILE F 123 -34.41 -26.97 3.95
CA ILE F 123 -34.78 -26.27 2.75
C ILE F 123 -34.08 -24.93 2.88
N CYS F 124 -33.55 -24.41 1.77
CA CYS F 124 -32.91 -23.10 1.79
C CYS F 124 -33.63 -22.17 0.87
N PHE F 125 -34.09 -21.01 1.40
CA PHE F 125 -34.69 -19.98 0.60
C PHE F 125 -33.63 -18.86 0.54
N VAL F 126 -33.13 -18.59 -0.62
CA VAL F 126 -32.11 -17.55 -0.87
C VAL F 126 -32.79 -16.33 -1.47
N MET F 127 -32.79 -15.21 -0.73
CA MET F 127 -33.38 -13.98 -1.26
C MET F 127 -32.36 -13.20 -2.09
N ASP F 128 -32.65 -12.90 -3.34
CA ASP F 128 -31.84 -12.01 -4.16
C ASP F 128 -31.93 -10.55 -3.55
N THR F 129 -30.88 -9.77 -3.81
CA THR F 129 -30.73 -8.43 -3.22
C THR F 129 -30.92 -7.36 -4.28
N ARG F 130 -32.04 -6.66 -4.20
CA ARG F 130 -32.36 -5.60 -5.12
C ARG F 130 -31.20 -4.68 -5.49
N GLY F 131 -30.94 -4.60 -6.79
CA GLY F 131 -29.99 -3.67 -7.35
C GLY F 131 -28.49 -3.94 -7.13
N GLN F 132 -28.12 -5.03 -6.47
CA GLN F 132 -26.73 -5.31 -6.12
C GLN F 132 -26.18 -6.30 -7.13
N GLY F 133 -25.76 -7.47 -6.69
CA GLY F 133 -25.50 -8.54 -7.65
C GLY F 133 -24.45 -8.32 -8.67
N SER F 134 -23.43 -7.51 -8.38
CA SER F 134 -22.43 -7.15 -9.36
C SER F 134 -21.00 -7.06 -8.89
N GLY F 135 -20.71 -7.41 -7.63
CA GLY F 135 -19.35 -7.34 -7.05
C GLY F 135 -18.65 -8.70 -6.95
N TRP F 136 -19.34 -9.71 -6.43
CA TRP F 136 -18.71 -11.02 -6.24
C TRP F 136 -19.57 -12.19 -6.61
N LEU F 137 -20.87 -11.96 -6.75
CA LEU F 137 -21.78 -13.02 -7.18
C LEU F 137 -22.96 -12.35 -7.85
N LYS F 138 -23.42 -12.87 -9.00
CA LYS F 138 -24.43 -12.18 -9.84
C LYS F 138 -25.80 -12.15 -9.20
N GLY F 139 -26.55 -11.14 -9.52
CA GLY F 139 -27.96 -11.03 -9.14
C GLY F 139 -28.85 -10.63 -10.31
N ASP F 140 -30.15 -10.87 -10.12
CA ASP F 140 -31.21 -10.71 -11.13
C ASP F 140 -32.35 -9.73 -10.75
N THR F 141 -32.28 -9.08 -9.59
CA THR F 141 -33.43 -8.23 -9.11
C THR F 141 -33.05 -6.79 -9.15
N PRO F 142 -33.86 -5.95 -9.80
CA PRO F 142 -33.65 -4.53 -9.79
C PRO F 142 -34.17 -3.85 -8.52
N ASP F 143 -33.71 -2.61 -8.33
CA ASP F 143 -34.22 -1.73 -7.30
C ASP F 143 -35.20 -0.80 -8.00
N TYR F 144 -35.96 -0.11 -7.18
CA TYR F 144 -36.94 0.92 -7.62
C TYR F 144 -36.92 2.08 -6.66
N PRO F 145 -36.49 3.25 -7.07
CA PRO F 145 -36.48 4.31 -6.07
C PRO F 145 -37.89 4.88 -5.86
N GLU F 146 -38.16 5.47 -4.70
CA GLU F 146 -39.44 6.22 -4.52
C GLU F 146 -39.72 7.25 -5.67
N GLY F 147 -38.86 8.26 -5.76
CA GLY F 147 -38.90 9.19 -6.89
C GLY F 147 -37.48 9.57 -7.33
N PRO F 148 -37.13 10.82 -7.13
CA PRO F 148 -35.78 11.21 -7.54
C PRO F 148 -34.70 10.43 -6.77
N VAL F 149 -33.60 10.15 -7.46
CA VAL F 149 -32.44 9.53 -6.92
C VAL F 149 -31.44 10.62 -6.58
N ASP F 150 -31.44 10.98 -5.31
CA ASP F 150 -30.70 12.14 -4.81
C ASP F 150 -29.20 11.88 -5.03
N PRO F 151 -28.44 12.99 -5.12
CA PRO F 151 -26.99 12.92 -5.05
C PRO F 151 -26.56 11.93 -3.95
N GLN F 152 -25.60 11.08 -4.32
CA GLN F 152 -25.15 9.98 -3.45
C GLN F 152 -23.68 9.68 -3.76
N TYR F 153 -23.04 9.05 -2.80
CA TYR F 153 -21.74 8.48 -3.00
C TYR F 153 -21.94 7.09 -3.67
N PRO F 154 -20.99 6.64 -4.54
CA PRO F 154 -21.10 5.30 -5.15
C PRO F 154 -21.41 4.19 -4.13
N GLY F 155 -22.42 3.36 -4.45
CA GLY F 155 -22.78 2.24 -3.60
C GLY F 155 -24.22 2.35 -3.17
N PHE F 156 -24.60 1.54 -2.17
CA PHE F 156 -25.96 1.45 -1.66
C PHE F 156 -26.16 2.12 -0.27
N MET F 157 -25.05 2.42 0.41
CA MET F 157 -25.16 2.93 1.78
C MET F 157 -25.72 4.31 1.89
N THR F 158 -25.60 5.12 0.84
CA THR F 158 -26.07 6.49 0.90
C THR F 158 -27.20 6.72 -0.10
N ARG F 159 -27.73 5.63 -0.68
CA ARG F 159 -28.80 5.69 -1.66
C ARG F 159 -30.11 6.11 -0.92
N GLY F 160 -30.57 7.32 -1.11
CA GLY F 160 -31.81 7.80 -0.42
C GLY F 160 -31.66 8.18 1.04
N ILE F 161 -30.43 8.42 1.45
CA ILE F 161 -30.09 8.60 2.90
C ILE F 161 -30.65 9.89 3.51
N LEU F 162 -31.12 10.85 2.71
CA LEU F 162 -31.65 12.04 3.34
C LEU F 162 -33.04 11.89 3.92
N ASP F 163 -33.71 10.74 3.80
CA ASP F 163 -35.08 10.54 4.33
C ASP F 163 -35.24 9.03 4.52
N PRO F 164 -35.70 8.59 5.72
CA PRO F 164 -35.85 7.16 5.91
C PRO F 164 -36.89 6.55 4.97
N ARG F 165 -37.86 7.36 4.54
CA ARG F 165 -38.83 6.90 3.54
C ARG F 165 -38.25 6.58 2.16
N THR F 166 -37.14 7.23 1.78
CA THR F 166 -36.46 7.02 0.50
C THR F 166 -35.21 6.12 0.59
N TYR F 167 -34.85 5.71 1.81
CA TYR F 167 -33.59 5.03 2.03
C TYR F 167 -33.63 3.56 1.50
N TYR F 168 -32.58 3.20 0.84
CA TYR F 168 -32.42 1.91 0.18
C TYR F 168 -32.78 0.75 1.09
N TYR F 169 -32.30 0.77 2.30
CA TYR F 169 -32.50 -0.41 3.17
C TYR F 169 -33.96 -0.52 3.68
N ARG F 170 -34.76 0.56 3.57
CA ARG F 170 -36.18 0.39 3.79
C ARG F 170 -36.76 -0.69 2.86
N ARG F 171 -36.34 -0.64 1.62
CA ARG F 171 -36.84 -1.53 0.58
C ARG F 171 -36.28 -2.95 0.74
N VAL F 172 -34.97 -3.06 1.07
CA VAL F 172 -34.34 -4.33 1.32
C VAL F 172 -34.94 -5.04 2.50
N PHE F 173 -35.13 -4.32 3.62
CA PHE F 173 -35.61 -4.93 4.86
C PHE F 173 -37.05 -5.40 4.67
N THR F 174 -37.85 -4.63 3.90
CA THR F 174 -39.20 -5.07 3.65
C THR F 174 -39.22 -6.33 2.76
N ASP F 175 -38.41 -6.32 1.71
CA ASP F 175 -38.24 -7.54 0.89
C ASP F 175 -37.97 -8.72 1.82
N ALA F 176 -37.11 -8.48 2.78
CA ALA F 176 -36.55 -9.55 3.62
C ALA F 176 -37.60 -10.09 4.59
N VAL F 177 -38.43 -9.19 5.11
CA VAL F 177 -39.58 -9.64 5.94
C VAL F 177 -40.57 -10.50 5.11
N ARG F 178 -40.86 -10.06 3.90
CA ARG F 178 -41.75 -10.78 2.97
C ARG F 178 -41.17 -12.11 2.47
N ALA F 179 -39.85 -12.24 2.41
CA ALA F 179 -39.19 -13.47 2.04
C ALA F 179 -39.53 -14.60 2.99
N VAL F 180 -39.63 -14.30 4.27
CA VAL F 180 -39.97 -15.32 5.25
C VAL F 180 -41.38 -15.85 4.98
N GLU F 181 -42.29 -14.94 4.64
CA GLU F 181 -43.67 -15.38 4.26
C GLU F 181 -43.65 -16.20 3.00
N ALA F 182 -42.88 -15.77 2.02
CA ALA F 182 -42.70 -16.55 0.83
C ALA F 182 -42.20 -17.97 1.12
N ALA F 183 -41.16 -18.12 1.96
CA ALA F 183 -40.68 -19.45 2.32
C ALA F 183 -41.77 -20.28 3.00
N ALA F 184 -42.52 -19.64 3.87
CA ALA F 184 -43.57 -20.33 4.62
C ALA F 184 -44.69 -20.80 3.70
N SER F 185 -44.79 -20.23 2.54
CA SER F 185 -45.79 -20.62 1.57
C SER F 185 -45.48 -21.96 0.85
N PHE F 186 -44.22 -22.42 0.91
CA PHE F 186 -43.84 -23.67 0.30
C PHE F 186 -44.29 -24.78 1.24
N PRO F 187 -45.11 -25.71 0.74
CA PRO F 187 -45.79 -26.62 1.69
C PRO F 187 -44.92 -27.60 2.48
N GLN F 188 -43.79 -28.00 1.92
CA GLN F 188 -42.84 -28.83 2.64
C GLN F 188 -42.10 -28.14 3.82
N VAL F 189 -42.15 -26.80 3.91
CA VAL F 189 -41.51 -26.05 5.01
C VAL F 189 -42.25 -26.26 6.32
N ASP F 190 -41.51 -26.71 7.31
CA ASP F 190 -42.01 -26.76 8.68
C ASP F 190 -42.01 -25.36 9.27
N GLN F 191 -43.20 -24.80 9.47
CA GLN F 191 -43.32 -23.42 9.90
C GLN F 191 -42.85 -23.20 11.33
N GLU F 192 -42.68 -24.27 12.10
CA GLU F 192 -42.13 -24.19 13.39
C GLU F 192 -40.62 -24.05 13.40
N ARG F 193 -39.95 -24.27 12.26
CA ARG F 193 -38.48 -24.36 12.19
C ARG F 193 -37.99 -23.54 10.98
N ILE F 194 -38.43 -22.30 10.95
CA ILE F 194 -37.96 -21.33 9.98
C ILE F 194 -36.89 -20.46 10.66
N VAL F 195 -35.69 -20.59 10.11
CA VAL F 195 -34.50 -19.82 10.57
C VAL F 195 -34.23 -18.68 9.59
N ILE F 196 -33.79 -17.55 10.11
CA ILE F 196 -33.29 -16.41 9.28
C ILE F 196 -31.79 -16.28 9.52
N ALA F 197 -31.05 -16.15 8.43
CA ALA F 197 -29.57 -16.24 8.49
C ALA F 197 -28.87 -15.28 7.56
N GLY F 198 -27.73 -14.75 8.04
CA GLY F 198 -26.85 -14.07 7.16
C GLY F 198 -25.59 -13.59 7.80
N GLY F 199 -24.63 -13.28 6.94
CA GLY F 199 -23.37 -12.66 7.39
C GLY F 199 -23.21 -11.25 6.88
N SER F 200 -22.61 -10.39 7.72
CA SER F 200 -22.23 -9.04 7.27
C SER F 200 -23.51 -8.33 6.84
N GLN F 201 -23.66 -7.87 5.61
CA GLN F 201 -24.97 -7.25 5.20
C GLN F 201 -26.10 -8.24 5.47
N GLY F 202 -25.82 -9.51 5.20
CA GLY F 202 -26.85 -10.57 5.41
C GLY F 202 -27.29 -10.62 6.89
N GLY F 203 -26.34 -10.44 7.79
CA GLY F 203 -26.55 -10.40 9.21
C GLY F 203 -27.34 -9.21 9.66
N GLY F 204 -27.06 -8.02 9.10
CA GLY F 204 -27.83 -6.85 9.44
C GLY F 204 -29.27 -6.96 8.94
N ILE F 205 -29.46 -7.48 7.73
CA ILE F 205 -30.79 -7.77 7.21
C ILE F 205 -31.53 -8.71 8.15
N ALA F 206 -30.91 -9.80 8.52
CA ALA F 206 -31.57 -10.82 9.37
C ALA F 206 -31.91 -10.22 10.70
N LEU F 207 -31.06 -9.33 11.19
CA LEU F 207 -31.37 -8.74 12.46
C LEU F 207 -32.65 -7.86 12.42
N ALA F 208 -32.81 -7.10 11.37
CA ALA F 208 -34.02 -6.33 11.16
C ALA F 208 -35.24 -7.28 11.08
N VAL F 209 -35.10 -8.34 10.30
CA VAL F 209 -36.17 -9.36 10.16
C VAL F 209 -36.53 -9.97 11.53
N SER F 210 -35.53 -10.21 12.37
CA SER F 210 -35.75 -10.86 13.68
C SER F 210 -36.68 -9.99 14.54
N ALA F 211 -36.71 -8.69 14.27
CA ALA F 211 -37.60 -7.80 15.03
C ALA F 211 -38.92 -7.60 14.37
N LEU F 212 -38.93 -7.59 13.04
CA LEU F 212 -40.12 -7.25 12.26
C LEU F 212 -41.01 -8.40 11.82
N SER F 213 -40.49 -9.61 11.75
CA SER F 213 -41.23 -10.77 11.18
C SER F 213 -41.94 -11.46 12.35
N LYS F 214 -43.12 -11.93 12.08
CA LYS F 214 -43.90 -12.70 13.01
C LYS F 214 -43.53 -14.22 12.86
N LYS F 215 -43.01 -14.61 11.68
CA LYS F 215 -42.82 -16.01 11.32
C LYS F 215 -41.46 -16.63 11.60
N ALA F 216 -40.40 -15.84 11.73
CA ALA F 216 -39.07 -16.37 12.00
C ALA F 216 -39.07 -17.03 13.36
N LYS F 217 -38.39 -18.15 13.48
CA LYS F 217 -38.26 -18.88 14.72
C LYS F 217 -36.90 -18.87 15.33
N ALA F 218 -35.83 -18.64 14.54
CA ALA F 218 -34.49 -18.45 15.09
C ALA F 218 -33.67 -17.60 14.17
N LEU F 219 -32.61 -17.02 14.74
CA LEU F 219 -31.69 -16.09 14.04
C LEU F 219 -30.27 -16.61 14.07
N LEU F 220 -29.65 -16.69 12.88
CA LEU F 220 -28.17 -16.83 12.76
C LEU F 220 -27.57 -15.53 12.22
N CYS F 221 -26.80 -14.84 13.06
CA CYS F 221 -26.32 -13.46 12.80
C CYS F 221 -24.78 -13.39 12.88
N ASP F 222 -24.14 -13.50 11.73
CA ASP F 222 -22.64 -13.56 11.69
C ASP F 222 -22.09 -12.20 11.29
N VAL F 223 -21.06 -11.75 12.03
CA VAL F 223 -20.24 -10.54 11.79
C VAL F 223 -21.12 -9.43 11.22
N PRO F 224 -22.22 -9.12 11.92
CA PRO F 224 -23.19 -8.24 11.30
C PRO F 224 -22.76 -6.81 10.98
N PHE F 225 -23.22 -6.38 9.77
CA PHE F 225 -23.06 -5.05 9.21
C PHE F 225 -24.38 -4.35 9.51
N LEU F 226 -24.47 -3.05 9.24
CA LEU F 226 -25.66 -2.20 9.50
C LEU F 226 -25.94 -2.06 11.00
N CYS F 227 -24.90 -1.94 11.83
CA CYS F 227 -25.03 -1.87 13.27
C CYS F 227 -24.18 -0.73 13.78
N HIS F 228 -24.81 0.12 14.58
CA HIS F 228 -24.11 1.16 15.37
C HIS F 228 -23.32 2.10 14.45
N PHE F 229 -24.01 2.58 13.45
CA PHE F 229 -23.42 3.35 12.37
C PHE F 229 -22.50 4.51 12.82
N ARG F 230 -22.95 5.27 13.82
CA ARG F 230 -22.17 6.42 14.31
C ARG F 230 -20.78 6.02 14.77
N ARG F 231 -20.70 4.96 15.58
CA ARG F 231 -19.42 4.47 16.02
C ARG F 231 -18.63 3.85 14.85
N ALA F 232 -19.28 3.07 13.99
CA ALA F 232 -18.60 2.43 12.88
C ALA F 232 -17.82 3.44 12.06
N VAL F 233 -18.43 4.56 11.67
CA VAL F 233 -17.74 5.54 10.77
C VAL F 233 -16.64 6.29 11.55
N GLN F 234 -16.70 6.31 12.88
CA GLN F 234 -15.60 6.84 13.68
C GLN F 234 -14.42 5.91 13.85
N LEU F 235 -14.66 4.61 13.68
CA LEU F 235 -13.70 3.59 14.01
C LEU F 235 -12.91 3.12 12.85
N VAL F 236 -13.55 2.89 11.69
CA VAL F 236 -12.84 2.30 10.53
C VAL F 236 -12.98 3.15 9.26
N ASP F 237 -12.03 2.99 8.32
CA ASP F 237 -12.11 3.66 7.03
C ASP F 237 -12.34 2.69 5.91
N THR F 238 -12.73 1.48 6.28
CA THR F 238 -13.05 0.44 5.33
C THR F 238 -14.41 0.62 4.74
N HIS F 239 -14.54 0.07 3.55
CA HIS F 239 -15.85 -0.09 2.89
C HIS F 239 -16.58 -1.37 3.37
N PRO F 240 -17.94 -1.34 3.46
CA PRO F 240 -18.73 -0.22 2.92
C PRO F 240 -19.07 0.93 3.89
N TYR F 241 -18.75 0.84 5.17
CA TYR F 241 -19.07 1.97 6.10
C TYR F 241 -18.49 3.30 5.60
N ALA F 242 -17.30 3.28 5.01
CA ALA F 242 -16.71 4.53 4.48
C ALA F 242 -17.51 5.24 3.40
N GLU F 243 -18.47 4.59 2.72
CA GLU F 243 -19.40 5.34 1.83
C GLU F 243 -20.14 6.45 2.61
N ILE F 244 -20.60 6.16 3.84
CA ILE F 244 -21.28 7.09 4.65
C ILE F 244 -20.30 8.23 5.01
N THR F 245 -19.13 7.85 5.51
CA THR F 245 -18.13 8.86 5.87
C THR F 245 -17.81 9.79 4.69
N ASN F 246 -17.62 9.20 3.51
CA ASN F 246 -17.27 9.99 2.30
C ASN F 246 -18.41 10.95 1.93
N PHE F 247 -19.66 10.47 2.01
CA PHE F 247 -20.83 11.36 1.87
C PHE F 247 -20.80 12.53 2.82
N LEU F 248 -20.50 12.26 4.08
CA LEU F 248 -20.47 13.29 5.09
C LEU F 248 -19.31 14.21 4.93
N LYS F 249 -18.20 13.77 4.32
CA LYS F 249 -17.09 14.65 4.06
C LYS F 249 -17.46 15.75 3.11
N THR F 250 -18.41 15.46 2.19
CA THR F 250 -18.85 16.37 1.14
C THR F 250 -20.03 17.15 1.57
N HIS F 251 -21.03 16.47 2.13
CA HIS F 251 -22.27 17.09 2.54
C HIS F 251 -22.23 17.51 4.01
N ARG F 252 -21.39 18.56 4.27
CA ARG F 252 -21.05 18.89 5.65
C ARG F 252 -22.27 19.42 6.41
N ASP F 253 -23.28 19.87 5.69
CA ASP F 253 -24.48 20.37 6.27
C ASP F 253 -25.51 19.28 6.60
N LYS F 254 -25.23 17.99 6.30
CA LYS F 254 -26.25 16.97 6.43
C LYS F 254 -25.98 15.92 7.49
N GLU F 255 -25.04 16.20 8.41
CA GLU F 255 -24.70 15.23 9.42
C GLU F 255 -25.87 14.73 10.30
N GLU F 256 -26.64 15.65 10.91
CA GLU F 256 -27.78 15.30 11.73
C GLU F 256 -28.81 14.51 10.94
N ILE F 257 -29.07 14.90 9.70
CA ILE F 257 -30.12 14.22 8.89
C ILE F 257 -29.65 12.79 8.58
N VAL F 258 -28.40 12.65 8.18
CA VAL F 258 -27.84 11.33 7.81
C VAL F 258 -28.00 10.36 8.97
N PHE F 259 -27.62 10.77 10.18
CA PHE F 259 -27.69 9.84 11.32
C PHE F 259 -29.07 9.63 11.80
N ARG F 260 -29.91 10.64 11.63
CA ARG F 260 -31.33 10.45 11.89
C ARG F 260 -31.94 9.38 10.98
N THR F 261 -31.71 9.47 9.68
CA THR F 261 -32.18 8.43 8.81
C THR F 261 -31.62 7.06 9.18
N LEU F 262 -30.30 6.95 9.41
CA LEU F 262 -29.71 5.64 9.72
C LEU F 262 -30.24 5.00 10.98
N SER F 263 -30.73 5.80 11.94
CA SER F 263 -31.24 5.25 13.20
C SER F 263 -32.43 4.33 13.00
N TYR F 264 -33.18 4.52 11.92
CA TYR F 264 -34.30 3.65 11.63
C TYR F 264 -33.89 2.26 11.06
N PHE F 265 -32.60 2.07 10.75
CA PHE F 265 -32.08 0.90 10.04
C PHE F 265 -31.00 0.22 10.82
N ASP F 266 -30.72 0.70 12.04
CA ASP F 266 -29.56 0.31 12.83
C ASP F 266 -29.91 -0.99 13.60
N GLY F 267 -29.15 -2.04 13.34
CA GLY F 267 -29.36 -3.30 13.98
C GLY F 267 -29.39 -3.29 15.49
N VAL F 268 -28.76 -2.32 16.12
CA VAL F 268 -28.80 -2.19 17.54
C VAL F 268 -30.23 -1.91 17.99
N ASN F 269 -30.93 -1.10 17.20
CA ASN F 269 -32.33 -0.79 17.51
C ASN F 269 -33.34 -1.92 17.29
N PHE F 270 -33.07 -2.75 16.29
CA PHE F 270 -33.86 -3.93 16.06
C PHE F 270 -33.52 -4.96 17.14
N ALA F 271 -32.23 -5.06 17.52
CA ALA F 271 -31.80 -6.09 18.49
C ALA F 271 -32.61 -5.92 19.80
N ALA F 272 -32.82 -4.66 20.17
CA ALA F 272 -33.57 -4.32 21.37
C ALA F 272 -35.06 -4.73 21.32
N ARG F 273 -35.59 -5.01 20.14
CA ARG F 273 -36.98 -5.45 19.97
C ARG F 273 -37.14 -6.94 19.72
N ALA F 274 -36.05 -7.63 19.37
CA ALA F 274 -36.09 -9.02 18.92
C ALA F 274 -36.17 -9.99 20.11
N LYS F 275 -37.02 -10.99 19.98
CA LYS F 275 -37.29 -11.99 21.01
C LYS F 275 -36.92 -13.44 20.59
N ILE F 276 -36.61 -13.71 19.32
CA ILE F 276 -36.37 -15.10 18.91
C ILE F 276 -34.98 -15.55 19.33
N PRO F 277 -34.79 -16.85 19.56
CA PRO F 277 -33.47 -17.35 19.82
C PRO F 277 -32.45 -17.05 18.73
N ALA F 278 -31.25 -16.64 19.14
CA ALA F 278 -30.17 -16.28 18.24
C ALA F 278 -28.80 -16.87 18.59
N LEU F 279 -28.04 -17.16 17.53
CA LEU F 279 -26.61 -17.37 17.61
C LEU F 279 -25.89 -16.31 16.78
N PHE F 280 -25.01 -15.56 17.43
CA PHE F 280 -24.16 -14.57 16.82
C PHE F 280 -22.72 -15.07 16.70
N SER F 281 -21.97 -14.45 15.77
CA SER F 281 -20.50 -14.62 15.71
C SER F 281 -19.83 -13.27 15.47
N VAL F 282 -18.58 -13.18 15.90
CA VAL F 282 -17.80 -11.94 15.81
C VAL F 282 -16.31 -12.30 15.65
N GLY F 283 -15.61 -11.61 14.76
CA GLY F 283 -14.14 -11.71 14.68
C GLY F 283 -13.52 -10.50 15.36
N LEU F 284 -12.65 -10.73 16.33
CA LEU F 284 -12.16 -9.64 17.10
C LEU F 284 -11.19 -8.75 16.28
N MET F 285 -10.67 -9.27 15.19
CA MET F 285 -9.81 -8.44 14.33
C MET F 285 -10.54 -7.97 13.08
N ASP F 286 -11.88 -8.00 13.11
CA ASP F 286 -12.67 -7.63 11.95
C ASP F 286 -12.69 -6.08 11.83
N ASN F 287 -12.12 -5.55 10.76
CA ASN F 287 -12.18 -4.10 10.56
C ASN F 287 -13.20 -3.64 9.52
N ILE F 288 -14.03 -4.55 9.03
CA ILE F 288 -15.17 -4.21 8.16
C ILE F 288 -16.39 -3.95 9.07
N CYS F 289 -16.61 -4.90 9.96
CA CYS F 289 -17.64 -4.85 10.97
C CYS F 289 -16.95 -4.92 12.33
N PRO F 290 -16.63 -3.78 12.88
CA PRO F 290 -15.77 -3.76 14.10
C PRO F 290 -16.46 -4.40 15.27
N PRO F 291 -15.70 -5.06 16.12
CA PRO F 291 -16.37 -5.78 17.16
C PRO F 291 -17.25 -4.99 18.14
N SER F 292 -16.95 -3.72 18.41
CA SER F 292 -17.80 -2.94 19.29
C SER F 292 -19.19 -2.69 18.66
N THR F 293 -19.26 -2.62 17.34
CA THR F 293 -20.53 -2.50 16.65
C THR F 293 -21.31 -3.81 16.78
N VAL F 294 -20.65 -4.95 16.56
CA VAL F 294 -21.28 -6.27 16.73
C VAL F 294 -21.74 -6.54 18.18
N PHE F 295 -20.86 -6.31 19.13
CA PHE F 295 -21.23 -6.38 20.53
C PHE F 295 -22.37 -5.43 20.99
N ALA F 296 -22.42 -4.23 20.45
CA ALA F 296 -23.51 -3.34 20.79
C ALA F 296 -24.84 -4.00 20.42
N ALA F 297 -24.94 -4.58 19.23
CA ALA F 297 -26.16 -5.26 18.80
C ALA F 297 -26.38 -6.49 19.62
N TYR F 298 -25.34 -7.28 19.82
CA TYR F 298 -25.48 -8.52 20.55
C TYR F 298 -25.97 -8.21 21.99
N ASN F 299 -25.38 -7.21 22.62
CA ASN F 299 -25.65 -6.96 24.03
C ASN F 299 -27.06 -6.43 24.26
N TYR F 300 -27.64 -5.75 23.25
CA TYR F 300 -28.98 -5.26 23.33
C TYR F 300 -30.01 -6.32 22.91
N TYR F 301 -29.58 -7.39 22.25
CA TYR F 301 -30.50 -8.38 21.68
C TYR F 301 -31.35 -8.95 22.82
N ALA F 302 -32.67 -8.90 22.62
CA ALA F 302 -33.63 -9.15 23.74
C ALA F 302 -34.01 -10.64 23.84
N GLY F 303 -33.77 -11.42 22.81
CA GLY F 303 -34.11 -12.82 22.87
C GLY F 303 -33.00 -13.64 23.47
N PRO F 304 -33.29 -14.92 23.73
CA PRO F 304 -32.24 -15.84 24.22
C PRO F 304 -31.12 -15.88 23.18
N LYS F 305 -29.89 -15.91 23.63
CA LYS F 305 -28.79 -15.64 22.71
C LYS F 305 -27.50 -16.29 23.18
N GLU F 306 -26.67 -16.60 22.20
CA GLU F 306 -25.26 -16.95 22.44
C GLU F 306 -24.42 -16.21 21.42
N ILE F 307 -23.12 -16.05 21.69
CA ILE F 307 -22.17 -15.58 20.65
C ILE F 307 -20.94 -16.47 20.59
N ARG F 308 -20.46 -16.75 19.39
CA ARG F 308 -19.16 -17.39 19.22
C ARG F 308 -18.14 -16.28 18.92
N ILE F 309 -17.06 -16.24 19.70
CA ILE F 309 -16.09 -15.18 19.59
C ILE F 309 -14.81 -15.78 18.95
N TYR F 310 -14.29 -15.15 17.90
CA TYR F 310 -13.13 -15.62 17.17
C TYR F 310 -12.07 -14.56 17.34
N PRO F 311 -11.16 -14.75 18.30
CA PRO F 311 -10.23 -13.65 18.68
C PRO F 311 -9.18 -13.27 17.67
N TYR F 312 -8.82 -14.17 16.77
CA TYR F 312 -7.76 -13.98 15.77
C TYR F 312 -8.30 -13.81 14.36
N ASN F 313 -9.63 -13.88 14.16
CA ASN F 313 -10.17 -13.79 12.83
C ASN F 313 -10.51 -12.36 12.50
N ASN F 314 -10.44 -12.08 11.22
N ASN F 314 -10.36 -11.99 11.22
CA ASN F 314 -10.87 -10.82 10.69
CA ASN F 314 -10.85 -10.72 10.66
C ASN F 314 -12.31 -11.06 10.22
C ASN F 314 -12.29 -11.01 10.25
N HIS F 315 -12.72 -10.43 9.14
CA HIS F 315 -14.11 -10.48 8.71
C HIS F 315 -14.60 -11.85 8.23
N GLU F 316 -13.69 -12.81 8.08
CA GLU F 316 -14.10 -14.16 7.75
C GLU F 316 -14.77 -14.82 8.94
N GLY F 317 -14.52 -14.28 10.15
CA GLY F 317 -15.14 -14.77 11.35
C GLY F 317 -14.76 -16.23 11.58
N GLY F 318 -15.73 -17.06 11.98
CA GLY F 318 -15.42 -18.48 12.24
C GLY F 318 -15.43 -19.34 10.99
N GLY F 319 -15.83 -18.80 9.83
CA GLY F 319 -15.87 -19.54 8.57
C GLY F 319 -16.53 -20.91 8.68
N SER F 320 -15.82 -21.97 8.23
CA SER F 320 -16.41 -23.29 8.24
C SER F 320 -16.60 -23.89 9.65
N PHE F 321 -15.84 -23.42 10.65
CA PHE F 321 -16.01 -23.84 12.01
CA PHE F 321 -16.02 -23.84 11.99
C PHE F 321 -17.37 -23.31 12.53
N GLN F 322 -17.68 -22.05 12.20
CA GLN F 322 -18.90 -21.43 12.59
C GLN F 322 -20.09 -22.10 11.96
N ALA F 323 -19.95 -22.55 10.71
CA ALA F 323 -21.03 -23.22 10.01
C ALA F 323 -21.48 -24.46 10.82
N VAL F 324 -20.50 -25.17 11.39
CA VAL F 324 -20.78 -26.40 12.18
C VAL F 324 -21.39 -26.01 13.49
N GLU F 325 -20.93 -24.92 14.09
CA GLU F 325 -21.55 -24.40 15.30
C GLU F 325 -23.04 -24.08 15.08
N GLN F 326 -23.37 -23.59 13.89
CA GLN F 326 -24.74 -23.25 13.57
C GLN F 326 -25.63 -24.47 13.48
N VAL F 327 -25.10 -25.51 12.89
CA VAL F 327 -25.85 -26.74 12.72
C VAL F 327 -26.13 -27.33 14.10
N LYS F 328 -25.13 -27.32 14.97
CA LYS F 328 -25.31 -27.87 16.32
C LYS F 328 -26.31 -27.11 17.11
N PHE F 329 -26.24 -25.78 17.02
CA PHE F 329 -27.15 -24.86 17.69
C PHE F 329 -28.61 -25.07 17.30
N LEU F 330 -28.90 -25.09 16.00
CA LEU F 330 -30.25 -25.36 15.53
C LEU F 330 -30.78 -26.74 15.97
N LYS F 331 -29.94 -27.75 15.89
CA LYS F 331 -30.38 -29.08 16.23
C LYS F 331 -30.82 -29.11 17.70
N LYS F 332 -30.06 -28.47 18.59
CA LYS F 332 -30.37 -28.40 20.00
C LYS F 332 -31.58 -27.58 20.28
N LEU F 333 -31.74 -26.45 19.58
CA LEU F 333 -32.90 -25.60 19.75
C LEU F 333 -34.19 -26.28 19.38
N PHE F 334 -34.20 -26.94 18.24
CA PHE F 334 -35.40 -27.54 17.74
C PHE F 334 -35.67 -28.93 18.33
N GLU F 335 -34.75 -29.57 19.06
CA GLU F 335 -34.99 -30.98 19.47
C GLU F 335 -36.05 -31.11 20.55
CL CL G . 33.79 3.08 16.14
C ACT H . -24.92 3.30 -7.01
O ACT H . -26.12 3.47 -7.39
OXT ACT H . -24.47 2.22 -6.60
CH3 ACT H . -24.08 4.47 -7.08
#